data_8IYR
#
_entry.id   8IYR
#
_cell.length_a   1.00
_cell.length_b   1.00
_cell.length_c   1.00
_cell.angle_alpha   90.00
_cell.angle_beta   90.00
_cell.angle_gamma   90.00
#
_symmetry.space_group_name_H-M   'P 1'
#
loop_
_entity.id
_entity.type
_entity.pdbx_description
1 polymer 'Cellobiose phosphorylase'
2 non-polymer 'PHOSPHATE ION'
3 water water
#
_entity_poly.entity_id   1
_entity_poly.type   'polypeptide(L)'
_entity_poly.pdbx_seq_one_letter_code
;MEFGFFDDANKEYVITVPRTPYPWINYLGTENFFSLISNTAGGYCFYRDARLRRITRYRYNNVPIDMGGRYFYIYDNGDF
WSPGWSPVKRELESYECRHGLGYTKIAGKRNGIKAEVTFFVPLNYNGEVQKLILKNEGQDKKKITLFSFIEFCLWNAYDD
MTNFQRNFSTGEVEIEGSVIYHKTEYRERRNHYAFYSVNAKISGFDSDRDSFIGLYNGFDAPQAVVNGKSNNSVADGWAP
IASHSIEIELNPGEQKEYVFIIGYVENKDEEKWESKGVINKKKAYEMIEQFNTVEKVDKAFEELKSYWNALLSKYFLESH
DEKLNRMVNIWNQYQCMVTFNMSRSASYFESGIGRGMGFRDSNQDLLGFVHQIPERARERLLDLAATQLEDGSAYHQYQP
LTKKGNNEIGSNFNDDPLWLILATAAYIKETGDYSILKEQVPFNNDPSKADTMFEHLTRSFYHVVNNLGPHGLPLIGRAD
WNDCLNLNCFSTVPDESFQTTTSKDGKVAESVMIAGMFVFIGKDYVKLCEYMGLEEEARKAQQHIDAMKEAILKYGYDGE
WFLRAYDDFGRKVGSKENEEGKIFIESQGFCVMAEIGLEDGKALKALDSVKKYLDTPYGLVLQNPAFTRYYIEYGEISTY
PPGYKENAGIFCHNNAWIICAETVVGRGDMAFDYYRKIAPAYIEDVSDIHKLEPYVYAQMVAGKDAKRHGEAKNSWLTGT
AAWNFVAISQWILGVKPDYDGLKIDPCIPKAWDGYKVTRYFRGSTYEITVKNPNHVSKGVAKITVDGNEISGNILPVFND
GKTHKVEVILEHHHHHH
;
_entity_poly.pdbx_strand_id   A,B
#
loop_
_chem_comp.id
_chem_comp.type
_chem_comp.name
_chem_comp.formula
PO4 non-polymer 'PHOSPHATE ION' 'O4 P -3'
#
# COMPACT_ATOMS: atom_id res chain seq x y z
N MET A 1 0.15 -32.40 17.09
CA MET A 1 -0.77 -32.86 16.07
C MET A 1 -0.24 -32.49 14.69
N GLU A 2 -0.38 -33.42 13.74
CA GLU A 2 0.20 -33.27 12.41
C GLU A 2 -0.89 -33.03 11.37
N PHE A 3 -0.50 -32.38 10.28
CA PHE A 3 -1.39 -32.13 9.15
C PHE A 3 -0.84 -32.75 7.87
N GLY A 4 0.18 -33.59 7.97
CA GLY A 4 0.75 -34.21 6.80
C GLY A 4 1.97 -35.03 7.18
N PHE A 5 2.70 -35.46 6.15
CA PHE A 5 3.87 -36.30 6.38
C PHE A 5 4.93 -35.96 5.35
N PHE A 6 6.18 -36.28 5.68
CA PHE A 6 7.30 -36.09 4.77
C PHE A 6 7.39 -37.27 3.81
N ASP A 7 7.47 -36.96 2.52
CA ASP A 7 7.67 -37.97 1.48
C ASP A 7 9.11 -37.83 1.00
N ASP A 8 10.03 -38.53 1.69
CA ASP A 8 11.45 -38.38 1.40
C ASP A 8 11.84 -38.97 0.06
N ALA A 9 11.12 -40.00 -0.39
CA ALA A 9 11.42 -40.58 -1.70
C ALA A 9 11.15 -39.59 -2.82
N ASN A 10 10.06 -38.84 -2.72
CA ASN A 10 9.71 -37.83 -3.70
C ASN A 10 10.17 -36.44 -3.32
N LYS A 11 10.85 -36.29 -2.18
CA LYS A 11 11.32 -34.99 -1.68
C LYS A 11 10.16 -34.00 -1.60
N GLU A 12 9.04 -34.47 -1.06
CA GLU A 12 7.83 -33.68 -0.95
C GLU A 12 7.33 -33.69 0.49
N TYR A 13 6.59 -32.64 0.84
CA TYR A 13 5.74 -32.65 2.01
C TYR A 13 4.30 -32.78 1.54
N VAL A 14 3.61 -33.82 2.01
CA VAL A 14 2.25 -34.12 1.60
C VAL A 14 1.31 -33.54 2.64
N ILE A 15 0.39 -32.68 2.21
CA ILE A 15 -0.60 -32.08 3.08
C ILE A 15 -1.92 -32.81 2.87
N THR A 16 -2.52 -33.30 3.96
CA THR A 16 -3.69 -34.15 3.89
C THR A 16 -4.98 -33.46 4.29
N VAL A 17 -4.91 -32.30 4.93
CA VAL A 17 -6.10 -31.53 5.32
C VAL A 17 -5.93 -30.13 4.74
N PRO A 18 -6.93 -29.60 4.03
CA PRO A 18 -6.78 -28.23 3.47
C PRO A 18 -6.70 -27.15 4.53
N ARG A 19 -7.16 -27.41 5.75
CA ARG A 19 -7.18 -26.40 6.81
C ARG A 19 -5.96 -26.59 7.70
N THR A 20 -4.82 -26.13 7.20
CA THR A 20 -3.61 -26.05 7.98
C THR A 20 -3.69 -24.88 8.96
N PRO A 21 -2.84 -24.86 9.99
CA PRO A 21 -2.87 -23.73 10.93
C PRO A 21 -2.62 -22.39 10.25
N TYR A 22 -1.90 -22.37 9.14
CA TYR A 22 -1.72 -21.19 8.31
C TYR A 22 -1.51 -21.65 6.89
N PRO A 23 -1.77 -20.80 5.90
CA PRO A 23 -1.43 -21.16 4.51
C PRO A 23 0.06 -21.47 4.37
N TRP A 24 0.36 -22.70 4.00
CA TRP A 24 1.72 -23.17 3.81
C TRP A 24 2.07 -23.04 2.33
N ILE A 25 3.10 -22.25 2.02
CA ILE A 25 3.37 -21.82 0.66
C ILE A 25 4.62 -22.50 0.14
N ASN A 26 4.78 -22.46 -1.19
CA ASN A 26 5.97 -22.95 -1.87
C ASN A 26 6.44 -21.85 -2.81
N TYR A 27 7.57 -22.09 -3.46
CA TYR A 27 8.15 -21.13 -4.40
C TYR A 27 8.44 -21.82 -5.73
N LEU A 28 8.15 -21.11 -6.82
CA LEU A 28 8.41 -21.58 -8.16
C LEU A 28 9.25 -20.53 -8.90
N GLY A 29 10.09 -21.00 -9.81
CA GLY A 29 10.90 -20.10 -10.59
C GLY A 29 12.35 -20.09 -10.11
N THR A 30 13.26 -19.88 -11.05
CA THR A 30 14.67 -19.94 -10.74
C THR A 30 15.45 -18.70 -11.16
N GLU A 31 15.12 -18.09 -12.30
CA GLU A 31 15.95 -17.01 -12.84
C GLU A 31 15.25 -15.66 -12.84
N ASN A 32 14.12 -15.53 -13.53
CA ASN A 32 13.48 -14.22 -13.62
C ASN A 32 12.01 -14.24 -13.26
N PHE A 33 11.28 -15.27 -13.66
CA PHE A 33 9.87 -15.42 -13.31
C PHE A 33 9.76 -16.17 -11.99
N PHE A 34 9.07 -15.58 -11.03
CA PHE A 34 8.91 -16.18 -9.70
C PHE A 34 7.44 -16.16 -9.32
N SER A 35 7.01 -17.18 -8.59
CA SER A 35 5.62 -17.35 -8.24
C SER A 35 5.49 -17.84 -6.81
N LEU A 36 4.46 -17.35 -6.12
CA LEU A 36 4.10 -17.82 -4.79
C LEU A 36 2.81 -18.62 -4.88
N ILE A 37 2.78 -19.78 -4.22
CA ILE A 37 1.61 -20.65 -4.25
C ILE A 37 1.48 -21.35 -2.91
N SER A 38 0.24 -21.42 -2.40
CA SER A 38 -0.05 -22.09 -1.15
C SER A 38 -0.75 -23.42 -1.44
N ASN A 39 -1.10 -24.13 -0.36
CA ASN A 39 -1.75 -25.44 -0.50
C ASN A 39 -3.16 -25.35 -1.04
N THR A 40 -3.78 -24.16 -1.02
CA THR A 40 -5.09 -23.95 -1.60
C THR A 40 -5.02 -23.21 -2.93
N ALA A 41 -3.85 -23.21 -3.58
CA ALA A 41 -3.64 -22.59 -4.89
C ALA A 41 -3.78 -21.07 -4.84
N GLY A 42 -3.38 -20.47 -3.72
CA GLY A 42 -3.32 -19.03 -3.60
C GLY A 42 -1.99 -18.48 -4.10
N GLY A 43 -1.78 -17.20 -3.83
CA GLY A 43 -0.53 -16.54 -4.18
C GLY A 43 -0.59 -15.80 -5.50
N TYR A 44 0.56 -15.26 -5.89
CA TYR A 44 0.68 -14.44 -7.09
C TYR A 44 2.01 -14.74 -7.76
N CYS A 45 2.25 -14.06 -8.88
CA CYS A 45 3.48 -14.21 -9.64
C CYS A 45 3.97 -12.83 -10.09
N PHE A 46 5.26 -12.75 -10.40
CA PHE A 46 5.86 -11.50 -10.83
C PHE A 46 7.10 -11.82 -11.67
N TYR A 47 7.65 -10.78 -12.29
CA TYR A 47 8.84 -10.88 -13.13
C TYR A 47 9.94 -10.03 -12.53
N ARG A 48 10.86 -10.66 -11.80
CA ARG A 48 12.09 -10.04 -11.32
C ARG A 48 11.85 -8.98 -10.26
N ASP A 49 10.58 -8.64 -10.00
CA ASP A 49 10.29 -7.52 -9.12
C ASP A 49 8.86 -7.66 -8.61
N ALA A 50 8.71 -7.89 -7.31
CA ALA A 50 7.40 -7.93 -6.69
C ALA A 50 6.83 -6.53 -6.47
N ARG A 51 7.60 -5.49 -6.78
CA ARG A 51 7.19 -4.11 -6.57
C ARG A 51 6.84 -3.38 -7.86
N LEU A 52 7.61 -3.60 -8.94
CA LEU A 52 7.43 -2.85 -10.17
C LEU A 52 7.02 -3.72 -11.36
N ARG A 53 6.94 -5.04 -11.21
CA ARG A 53 6.52 -5.91 -12.30
C ARG A 53 5.64 -7.04 -11.78
N ARG A 54 4.71 -6.74 -10.87
CA ARG A 54 3.79 -7.75 -10.37
C ARG A 54 2.71 -8.04 -11.40
N ILE A 55 2.45 -9.32 -11.65
CA ILE A 55 1.55 -9.76 -12.70
C ILE A 55 0.16 -10.08 -12.17
N THR A 56 0.08 -10.79 -11.05
CA THR A 56 -1.17 -11.25 -10.49
C THR A 56 -1.45 -10.52 -9.18
N ARG A 57 -2.69 -10.08 -9.01
CA ARG A 57 -3.09 -9.37 -7.80
C ARG A 57 -3.25 -10.34 -6.64
N TYR A 58 -2.77 -9.92 -5.47
CA TYR A 58 -2.92 -10.69 -4.24
C TYR A 58 -3.12 -9.74 -3.08
N ARG A 59 -3.99 -10.10 -2.16
CA ARG A 59 -4.32 -9.26 -1.00
C ARG A 59 -3.74 -9.90 0.25
N TYR A 60 -2.79 -9.21 0.88
CA TYR A 60 -2.25 -9.64 2.15
C TYR A 60 -3.21 -9.32 3.28
N ASN A 61 -3.19 -10.16 4.32
CA ASN A 61 -4.00 -9.95 5.52
C ASN A 61 -5.49 -9.85 5.17
N ASN A 62 -5.96 -10.80 4.37
CA ASN A 62 -7.32 -10.79 3.85
C ASN A 62 -8.26 -11.59 4.75
N VAL A 63 -9.54 -11.27 4.65
CA VAL A 63 -10.60 -12.00 5.34
C VAL A 63 -11.60 -12.50 4.30
N PRO A 64 -11.63 -13.81 3.99
CA PRO A 64 -10.82 -14.90 4.54
C PRO A 64 -9.37 -14.85 4.09
N ILE A 65 -8.49 -15.59 4.75
CA ILE A 65 -7.07 -15.57 4.41
C ILE A 65 -6.86 -16.25 3.06
N ASP A 66 -5.83 -15.77 2.34
CA ASP A 66 -5.36 -16.41 1.11
C ASP A 66 -6.45 -16.49 0.05
N MET A 67 -7.26 -15.44 -0.06
CA MET A 67 -8.24 -15.33 -1.14
C MET A 67 -7.58 -14.65 -2.33
N GLY A 68 -7.60 -15.32 -3.47
CA GLY A 68 -6.94 -14.81 -4.66
C GLY A 68 -5.82 -15.73 -5.12
N GLY A 69 -5.96 -16.29 -6.32
CA GLY A 69 -4.96 -17.20 -6.83
C GLY A 69 -5.46 -17.86 -8.09
N ARG A 70 -4.78 -18.94 -8.46
CA ARG A 70 -5.14 -19.71 -9.65
C ARG A 70 -6.30 -20.63 -9.28
N TYR A 71 -7.52 -20.12 -9.44
CA TYR A 71 -8.72 -20.79 -8.99
C TYR A 71 -9.37 -21.55 -10.14
N PHE A 72 -9.73 -22.80 -9.88
CA PHE A 72 -10.46 -23.62 -10.83
C PHE A 72 -11.79 -24.03 -10.23
N TYR A 73 -12.84 -23.98 -11.04
CA TYR A 73 -14.18 -24.37 -10.62
C TYR A 73 -14.68 -25.50 -11.50
N ILE A 74 -15.28 -26.51 -10.87
CA ILE A 74 -15.92 -27.62 -11.58
C ILE A 74 -17.42 -27.54 -11.33
N TYR A 75 -18.18 -27.36 -12.40
CA TYR A 75 -19.63 -27.22 -12.33
C TYR A 75 -20.28 -28.52 -12.79
N ASP A 76 -21.23 -29.02 -12.00
CA ASP A 76 -21.83 -30.32 -12.27
C ASP A 76 -23.30 -30.28 -11.84
N ASN A 77 -24.18 -29.99 -12.80
CA ASN A 77 -25.63 -30.01 -12.59
C ASN A 77 -26.04 -29.14 -11.40
N GLY A 78 -25.61 -27.88 -11.40
CA GLY A 78 -25.95 -26.96 -10.35
C GLY A 78 -25.05 -26.98 -9.15
N ASP A 79 -24.06 -27.87 -9.11
CA ASP A 79 -23.12 -27.99 -8.01
C ASP A 79 -21.73 -27.62 -8.51
N PHE A 80 -21.03 -26.77 -7.75
CA PHE A 80 -19.69 -26.34 -8.12
C PHE A 80 -18.77 -26.44 -6.91
N TRP A 81 -17.49 -26.73 -7.19
CA TRP A 81 -16.47 -26.86 -6.16
C TRP A 81 -15.11 -26.63 -6.81
N SER A 82 -14.09 -26.48 -5.96
CA SER A 82 -12.73 -26.21 -6.41
C SER A 82 -11.80 -27.32 -5.95
N PRO A 83 -10.81 -27.68 -6.77
CA PRO A 83 -9.91 -28.79 -6.39
C PRO A 83 -9.13 -28.54 -5.11
N GLY A 84 -8.72 -27.30 -4.87
CA GLY A 84 -7.99 -26.96 -3.67
C GLY A 84 -8.84 -26.66 -2.47
N TRP A 85 -10.14 -26.96 -2.55
CA TRP A 85 -11.13 -26.72 -1.50
C TRP A 85 -11.35 -25.22 -1.31
N SER A 86 -10.59 -24.40 -2.01
CA SER A 86 -10.77 -22.96 -1.94
C SER A 86 -10.87 -22.41 -3.36
N PRO A 87 -11.66 -21.35 -3.54
CA PRO A 87 -12.43 -20.60 -2.54
C PRO A 87 -13.85 -21.13 -2.29
N VAL A 88 -14.29 -22.18 -2.98
CA VAL A 88 -15.66 -22.64 -2.84
C VAL A 88 -15.92 -23.15 -1.42
N LYS A 89 -14.99 -23.96 -0.89
CA LYS A 89 -15.06 -24.49 0.48
C LYS A 89 -16.28 -25.39 0.66
N ARG A 90 -16.44 -26.33 -0.27
CA ARG A 90 -17.41 -27.41 -0.16
C ARG A 90 -16.66 -28.72 0.09
N GLU A 91 -17.19 -29.53 1.02
CA GLU A 91 -16.48 -30.71 1.47
C GLU A 91 -16.19 -31.67 0.33
N LEU A 92 -14.97 -32.18 0.28
CA LEU A 92 -14.53 -33.10 -0.76
C LEU A 92 -14.38 -34.50 -0.18
N GLU A 93 -14.58 -35.50 -1.05
CA GLU A 93 -14.38 -36.88 -0.65
C GLU A 93 -12.90 -37.15 -0.34
N SER A 94 -12.00 -36.59 -1.14
CA SER A 94 -10.57 -36.74 -0.91
C SER A 94 -9.86 -35.45 -1.31
N TYR A 95 -8.69 -35.23 -0.71
CA TYR A 95 -7.90 -34.05 -0.98
C TYR A 95 -6.44 -34.35 -0.68
N GLU A 96 -5.55 -33.70 -1.42
CA GLU A 96 -4.12 -33.85 -1.21
C GLU A 96 -3.38 -32.68 -1.83
N CYS A 97 -2.41 -32.16 -1.09
CA CYS A 97 -1.46 -31.18 -1.60
C CYS A 97 -0.04 -31.68 -1.37
N ARG A 98 0.81 -31.49 -2.38
CA ARG A 98 2.19 -31.97 -2.33
C ARG A 98 3.12 -30.84 -2.74
N HIS A 99 3.85 -30.30 -1.78
CA HIS A 99 4.84 -29.26 -2.03
C HIS A 99 6.18 -29.93 -2.34
N GLY A 100 6.66 -29.75 -3.58
CA GLY A 100 7.92 -30.30 -4.01
C GLY A 100 9.00 -29.24 -4.14
N LEU A 101 10.08 -29.61 -4.82
CA LEU A 101 11.17 -28.68 -5.11
C LEU A 101 10.86 -27.98 -6.43
N GLY A 102 10.33 -26.77 -6.35
CA GLY A 102 9.99 -26.02 -7.53
C GLY A 102 8.67 -26.37 -8.17
N TYR A 103 7.80 -27.09 -7.46
CA TYR A 103 6.50 -27.44 -8.01
C TYR A 103 5.53 -27.72 -6.87
N THR A 104 4.23 -27.73 -7.22
CA THR A 104 3.17 -28.01 -6.27
C THR A 104 2.08 -28.80 -6.97
N LYS A 105 1.57 -29.84 -6.30
CA LYS A 105 0.49 -30.66 -6.81
C LYS A 105 -0.69 -30.60 -5.86
N ILE A 106 -1.88 -30.41 -6.41
CA ILE A 106 -3.11 -30.37 -5.62
C ILE A 106 -4.14 -31.27 -6.29
N ALA A 107 -4.76 -32.14 -5.51
CA ALA A 107 -5.78 -33.07 -6.01
C ALA A 107 -7.04 -32.94 -5.17
N GLY A 108 -8.19 -33.18 -5.81
CA GLY A 108 -9.46 -33.11 -5.13
C GLY A 108 -10.55 -33.91 -5.82
N LYS A 109 -11.42 -34.55 -5.04
CA LYS A 109 -12.51 -35.36 -5.56
C LYS A 109 -13.81 -34.98 -4.90
N ARG A 110 -14.88 -34.90 -5.69
CA ARG A 110 -16.21 -34.65 -5.16
C ARG A 110 -17.24 -35.14 -6.17
N ASN A 111 -18.20 -35.94 -5.70
CA ASN A 111 -19.31 -36.44 -6.51
C ASN A 111 -18.80 -37.22 -7.73
N GLY A 112 -17.73 -37.97 -7.53
CA GLY A 112 -17.22 -38.86 -8.56
C GLY A 112 -16.25 -38.26 -9.54
N ILE A 113 -16.02 -36.95 -9.48
CA ILE A 113 -15.10 -36.27 -10.39
C ILE A 113 -13.85 -35.88 -9.61
N LYS A 114 -12.68 -36.25 -10.15
CA LYS A 114 -11.40 -35.98 -9.52
C LYS A 114 -10.61 -34.99 -10.36
N ALA A 115 -10.04 -33.98 -9.71
CA ALA A 115 -9.26 -32.94 -10.38
C ALA A 115 -7.88 -32.86 -9.76
N GLU A 116 -6.85 -32.94 -10.59
CA GLU A 116 -5.47 -32.80 -10.16
C GLU A 116 -4.78 -31.73 -11.00
N VAL A 117 -4.11 -30.79 -10.34
CA VAL A 117 -3.42 -29.69 -11.00
C VAL A 117 -1.98 -29.66 -10.54
N THR A 118 -1.05 -29.51 -11.49
CA THR A 118 0.37 -29.37 -11.20
C THR A 118 0.82 -27.97 -11.59
N PHE A 119 1.46 -27.27 -10.65
CA PHE A 119 1.96 -25.92 -10.88
C PHE A 119 3.48 -25.92 -10.79
N PHE A 120 4.13 -25.31 -11.79
CA PHE A 120 5.56 -25.12 -11.74
C PHE A 120 5.98 -24.11 -12.80
N VAL A 121 7.05 -23.38 -12.52
CA VAL A 121 7.66 -22.47 -13.48
C VAL A 121 8.81 -23.21 -14.16
N PRO A 122 8.76 -23.44 -15.46
CA PRO A 122 9.84 -24.17 -16.13
C PRO A 122 11.12 -23.34 -16.18
N LEU A 123 12.23 -24.04 -16.37
CA LEU A 123 13.52 -23.38 -16.51
C LEU A 123 13.59 -22.57 -17.78
N ASN A 124 14.17 -21.38 -17.69
CA ASN A 124 14.36 -20.47 -18.83
C ASN A 124 13.03 -20.15 -19.51
N TYR A 125 11.98 -19.96 -18.71
CA TYR A 125 10.65 -19.69 -19.22
C TYR A 125 10.02 -18.59 -18.39
N ASN A 126 9.43 -17.61 -19.05
CA ASN A 126 8.78 -16.49 -18.38
C ASN A 126 7.31 -16.76 -18.12
N GLY A 127 7.00 -17.90 -17.51
CA GLY A 127 5.61 -18.25 -17.29
C GLY A 127 5.46 -19.39 -16.30
N GLU A 128 4.25 -19.53 -15.80
CA GLU A 128 3.88 -20.58 -14.86
C GLU A 128 2.89 -21.53 -15.54
N VAL A 129 3.20 -22.82 -15.53
CA VAL A 129 2.42 -23.84 -16.21
C VAL A 129 1.51 -24.51 -15.19
N GLN A 130 0.24 -24.68 -15.55
CA GLN A 130 -0.75 -25.35 -14.71
C GLN A 130 -1.39 -26.47 -15.49
N LYS A 131 -0.89 -27.69 -15.29
CA LYS A 131 -1.39 -28.89 -15.96
C LYS A 131 -2.52 -29.47 -15.12
N LEU A 132 -3.73 -29.46 -15.66
CA LEU A 132 -4.93 -29.90 -14.95
C LEU A 132 -5.38 -31.25 -15.47
N ILE A 133 -5.78 -32.13 -14.56
CA ILE A 133 -6.23 -33.48 -14.88
C ILE A 133 -7.64 -33.63 -14.34
N LEU A 134 -8.56 -34.08 -15.19
CA LEU A 134 -9.94 -34.33 -14.80
C LEU A 134 -10.30 -35.77 -15.14
N LYS A 135 -10.90 -36.47 -14.18
CA LYS A 135 -11.21 -37.88 -14.31
C LYS A 135 -12.59 -38.16 -13.75
N ASN A 136 -13.35 -39.01 -14.45
CA ASN A 136 -14.67 -39.45 -14.01
C ASN A 136 -14.54 -40.83 -13.38
N GLU A 137 -14.59 -40.88 -12.05
CA GLU A 137 -14.50 -42.14 -11.32
C GLU A 137 -15.85 -42.71 -10.94
N GLY A 138 -16.94 -42.09 -11.38
CA GLY A 138 -18.28 -42.55 -11.07
C GLY A 138 -18.68 -43.76 -11.89
N GLN A 139 -20.00 -43.93 -12.06
CA GLN A 139 -20.54 -45.06 -12.79
C GLN A 139 -21.65 -44.64 -13.74
N ASP A 140 -21.59 -43.41 -14.25
CA ASP A 140 -22.67 -42.90 -15.08
C ASP A 140 -22.15 -41.83 -16.03
N LYS A 141 -22.97 -41.53 -17.04
CA LYS A 141 -22.67 -40.47 -17.99
C LYS A 141 -22.79 -39.11 -17.29
N LYS A 142 -21.80 -38.25 -17.49
CA LYS A 142 -21.78 -36.95 -16.82
C LYS A 142 -21.35 -35.85 -17.78
N LYS A 143 -21.91 -34.66 -17.56
CA LYS A 143 -21.56 -33.46 -18.31
C LYS A 143 -21.22 -32.36 -17.29
N ILE A 144 -20.02 -31.79 -17.42
CA ILE A 144 -19.52 -30.82 -16.45
C ILE A 144 -18.99 -29.61 -17.20
N THR A 145 -18.80 -28.51 -16.45
CA THR A 145 -18.21 -27.30 -16.97
C THR A 145 -17.05 -26.88 -16.07
N LEU A 146 -15.90 -26.61 -16.67
CA LEU A 146 -14.70 -26.22 -15.95
C LEU A 146 -14.45 -24.73 -16.10
N PHE A 147 -14.23 -24.05 -14.98
CA PHE A 147 -13.97 -22.62 -14.95
C PHE A 147 -12.56 -22.38 -14.41
N SER A 148 -11.79 -21.56 -15.12
CA SER A 148 -10.51 -21.07 -14.65
C SER A 148 -10.63 -19.59 -14.29
N PHE A 149 -9.74 -19.11 -13.43
CA PHE A 149 -9.82 -17.72 -12.99
C PHE A 149 -8.49 -17.27 -12.41
N ILE A 150 -7.97 -16.16 -12.92
CA ILE A 150 -6.89 -15.40 -12.29
C ILE A 150 -7.29 -13.93 -12.29
N GLU A 151 -6.69 -13.18 -11.38
CA GLU A 151 -6.90 -11.74 -11.28
C GLU A 151 -5.60 -11.02 -11.58
N PHE A 152 -5.67 -10.03 -12.47
CA PHE A 152 -4.49 -9.33 -12.95
C PHE A 152 -4.10 -8.18 -12.04
N CYS A 153 -2.81 -7.88 -12.00
CA CYS A 153 -2.28 -6.70 -11.34
C CYS A 153 -1.84 -5.70 -12.40
N LEU A 154 -1.86 -4.42 -12.03
CA LEU A 154 -1.61 -3.34 -12.97
C LEU A 154 -0.14 -2.97 -13.07
N TRP A 155 0.76 -3.94 -12.88
CA TRP A 155 2.19 -3.90 -13.12
C TRP A 155 2.94 -3.10 -12.07
N ASN A 156 2.28 -2.38 -11.18
CA ASN A 156 2.97 -1.59 -10.16
C ASN A 156 2.21 -1.84 -8.86
N ALA A 157 2.78 -2.67 -8.00
CA ALA A 157 2.08 -3.10 -6.79
C ALA A 157 1.61 -1.91 -5.97
N TYR A 158 2.50 -0.95 -5.71
CA TYR A 158 2.12 0.20 -4.89
C TYR A 158 1.06 1.04 -5.59
N ASP A 159 1.17 1.21 -6.91
CA ASP A 159 0.20 2.01 -7.65
C ASP A 159 -1.11 1.27 -7.85
N ASP A 160 -1.04 -0.05 -8.07
CA ASP A 160 -2.25 -0.85 -8.29
C ASP A 160 -3.18 -0.81 -7.09
N MET A 161 -2.67 -0.47 -5.92
CA MET A 161 -3.39 -0.61 -4.66
C MET A 161 -3.28 0.61 -3.76
N THR A 162 -2.94 1.78 -4.33
CA THR A 162 -3.11 3.07 -3.67
C THR A 162 -3.66 4.18 -4.57
N ASN A 163 -3.69 4.00 -5.88
CA ASN A 163 -3.91 5.12 -6.81
C ASN A 163 -5.13 4.90 -7.70
N PHE A 164 -6.27 4.56 -7.09
CA PHE A 164 -7.46 4.20 -7.87
C PHE A 164 -8.02 5.38 -8.66
N GLN A 165 -7.66 6.61 -8.27
CA GLN A 165 -8.16 7.78 -8.99
C GLN A 165 -7.69 7.81 -10.44
N ARG A 166 -6.61 7.11 -10.77
CA ARG A 166 -6.09 7.04 -12.12
C ARG A 166 -6.23 5.68 -12.76
N ASN A 167 -5.87 4.61 -12.04
CA ASN A 167 -5.78 3.29 -12.64
C ASN A 167 -7.12 2.59 -12.81
N PHE A 168 -8.20 3.14 -12.25
CA PHE A 168 -9.53 2.59 -12.50
C PHE A 168 -9.96 2.82 -13.95
N SER A 169 -9.33 3.75 -14.66
CA SER A 169 -9.67 4.05 -16.04
C SER A 169 -8.60 3.60 -17.02
N THR A 170 -7.60 2.85 -16.57
CA THR A 170 -6.49 2.44 -17.43
C THR A 170 -6.49 0.95 -17.75
N GLY A 171 -7.31 0.15 -17.08
CA GLY A 171 -7.35 -1.28 -17.34
C GLY A 171 -7.75 -1.63 -18.75
N GLU A 172 -6.95 -2.48 -19.41
CA GLU A 172 -7.18 -2.86 -20.78
C GLU A 172 -6.92 -4.35 -20.94
N VAL A 173 -7.76 -5.02 -21.75
CA VAL A 173 -7.60 -6.43 -22.03
C VAL A 173 -7.73 -6.65 -23.54
N GLU A 174 -7.45 -7.88 -23.95
CA GLU A 174 -7.53 -8.28 -25.35
C GLU A 174 -7.82 -9.76 -25.38
N ILE A 175 -8.98 -10.15 -25.92
CA ILE A 175 -9.38 -11.55 -25.98
C ILE A 175 -9.25 -12.01 -27.43
N GLU A 176 -8.39 -12.99 -27.66
CA GLU A 176 -8.18 -13.56 -28.99
C GLU A 176 -8.04 -15.07 -28.83
N GLY A 177 -8.98 -15.82 -29.41
CA GLY A 177 -8.96 -17.26 -29.25
C GLY A 177 -9.20 -17.64 -27.80
N SER A 178 -8.34 -18.51 -27.28
CA SER A 178 -8.44 -19.00 -25.91
C SER A 178 -7.53 -18.24 -24.95
N VAL A 179 -6.93 -17.13 -25.39
CA VAL A 179 -5.96 -16.37 -24.61
C VAL A 179 -6.57 -15.02 -24.27
N ILE A 180 -6.35 -14.58 -23.02
CA ILE A 180 -6.75 -13.26 -22.56
C ILE A 180 -5.48 -12.49 -22.24
N TYR A 181 -5.28 -11.36 -22.93
CA TYR A 181 -4.07 -10.56 -22.80
C TYR A 181 -4.36 -9.34 -21.95
N HIS A 182 -3.45 -9.05 -21.01
CA HIS A 182 -3.55 -7.86 -20.16
C HIS A 182 -2.55 -6.83 -20.66
N LYS A 183 -3.05 -5.63 -20.99
CA LYS A 183 -2.24 -4.62 -21.64
C LYS A 183 -2.50 -3.25 -21.04
N THR A 184 -2.56 -3.16 -19.72
CA THR A 184 -2.75 -1.87 -19.06
C THR A 184 -1.51 -0.99 -19.25
N GLU A 185 -1.74 0.24 -19.69
CA GLU A 185 -0.69 1.23 -19.93
C GLU A 185 0.32 0.78 -20.99
N TYR A 186 -0.05 -0.22 -21.80
CA TYR A 186 0.81 -0.63 -22.91
C TYR A 186 0.86 0.44 -23.99
N ARG A 187 -0.18 1.26 -24.10
CA ARG A 187 -0.25 2.24 -25.18
C ARG A 187 0.72 3.39 -24.97
N GLU A 188 1.07 3.69 -23.73
CA GLU A 188 1.86 4.88 -23.43
C GLU A 188 3.37 4.60 -23.36
N ARG A 189 3.79 3.81 -22.38
CA ARG A 189 5.23 3.65 -22.12
C ARG A 189 5.67 2.23 -21.84
N ARG A 190 4.79 1.29 -21.56
CA ARG A 190 5.18 -0.07 -21.22
C ARG A 190 5.26 -0.93 -22.47
N ASN A 191 6.34 -1.71 -22.57
CA ASN A 191 6.57 -2.61 -23.69
C ASN A 191 6.36 -4.07 -23.30
N HIS A 192 5.65 -4.32 -22.20
CA HIS A 192 5.45 -5.65 -21.67
C HIS A 192 3.99 -5.90 -21.38
N TYR A 193 3.56 -7.15 -21.54
CA TYR A 193 2.19 -7.55 -21.23
C TYR A 193 2.20 -8.98 -20.69
N ALA A 194 1.05 -9.42 -20.22
CA ALA A 194 0.86 -10.76 -19.67
C ALA A 194 -0.37 -11.41 -20.30
N PHE A 195 -0.34 -12.74 -20.38
CA PHE A 195 -1.44 -13.46 -21.00
C PHE A 195 -1.77 -14.69 -20.17
N TYR A 196 -3.04 -15.12 -20.28
CA TYR A 196 -3.54 -16.35 -19.67
C TYR A 196 -4.19 -17.16 -20.78
N SER A 197 -3.74 -18.40 -20.95
CA SER A 197 -4.18 -19.21 -22.08
C SER A 197 -4.52 -20.62 -21.63
N VAL A 198 -5.26 -21.31 -22.48
CA VAL A 198 -5.51 -22.75 -22.36
C VAL A 198 -5.29 -23.38 -23.72
N ASN A 199 -4.93 -24.67 -23.73
CA ASN A 199 -4.61 -25.38 -24.95
C ASN A 199 -5.80 -26.15 -25.50
N ALA A 200 -7.01 -25.63 -25.33
CA ALA A 200 -8.20 -26.26 -25.88
C ALA A 200 -9.22 -25.19 -26.21
N LYS A 201 -10.15 -25.53 -27.09
CA LYS A 201 -11.20 -24.61 -27.48
C LYS A 201 -12.14 -24.35 -26.30
N ILE A 202 -12.43 -23.09 -26.05
CA ILE A 202 -13.26 -22.70 -24.93
C ILE A 202 -14.68 -22.44 -25.41
N SER A 203 -15.63 -22.51 -24.48
CA SER A 203 -17.03 -22.20 -24.77
C SER A 203 -17.44 -20.83 -24.25
N GLY A 204 -16.65 -20.23 -23.37
CA GLY A 204 -16.94 -18.91 -22.85
C GLY A 204 -15.70 -18.33 -22.21
N PHE A 205 -15.80 -17.05 -21.84
CA PHE A 205 -14.69 -16.36 -21.22
C PHE A 205 -15.23 -15.18 -20.42
N ASP A 206 -14.32 -14.51 -19.71
CA ASP A 206 -14.67 -13.31 -18.98
C ASP A 206 -13.39 -12.54 -18.68
N SER A 207 -13.44 -11.22 -18.87
CA SER A 207 -12.31 -10.36 -18.56
C SER A 207 -12.62 -9.26 -17.56
N ASP A 208 -13.90 -9.01 -17.28
CA ASP A 208 -14.30 -8.01 -16.28
C ASP A 208 -14.65 -8.73 -14.98
N ARG A 209 -14.08 -8.24 -13.88
CA ARG A 209 -14.29 -8.90 -12.59
C ARG A 209 -15.77 -8.85 -12.19
N ASP A 210 -16.44 -7.74 -12.44
CA ASP A 210 -17.84 -7.61 -12.04
C ASP A 210 -18.74 -8.57 -12.82
N SER A 211 -18.43 -8.79 -14.09
CA SER A 211 -19.28 -9.66 -14.91
C SER A 211 -19.16 -11.12 -14.48
N PHE A 212 -17.93 -11.59 -14.27
CA PHE A 212 -17.74 -13.00 -13.91
C PHE A 212 -18.14 -13.28 -12.47
N ILE A 213 -17.76 -12.40 -11.55
CA ILE A 213 -18.00 -12.62 -10.13
C ILE A 213 -19.28 -11.96 -9.66
N GLY A 214 -19.42 -10.67 -9.89
CA GLY A 214 -20.53 -9.91 -9.34
C GLY A 214 -20.00 -8.95 -8.30
N LEU A 215 -20.63 -7.77 -8.23
CA LEU A 215 -20.16 -6.74 -7.30
C LEU A 215 -20.28 -7.20 -5.86
N TYR A 216 -21.36 -7.91 -5.53
CA TYR A 216 -21.65 -8.31 -4.15
C TYR A 216 -21.41 -9.79 -3.93
N ASN A 217 -20.64 -10.44 -4.79
CA ASN A 217 -20.29 -11.84 -4.66
C ASN A 217 -18.78 -11.98 -4.45
N GLY A 218 -18.39 -13.03 -3.73
CA GLY A 218 -17.00 -13.32 -3.49
C GLY A 218 -16.46 -14.39 -4.43
N PHE A 219 -15.21 -14.78 -4.18
CA PHE A 219 -14.59 -15.84 -4.96
C PHE A 219 -15.28 -17.18 -4.76
N ASP A 220 -15.96 -17.37 -3.62
CA ASP A 220 -16.55 -18.67 -3.32
C ASP A 220 -17.66 -19.02 -4.31
N ALA A 221 -18.52 -18.07 -4.65
CA ALA A 221 -19.66 -18.30 -5.53
C ALA A 221 -19.75 -17.21 -6.57
N PRO A 222 -18.89 -17.26 -7.60
CA PRO A 222 -19.03 -16.30 -8.71
C PRO A 222 -20.37 -16.49 -9.41
N GLN A 223 -20.95 -15.38 -9.84
CA GLN A 223 -22.28 -15.43 -10.46
C GLN A 223 -22.27 -16.20 -11.77
N ALA A 224 -21.15 -16.20 -12.48
CA ALA A 224 -21.07 -16.95 -13.74
C ALA A 224 -20.96 -18.46 -13.48
N VAL A 225 -20.16 -18.84 -12.49
CA VAL A 225 -20.04 -20.26 -12.14
C VAL A 225 -21.34 -20.77 -11.53
N VAL A 226 -21.99 -19.93 -10.72
CA VAL A 226 -23.28 -20.32 -10.13
C VAL A 226 -24.31 -20.58 -11.22
N ASN A 227 -24.38 -19.70 -12.21
CA ASN A 227 -25.35 -19.89 -13.29
C ASN A 227 -24.92 -21.01 -14.24
N GLY A 228 -23.62 -21.26 -14.35
CA GLY A 228 -23.12 -22.36 -15.15
C GLY A 228 -22.57 -22.00 -16.52
N LYS A 229 -22.44 -20.72 -16.83
CA LYS A 229 -21.88 -20.32 -18.11
C LYS A 229 -21.25 -18.93 -17.98
N SER A 230 -20.36 -18.62 -18.92
CA SER A 230 -19.62 -17.37 -18.92
C SER A 230 -20.43 -16.27 -19.61
N ASN A 231 -20.11 -15.02 -19.24
CA ASN A 231 -20.81 -13.85 -19.76
C ASN A 231 -20.14 -13.25 -20.98
N ASN A 232 -18.95 -13.73 -21.36
CA ASN A 232 -18.23 -13.24 -22.55
C ASN A 232 -18.03 -11.73 -22.50
N SER A 233 -17.60 -11.23 -21.34
CA SER A 233 -17.43 -9.80 -21.14
C SER A 233 -16.00 -9.37 -21.53
N VAL A 234 -15.90 -8.10 -21.92
CA VAL A 234 -14.62 -7.48 -22.24
C VAL A 234 -14.38 -6.36 -21.23
N ALA A 235 -13.25 -6.43 -20.54
CA ALA A 235 -12.96 -5.45 -19.49
C ALA A 235 -12.64 -4.09 -20.11
N ASP A 236 -13.14 -3.04 -19.45
CA ASP A 236 -12.85 -1.66 -19.85
C ASP A 236 -12.69 -0.87 -18.55
N GLY A 237 -11.45 -0.77 -18.08
CA GLY A 237 -11.17 -0.16 -16.80
C GLY A 237 -11.49 -1.10 -15.65
N TRP A 238 -11.57 -0.52 -14.47
CA TRP A 238 -11.92 -1.22 -13.22
C TRP A 238 -10.90 -2.34 -13.02
N ALA A 239 -11.31 -3.58 -12.75
CA ALA A 239 -10.37 -4.66 -12.44
C ALA A 239 -10.39 -5.71 -13.55
N PRO A 240 -9.36 -5.77 -14.40
CA PRO A 240 -9.29 -6.85 -15.39
C PRO A 240 -9.04 -8.19 -14.72
N ILE A 241 -9.61 -9.24 -15.31
CA ILE A 241 -9.41 -10.62 -14.89
C ILE A 241 -9.28 -11.49 -16.14
N ALA A 242 -8.95 -12.75 -15.94
CA ALA A 242 -8.88 -13.72 -17.03
C ALA A 242 -9.61 -14.99 -16.58
N SER A 243 -10.45 -15.54 -17.46
CA SER A 243 -11.24 -16.70 -17.11
C SER A 243 -11.64 -17.44 -18.39
N HIS A 244 -11.52 -18.76 -18.34
CA HIS A 244 -11.96 -19.63 -19.43
C HIS A 244 -13.10 -20.52 -18.95
N SER A 245 -13.94 -20.94 -19.90
CA SER A 245 -15.02 -21.89 -19.61
C SER A 245 -15.00 -22.97 -20.68
N ILE A 246 -15.05 -24.23 -20.23
CA ILE A 246 -15.02 -25.39 -21.12
C ILE A 246 -16.14 -26.33 -20.73
N GLU A 247 -16.93 -26.77 -21.72
CA GLU A 247 -17.89 -27.84 -21.53
C GLU A 247 -17.20 -29.17 -21.74
N ILE A 248 -17.32 -30.05 -20.75
CA ILE A 248 -16.63 -31.34 -20.79
C ILE A 248 -17.66 -32.45 -20.59
N GLU A 249 -17.60 -33.46 -21.46
CA GLU A 249 -18.35 -34.69 -21.30
C GLU A 249 -17.41 -35.82 -20.92
N LEU A 250 -17.73 -36.54 -19.86
CA LEU A 250 -16.87 -37.59 -19.32
C LEU A 250 -17.67 -38.87 -19.16
N ASN A 251 -17.38 -39.86 -19.99
CA ASN A 251 -17.89 -41.20 -19.79
C ASN A 251 -17.20 -41.83 -18.58
N PRO A 252 -17.81 -42.85 -17.98
CA PRO A 252 -17.17 -43.51 -16.82
C PRO A 252 -15.79 -44.07 -17.19
N GLY A 253 -14.82 -43.81 -16.32
CA GLY A 253 -13.47 -44.25 -16.53
C GLY A 253 -12.66 -43.42 -17.51
N GLU A 254 -13.21 -42.32 -18.01
CA GLU A 254 -12.54 -41.47 -18.99
C GLU A 254 -11.98 -40.23 -18.33
N GLN A 255 -10.84 -39.77 -18.86
CA GLN A 255 -10.17 -38.59 -18.34
C GLN A 255 -9.78 -37.66 -19.48
N LYS A 256 -9.63 -36.38 -19.16
CA LYS A 256 -9.27 -35.36 -20.14
C LYS A 256 -8.14 -34.51 -19.58
N GLU A 257 -7.35 -33.95 -20.49
CA GLU A 257 -6.11 -33.26 -20.12
C GLU A 257 -6.21 -31.79 -20.55
N TYR A 258 -5.67 -30.90 -19.73
CA TYR A 258 -5.69 -29.47 -20.02
C TYR A 258 -4.44 -28.80 -19.47
N VAL A 259 -3.94 -27.81 -20.20
CA VAL A 259 -2.72 -27.09 -19.86
C VAL A 259 -3.01 -25.60 -19.87
N PHE A 260 -2.61 -24.90 -18.81
CA PHE A 260 -2.83 -23.47 -18.67
C PHE A 260 -1.49 -22.77 -18.45
N ILE A 261 -1.32 -21.59 -19.06
CA ILE A 261 -0.07 -20.84 -18.99
C ILE A 261 -0.37 -19.40 -18.55
N ILE A 262 0.43 -18.90 -17.60
CA ILE A 262 0.44 -17.49 -17.23
C ILE A 262 1.79 -16.93 -17.66
N GLY A 263 1.84 -16.34 -18.85
CA GLY A 263 3.11 -15.92 -19.44
C GLY A 263 3.34 -14.42 -19.28
N TYR A 264 4.61 -14.03 -19.44
CA TYR A 264 5.02 -12.63 -19.44
C TYR A 264 5.88 -12.38 -20.67
N VAL A 265 5.54 -11.34 -21.42
CA VAL A 265 6.20 -11.04 -22.68
C VAL A 265 6.72 -9.61 -22.64
N GLU A 266 7.97 -9.43 -23.06
CA GLU A 266 8.57 -8.11 -23.26
C GLU A 266 8.82 -7.90 -24.74
N ASN A 267 8.63 -6.67 -25.20
CA ASN A 267 8.77 -6.32 -26.61
C ASN A 267 9.71 -5.13 -26.76
N LYS A 268 10.34 -5.03 -27.92
CA LYS A 268 11.08 -3.84 -28.27
C LYS A 268 10.13 -2.74 -28.70
N ASP A 269 10.50 -1.50 -28.39
CA ASP A 269 9.60 -0.37 -28.65
C ASP A 269 9.30 -0.22 -30.13
N GLU A 270 10.21 -0.64 -31.00
CA GLU A 270 9.94 -0.60 -32.44
C GLU A 270 8.89 -1.65 -32.82
N GLU A 271 9.04 -2.87 -32.33
CA GLU A 271 8.08 -3.94 -32.59
C GLU A 271 7.16 -4.11 -31.38
N LYS A 272 6.24 -3.15 -31.24
CA LYS A 272 5.29 -3.14 -30.14
C LYS A 272 3.85 -3.32 -30.57
N TRP A 273 3.53 -3.13 -31.84
CA TRP A 273 2.18 -3.26 -32.35
C TRP A 273 2.18 -4.09 -33.63
N GLU A 274 1.26 -5.05 -33.71
CA GLU A 274 1.03 -5.73 -34.99
C GLU A 274 0.23 -4.84 -35.92
N SER A 275 -0.68 -4.03 -35.36
CA SER A 275 -1.46 -3.07 -36.11
C SER A 275 -1.86 -1.96 -35.15
N LYS A 276 -2.54 -0.95 -35.68
CA LYS A 276 -2.96 0.19 -34.86
C LYS A 276 -3.89 -0.26 -33.74
N GLY A 277 -3.41 -0.16 -32.50
CA GLY A 277 -4.19 -0.58 -31.34
C GLY A 277 -4.18 -2.06 -31.06
N VAL A 278 -3.49 -2.86 -31.87
CA VAL A 278 -3.45 -4.31 -31.72
C VAL A 278 -2.06 -4.70 -31.23
N ILE A 279 -2.01 -5.46 -30.14
CA ILE A 279 -0.75 -5.80 -29.50
C ILE A 279 -0.01 -6.83 -30.35
N ASN A 280 1.31 -6.64 -30.48
CA ASN A 280 2.15 -7.65 -31.11
C ASN A 280 2.21 -8.88 -30.21
N LYS A 281 1.76 -10.02 -30.71
CA LYS A 281 1.60 -11.22 -29.90
C LYS A 281 2.49 -12.37 -30.37
N LYS A 282 3.52 -12.08 -31.17
CA LYS A 282 4.32 -13.15 -31.75
C LYS A 282 5.08 -13.93 -30.70
N LYS A 283 5.54 -13.27 -29.64
CA LYS A 283 6.26 -13.98 -28.58
C LYS A 283 5.31 -14.77 -27.71
N ALA A 284 4.09 -14.25 -27.48
CA ALA A 284 3.10 -14.99 -26.71
C ALA A 284 2.68 -16.26 -27.43
N TYR A 285 2.59 -16.21 -28.76
CA TYR A 285 2.25 -17.41 -29.54
C TYR A 285 3.32 -18.48 -29.37
N GLU A 286 4.59 -18.08 -29.39
CA GLU A 286 5.67 -19.05 -29.24
C GLU A 286 5.71 -19.63 -27.83
N MET A 287 5.42 -18.81 -26.82
CA MET A 287 5.39 -19.31 -25.45
C MET A 287 4.28 -20.35 -25.27
N ILE A 288 3.11 -20.08 -25.84
CA ILE A 288 1.99 -21.01 -25.71
C ILE A 288 2.28 -22.30 -26.46
N GLU A 289 2.84 -22.19 -27.66
CA GLU A 289 3.09 -23.38 -28.48
C GLU A 289 4.14 -24.29 -27.87
N GLN A 290 4.99 -23.76 -26.99
CA GLN A 290 6.06 -24.56 -26.41
C GLN A 290 5.55 -25.56 -25.39
N PHE A 291 4.37 -25.34 -24.82
CA PHE A 291 3.79 -26.24 -23.82
C PHE A 291 2.32 -26.49 -24.13
N ASN A 292 2.03 -26.78 -25.40
CA ASN A 292 0.66 -27.03 -25.84
C ASN A 292 0.30 -28.52 -25.83
N THR A 293 1.21 -29.38 -25.40
CA THR A 293 0.94 -30.80 -25.22
C THR A 293 1.37 -31.21 -23.82
N VAL A 294 0.73 -32.27 -23.31
CA VAL A 294 1.05 -32.75 -21.97
C VAL A 294 2.45 -33.34 -21.92
N GLU A 295 2.86 -34.04 -22.99
CA GLU A 295 4.21 -34.58 -23.04
C GLU A 295 5.27 -33.49 -22.96
N LYS A 296 4.98 -32.31 -23.53
CA LYS A 296 5.89 -31.18 -23.39
C LYS A 296 5.99 -30.73 -21.94
N VAL A 297 4.86 -30.68 -21.24
CA VAL A 297 4.87 -30.32 -19.82
C VAL A 297 5.57 -31.41 -19.01
N ASP A 298 5.41 -32.66 -19.41
CA ASP A 298 6.08 -33.76 -18.71
C ASP A 298 7.59 -33.65 -18.84
N LYS A 299 8.08 -33.32 -20.03
CA LYS A 299 9.52 -33.19 -20.23
C LYS A 299 10.10 -32.05 -19.42
N ALA A 300 9.39 -30.91 -19.36
CA ALA A 300 9.89 -29.78 -18.60
C ALA A 300 9.86 -30.07 -17.10
N PHE A 301 8.90 -30.88 -16.66
CA PHE A 301 8.85 -31.25 -15.25
C PHE A 301 10.07 -32.07 -14.85
N GLU A 302 10.51 -32.97 -15.73
CA GLU A 302 11.70 -33.77 -15.45
C GLU A 302 12.96 -32.92 -15.54
N GLU A 303 12.97 -31.94 -16.44
CA GLU A 303 14.14 -31.05 -16.54
C GLU A 303 14.32 -30.23 -15.28
N LEU A 304 13.22 -29.75 -14.69
CA LEU A 304 13.31 -29.03 -13.42
C LEU A 304 13.66 -29.97 -12.28
N LYS A 305 13.24 -31.23 -12.38
CA LYS A 305 13.57 -32.21 -11.34
C LYS A 305 15.07 -32.45 -11.25
N SER A 306 15.73 -32.61 -12.40
CA SER A 306 17.17 -32.84 -12.39
C SER A 306 17.92 -31.60 -11.95
N TYR A 307 17.34 -30.42 -12.17
CA TYR A 307 17.98 -29.18 -11.76
C TYR A 307 18.13 -29.11 -10.25
N TRP A 308 17.10 -29.52 -9.52
CA TRP A 308 17.15 -29.45 -8.06
C TRP A 308 17.90 -30.63 -7.48
N ASN A 309 17.94 -31.75 -8.19
CA ASN A 309 18.73 -32.89 -7.73
C ASN A 309 20.22 -32.56 -7.72
N ALA A 310 20.69 -31.88 -8.77
CA ALA A 310 22.11 -31.54 -8.85
C ALA A 310 22.48 -30.48 -7.82
N LEU A 311 21.53 -29.62 -7.46
CA LEU A 311 21.83 -28.54 -6.52
C LEU A 311 22.02 -29.04 -5.11
N LEU A 312 21.55 -30.25 -4.80
CA LEU A 312 21.62 -30.82 -3.46
C LEU A 312 22.60 -31.98 -3.36
N SER A 313 23.35 -32.27 -4.42
CA SER A 313 24.22 -33.44 -4.47
C SER A 313 25.63 -33.15 -3.97
N LYS A 314 25.92 -31.92 -3.55
CA LYS A 314 27.24 -31.59 -3.05
C LYS A 314 27.45 -31.98 -1.59
N TYR A 315 26.39 -32.29 -0.87
CA TYR A 315 26.48 -32.68 0.55
C TYR A 315 25.42 -33.72 0.83
N PHE A 316 25.84 -34.98 0.95
CA PHE A 316 24.93 -36.10 1.20
C PHE A 316 25.29 -36.76 2.52
N LEU A 317 24.29 -36.98 3.36
CA LEU A 317 24.48 -37.54 4.70
C LEU A 317 23.69 -38.84 4.83
N GLU A 318 24.33 -39.86 5.39
CA GLU A 318 23.69 -41.13 5.70
C GLU A 318 23.90 -41.41 7.18
N SER A 319 22.85 -41.23 7.97
CA SER A 319 22.93 -41.42 9.42
C SER A 319 21.72 -42.26 9.85
N HIS A 320 21.69 -42.58 11.15
CA HIS A 320 20.59 -43.34 11.73
C HIS A 320 19.33 -42.53 11.91
N ASP A 321 19.42 -41.21 11.99
CA ASP A 321 18.28 -40.34 12.26
C ASP A 321 17.60 -39.97 10.94
N GLU A 322 16.32 -40.32 10.83
CA GLU A 322 15.59 -40.02 9.60
C GLU A 322 15.25 -38.53 9.50
N LYS A 323 14.99 -37.89 10.64
CA LYS A 323 14.68 -36.46 10.62
C LYS A 323 15.91 -35.63 10.28
N LEU A 324 17.08 -36.04 10.78
CA LEU A 324 18.31 -35.34 10.45
C LEU A 324 18.68 -35.49 8.98
N ASN A 325 18.47 -36.69 8.43
CA ASN A 325 18.84 -36.94 7.04
C ASN A 325 18.04 -36.06 6.09
N ARG A 326 16.74 -35.91 6.34
CA ARG A 326 15.89 -35.13 5.43
C ARG A 326 16.21 -33.64 5.51
N MET A 327 16.56 -33.14 6.70
CA MET A 327 16.91 -31.73 6.81
C MET A 327 18.19 -31.40 6.06
N VAL A 328 19.25 -32.17 6.31
CA VAL A 328 20.55 -31.87 5.72
C VAL A 328 20.51 -32.10 4.22
N ASN A 329 19.89 -33.19 3.78
CA ASN A 329 19.97 -33.58 2.38
C ASN A 329 19.00 -32.85 1.48
N ILE A 330 17.84 -32.44 2.00
CA ILE A 330 16.79 -31.91 1.15
C ILE A 330 16.40 -30.48 1.52
N TRP A 331 15.87 -30.30 2.73
CA TRP A 331 15.09 -29.11 3.03
C TRP A 331 15.94 -27.93 3.49
N ASN A 332 17.05 -28.17 4.17
CA ASN A 332 17.93 -27.06 4.55
C ASN A 332 18.58 -26.44 3.32
N GLN A 333 19.06 -27.28 2.41
CA GLN A 333 19.72 -26.76 1.21
C GLN A 333 18.72 -26.20 0.20
N TYR A 334 17.47 -26.66 0.25
CA TYR A 334 16.45 -26.13 -0.65
C TYR A 334 16.05 -24.71 -0.27
N GLN A 335 15.95 -24.44 1.03
CA GLN A 335 15.62 -23.09 1.49
C GLN A 335 16.78 -22.13 1.26
N CYS A 336 18.01 -22.63 1.38
CA CYS A 336 19.18 -21.80 1.11
C CYS A 336 19.22 -21.36 -0.34
N MET A 337 18.92 -22.28 -1.27
CA MET A 337 18.92 -21.94 -2.68
C MET A 337 17.77 -21.00 -3.03
N VAL A 338 16.60 -21.22 -2.42
CA VAL A 338 15.46 -20.34 -2.68
C VAL A 338 15.74 -18.94 -2.17
N THR A 339 16.32 -18.83 -0.97
CA THR A 339 16.57 -17.52 -0.37
C THR A 339 17.55 -16.68 -1.19
N PHE A 340 18.37 -17.30 -2.03
CA PHE A 340 19.26 -16.52 -2.90
C PHE A 340 18.51 -16.01 -4.12
N ASN A 341 17.60 -16.82 -4.67
CA ASN A 341 16.79 -16.37 -5.80
C ASN A 341 15.73 -15.36 -5.36
N MET A 342 15.24 -15.48 -4.13
CA MET A 342 14.16 -14.66 -3.63
C MET A 342 14.63 -13.46 -2.83
N SER A 343 15.89 -13.46 -2.38
CA SER A 343 16.43 -12.42 -1.50
C SER A 343 15.53 -12.24 -0.28
N ARG A 344 14.93 -11.06 -0.15
CA ARG A 344 13.93 -10.79 0.88
C ARG A 344 12.73 -10.07 0.26
N SER A 345 12.41 -10.42 -0.98
CA SER A 345 11.44 -9.63 -1.73
C SER A 345 10.00 -10.02 -1.40
N ALA A 346 9.62 -11.26 -1.69
CA ALA A 346 8.22 -11.67 -1.65
C ALA A 346 8.05 -12.91 -0.79
N SER A 347 7.10 -12.85 0.13
CA SER A 347 6.68 -13.99 0.92
C SER A 347 5.23 -13.74 1.36
N TYR A 348 4.74 -14.56 2.27
CA TYR A 348 3.44 -14.30 2.88
C TYR A 348 3.56 -13.39 4.09
N PHE A 349 4.77 -12.94 4.42
CA PHE A 349 4.99 -11.90 5.41
C PHE A 349 5.72 -10.70 4.86
N GLU A 350 6.41 -10.83 3.73
CA GLU A 350 6.97 -9.69 3.01
C GLU A 350 6.05 -9.34 1.85
N SER A 351 5.52 -8.12 1.86
CA SER A 351 4.52 -7.71 0.90
C SER A 351 5.07 -7.51 -0.50
N GLY A 352 6.38 -7.50 -0.67
CA GLY A 352 6.96 -7.25 -1.98
C GLY A 352 7.08 -5.78 -2.34
N ILE A 353 7.07 -4.90 -1.35
CA ILE A 353 7.13 -3.46 -1.59
C ILE A 353 8.54 -2.89 -1.38
N GLY A 354 9.37 -3.56 -0.58
CA GLY A 354 10.71 -3.08 -0.32
C GLY A 354 11.58 -3.08 -1.58
N ARG A 355 12.71 -2.39 -1.47
CA ARG A 355 13.58 -2.17 -2.61
C ARG A 355 14.79 -3.10 -2.66
N GLY A 356 15.13 -3.76 -1.56
CA GLY A 356 16.28 -4.63 -1.57
C GLY A 356 16.46 -5.33 -0.25
N MET A 357 17.60 -6.01 -0.12
CA MET A 357 17.95 -6.76 1.07
C MET A 357 19.14 -6.11 1.75
N GLY A 358 19.38 -6.50 3.00
CA GLY A 358 20.49 -5.96 3.75
C GLY A 358 21.83 -6.36 3.16
N PHE A 359 22.83 -5.50 3.37
CA PHE A 359 24.17 -5.77 2.86
C PHE A 359 24.75 -7.01 3.53
N ARG A 360 24.54 -7.16 4.84
CA ARG A 360 25.06 -8.32 5.54
C ARG A 360 24.30 -9.59 5.18
N ASP A 361 23.01 -9.47 4.85
CA ASP A 361 22.22 -10.65 4.51
C ASP A 361 22.77 -11.34 3.26
N SER A 362 23.16 -10.56 2.26
CA SER A 362 23.77 -11.15 1.07
C SER A 362 25.09 -11.81 1.40
N ASN A 363 25.87 -11.21 2.31
CA ASN A 363 27.13 -11.82 2.73
C ASN A 363 26.89 -13.01 3.63
N GLN A 364 25.97 -12.89 4.60
CA GLN A 364 25.72 -13.99 5.52
C GLN A 364 25.11 -15.19 4.81
N ASP A 365 24.17 -14.95 3.88
CA ASP A 365 23.56 -16.05 3.16
C ASP A 365 24.56 -16.75 2.25
N LEU A 366 25.63 -16.04 1.86
CA LEU A 366 26.60 -16.62 0.92
C LEU A 366 27.26 -17.87 1.50
N LEU A 367 27.38 -17.94 2.83
CA LEU A 367 27.97 -19.13 3.45
C LEU A 367 27.14 -20.37 3.17
N GLY A 368 25.81 -20.22 3.18
CA GLY A 368 24.94 -21.37 3.01
C GLY A 368 25.01 -21.99 1.62
N PHE A 369 25.03 -21.15 0.58
CA PHE A 369 24.93 -21.64 -0.79
C PHE A 369 26.26 -21.56 -1.55
N VAL A 370 27.38 -21.31 -0.87
CA VAL A 370 28.65 -21.22 -1.57
C VAL A 370 29.03 -22.57 -2.17
N HIS A 371 28.70 -23.67 -1.49
CA HIS A 371 29.01 -25.00 -2.01
C HIS A 371 28.09 -25.39 -3.15
N GLN A 372 26.88 -24.83 -3.20
CA GLN A 372 25.92 -25.18 -4.25
C GLN A 372 26.19 -24.44 -5.56
N ILE A 373 26.48 -23.15 -5.49
CA ILE A 373 26.71 -22.34 -6.68
C ILE A 373 28.02 -21.55 -6.52
N PRO A 374 29.18 -22.19 -6.66
CA PRO A 374 30.44 -21.45 -6.47
C PRO A 374 30.63 -20.31 -7.45
N GLU A 375 30.16 -20.46 -8.69
CA GLU A 375 30.40 -19.43 -9.69
C GLU A 375 29.53 -18.20 -9.46
N ARG A 376 28.27 -18.41 -9.09
CA ARG A 376 27.37 -17.29 -8.89
C ARG A 376 27.57 -16.66 -7.52
N ALA A 377 28.41 -17.26 -6.68
CA ALA A 377 28.73 -16.65 -5.39
C ALA A 377 29.87 -15.63 -5.54
N ARG A 378 30.80 -15.88 -6.46
CA ARG A 378 31.88 -14.93 -6.69
C ARG A 378 31.37 -13.66 -7.35
N GLU A 379 30.41 -13.79 -8.26
CA GLU A 379 29.81 -12.61 -8.90
C GLU A 379 29.12 -11.74 -7.86
N ARG A 380 28.37 -12.35 -6.94
CA ARG A 380 27.69 -11.59 -5.91
C ARG A 380 28.68 -10.87 -5.00
N LEU A 381 29.81 -11.53 -4.68
CA LEU A 381 30.80 -10.92 -3.80
C LEU A 381 31.39 -9.66 -4.42
N LEU A 382 31.74 -9.73 -5.71
CA LEU A 382 32.33 -8.57 -6.38
C LEU A 382 31.33 -7.43 -6.49
N ASP A 383 30.05 -7.76 -6.74
CA ASP A 383 29.03 -6.73 -6.80
C ASP A 383 28.77 -6.10 -5.44
N LEU A 384 29.00 -6.86 -4.36
CA LEU A 384 28.84 -6.29 -3.03
C LEU A 384 29.96 -5.31 -2.70
N ALA A 385 31.19 -5.67 -3.06
CA ALA A 385 32.32 -4.78 -2.83
C ALA A 385 32.30 -3.58 -3.76
N ALA A 386 31.59 -3.67 -4.89
CA ALA A 386 31.50 -2.54 -5.80
C ALA A 386 30.74 -1.38 -5.17
N THR A 387 29.72 -1.67 -4.37
CA THR A 387 28.95 -0.63 -3.69
C THR A 387 29.65 -0.10 -2.45
N GLN A 388 30.78 -0.68 -2.07
CA GLN A 388 31.50 -0.23 -0.88
C GLN A 388 32.07 1.17 -1.08
N LEU A 389 32.07 1.95 -0.01
CA LEU A 389 32.59 3.31 -0.05
C LEU A 389 34.12 3.29 0.06
N GLU A 390 34.71 4.46 -0.16
CA GLU A 390 36.16 4.58 -0.19
C GLU A 390 36.79 4.49 1.19
N ASP A 391 36.09 4.94 2.23
CA ASP A 391 36.67 4.93 3.57
C ASP A 391 36.64 3.55 4.21
N GLY A 392 35.84 2.64 3.69
CA GLY A 392 35.75 1.31 4.25
C GLY A 392 34.37 0.97 4.78
N SER A 393 33.37 1.75 4.37
CA SER A 393 31.99 1.52 4.77
C SER A 393 31.16 1.06 3.57
N ALA A 394 30.01 0.48 3.87
CA ALA A 394 29.11 -0.02 2.84
C ALA A 394 27.69 0.44 3.14
N TYR A 395 26.90 0.56 2.08
CA TYR A 395 25.49 0.93 2.24
C TYR A 395 24.73 -0.19 2.92
N HIS A 396 23.83 0.18 3.83
CA HIS A 396 23.14 -0.82 4.64
C HIS A 396 22.28 -1.75 3.79
N GLN A 397 21.57 -1.21 2.81
CA GLN A 397 20.67 -1.99 1.99
C GLN A 397 21.29 -2.20 0.61
N TYR A 398 21.32 -3.46 0.17
CA TYR A 398 21.79 -3.82 -1.16
C TYR A 398 20.60 -4.09 -2.06
N GLN A 399 20.70 -3.65 -3.32
CA GLN A 399 19.65 -3.87 -4.30
C GLN A 399 20.18 -4.78 -5.40
N PRO A 400 19.89 -6.08 -5.37
CA PRO A 400 20.43 -6.98 -6.39
C PRO A 400 19.94 -6.69 -7.80
N LEU A 401 18.78 -6.04 -7.95
CA LEU A 401 18.27 -5.74 -9.29
C LEU A 401 19.11 -4.67 -9.97
N THR A 402 19.41 -3.59 -9.27
CA THR A 402 20.24 -2.52 -9.80
C THR A 402 21.72 -2.72 -9.52
N LYS A 403 22.07 -3.73 -8.72
CA LYS A 403 23.46 -4.02 -8.36
C LYS A 403 24.15 -2.80 -7.75
N LYS A 404 23.45 -2.11 -6.86
CA LYS A 404 23.99 -0.93 -6.20
C LYS A 404 23.30 -0.74 -4.86
N GLY A 405 23.92 0.08 -4.02
CA GLY A 405 23.40 0.33 -2.70
C GLY A 405 22.23 1.31 -2.73
N ASN A 406 21.76 1.64 -1.53
CA ASN A 406 20.63 2.55 -1.34
C ASN A 406 21.15 3.81 -0.65
N ASN A 407 21.27 4.90 -1.40
CA ASN A 407 21.76 6.16 -0.83
C ASN A 407 20.79 6.73 0.20
N GLU A 408 19.49 6.49 0.02
CA GLU A 408 18.51 7.01 0.97
C GLU A 408 18.67 6.36 2.34
N ILE A 409 18.91 5.05 2.38
CA ILE A 409 19.09 4.38 3.65
C ILE A 409 20.38 4.83 4.33
N GLY A 410 21.47 4.87 3.58
CA GLY A 410 22.71 5.41 4.10
C GLY A 410 23.79 4.41 4.46
N SER A 411 24.49 4.68 5.56
CA SER A 411 25.67 3.93 5.96
C SER A 411 25.75 3.96 7.48
N ASN A 412 26.96 3.72 8.01
CA ASN A 412 27.28 3.81 9.43
C ASN A 412 26.71 2.64 10.21
N PHE A 413 26.61 1.48 9.58
CA PHE A 413 26.36 0.21 10.27
C PHE A 413 27.70 -0.52 10.29
N ASN A 414 28.46 -0.31 11.37
CA ASN A 414 29.88 -0.66 11.39
C ASN A 414 30.14 -2.15 11.34
N ASP A 415 29.14 -2.99 11.63
CA ASP A 415 29.32 -4.43 11.49
C ASP A 415 29.33 -4.88 10.03
N ASP A 416 28.73 -4.08 9.14
CA ASP A 416 28.61 -4.48 7.74
C ASP A 416 29.95 -4.72 7.04
N PRO A 417 30.97 -3.85 7.18
CA PRO A 417 32.23 -4.11 6.45
C PRO A 417 32.89 -5.44 6.78
N LEU A 418 32.77 -5.93 8.01
CA LEU A 418 33.43 -7.17 8.38
C LEU A 418 32.81 -8.37 7.67
N TRP A 419 31.51 -8.33 7.39
CA TRP A 419 30.85 -9.46 6.75
C TRP A 419 31.41 -9.74 5.36
N LEU A 420 32.01 -8.73 4.72
CA LEU A 420 32.57 -8.95 3.39
C LEU A 420 33.78 -9.87 3.44
N ILE A 421 34.64 -9.68 4.44
CA ILE A 421 35.83 -10.53 4.56
C ILE A 421 35.44 -11.95 4.96
N LEU A 422 34.46 -12.09 5.85
CA LEU A 422 34.00 -13.42 6.25
C LEU A 422 33.43 -14.18 5.07
N ALA A 423 32.63 -13.51 4.23
CA ALA A 423 32.09 -14.15 3.05
C ALA A 423 33.18 -14.43 2.03
N THR A 424 34.16 -13.54 1.91
CA THR A 424 35.25 -13.75 0.96
C THR A 424 36.11 -14.95 1.38
N ALA A 425 36.39 -15.08 2.67
CA ALA A 425 37.14 -16.23 3.15
C ALA A 425 36.35 -17.52 2.92
N ALA A 426 35.03 -17.47 3.16
CA ALA A 426 34.20 -18.66 2.92
C ALA A 426 34.22 -19.06 1.46
N TYR A 427 34.15 -18.08 0.55
CA TYR A 427 34.27 -18.39 -0.88
C TYR A 427 35.65 -18.97 -1.19
N ILE A 428 36.71 -18.40 -0.62
CA ILE A 428 38.05 -18.86 -0.91
C ILE A 428 38.30 -20.24 -0.31
N LYS A 429 37.86 -20.45 0.93
CA LYS A 429 38.04 -21.75 1.57
C LYS A 429 37.30 -22.84 0.80
N GLU A 430 36.09 -22.54 0.32
CA GLU A 430 35.31 -23.52 -0.42
C GLU A 430 35.94 -23.84 -1.76
N THR A 431 36.33 -22.80 -2.51
CA THR A 431 36.80 -22.99 -3.89
C THR A 431 38.31 -23.10 -4.01
N GLY A 432 39.06 -22.48 -3.11
CA GLY A 432 40.51 -22.46 -3.27
C GLY A 432 40.99 -21.51 -4.33
N ASP A 433 40.12 -20.65 -4.86
CA ASP A 433 40.47 -19.71 -5.91
C ASP A 433 40.85 -18.39 -5.27
N TYR A 434 42.12 -18.02 -5.36
CA TYR A 434 42.64 -16.80 -4.76
C TYR A 434 42.66 -15.63 -5.73
N SER A 435 42.24 -15.84 -6.99
CA SER A 435 42.26 -14.77 -7.99
C SER A 435 41.28 -13.65 -7.66
N ILE A 436 40.37 -13.85 -6.72
CA ILE A 436 39.38 -12.83 -6.39
C ILE A 436 40.05 -11.59 -5.81
N LEU A 437 41.13 -11.79 -5.05
CA LEU A 437 41.79 -10.68 -4.36
C LEU A 437 42.53 -9.73 -5.29
N LYS A 438 42.75 -10.13 -6.55
CA LYS A 438 43.51 -9.31 -7.49
C LYS A 438 42.63 -8.55 -8.48
N GLU A 439 41.35 -8.86 -8.57
CA GLU A 439 40.47 -8.18 -9.50
C GLU A 439 40.28 -6.72 -9.09
N GLN A 440 40.08 -5.86 -10.09
CA GLN A 440 39.86 -4.45 -9.85
C GLN A 440 38.41 -4.21 -9.46
N VAL A 441 38.20 -3.59 -8.30
CA VAL A 441 36.87 -3.38 -7.75
C VAL A 441 36.67 -1.88 -7.58
N PRO A 442 35.66 -1.28 -8.22
CA PRO A 442 35.40 0.14 -8.04
C PRO A 442 34.90 0.46 -6.64
N PHE A 443 35.13 1.70 -6.23
CA PHE A 443 34.67 2.21 -4.95
C PHE A 443 33.46 3.11 -5.18
N ASN A 444 32.38 2.85 -4.44
CA ASN A 444 31.12 3.58 -4.57
C ASN A 444 30.58 3.52 -6.00
N ASN A 445 30.77 2.37 -6.66
CA ASN A 445 30.35 2.17 -8.05
C ASN A 445 30.95 3.23 -8.98
N ASP A 446 32.19 3.61 -8.71
CA ASP A 446 32.92 4.58 -9.53
C ASP A 446 34.16 3.92 -10.12
N PRO A 447 34.16 3.60 -11.41
CA PRO A 447 35.32 2.90 -11.99
C PRO A 447 36.62 3.68 -11.92
N SER A 448 36.56 5.01 -11.86
CA SER A 448 37.80 5.79 -11.81
C SER A 448 38.59 5.50 -10.54
N LYS A 449 37.91 5.42 -9.39
CA LYS A 449 38.55 5.13 -8.11
C LYS A 449 38.38 3.64 -7.81
N ALA A 450 39.16 2.82 -8.50
CA ALA A 450 39.11 1.37 -8.36
C ALA A 450 40.46 0.85 -7.88
N ASP A 451 40.41 -0.25 -7.13
CA ASP A 451 41.62 -0.89 -6.64
C ASP A 451 41.35 -2.39 -6.55
N THR A 452 42.25 -3.12 -5.90
CA THR A 452 42.11 -4.56 -5.76
C THR A 452 41.03 -4.90 -4.73
N MET A 453 40.47 -6.12 -4.87
CA MET A 453 39.49 -6.59 -3.91
C MET A 453 40.13 -6.82 -2.54
N PHE A 454 41.41 -7.18 -2.52
CA PHE A 454 42.14 -7.27 -1.24
C PHE A 454 42.23 -5.92 -0.56
N GLU A 455 42.40 -4.85 -1.33
CA GLU A 455 42.38 -3.51 -0.76
C GLU A 455 41.02 -3.19 -0.15
N HIS A 456 39.94 -3.66 -0.78
CA HIS A 456 38.62 -3.52 -0.19
C HIS A 456 38.54 -4.22 1.15
N LEU A 457 39.13 -5.41 1.26
CA LEU A 457 39.17 -6.10 2.55
C LEU A 457 40.05 -5.36 3.54
N THR A 458 41.06 -4.65 3.05
CA THR A 458 41.93 -3.88 3.95
C THR A 458 41.17 -2.71 4.57
N ARG A 459 40.41 -1.97 3.76
CA ARG A 459 39.66 -0.83 4.29
C ARG A 459 38.59 -1.28 5.26
N SER A 460 37.88 -2.37 4.95
CA SER A 460 36.89 -2.91 5.87
C SER A 460 37.54 -3.36 7.16
N PHE A 461 38.71 -3.98 7.07
CA PHE A 461 39.48 -4.32 8.26
C PHE A 461 39.91 -3.06 9.00
N TYR A 462 40.36 -2.05 8.27
CA TYR A 462 40.86 -0.83 8.91
C TYR A 462 39.76 0.18 9.20
N HIS A 463 38.52 -0.09 8.79
CA HIS A 463 37.40 0.71 9.27
C HIS A 463 37.09 0.44 10.73
N VAL A 464 37.56 -0.70 11.26
CA VAL A 464 37.31 -1.05 12.64
C VAL A 464 38.33 -0.38 13.55
N VAL A 465 39.62 -0.49 13.22
CA VAL A 465 40.65 0.10 14.08
C VAL A 465 40.58 1.63 14.03
N ASN A 466 40.26 2.20 12.87
CA ASN A 466 40.16 3.66 12.78
C ASN A 466 38.94 4.21 13.51
N ASN A 467 38.01 3.35 13.94
CA ASN A 467 36.84 3.75 14.71
C ASN A 467 36.77 2.85 15.94
N LEU A 468 37.46 3.25 17.00
CA LEU A 468 37.47 2.50 18.25
C LEU A 468 36.91 3.38 19.37
N GLY A 469 36.28 2.73 20.35
CA GLY A 469 35.69 3.44 21.46
C GLY A 469 36.69 3.72 22.56
N PRO A 470 36.21 4.26 23.69
CA PRO A 470 37.12 4.55 24.81
C PRO A 470 37.82 3.31 25.35
N HIS A 471 37.18 2.15 25.31
CA HIS A 471 37.78 0.92 25.77
C HIS A 471 38.58 0.21 24.69
N GLY A 472 38.67 0.77 23.50
CA GLY A 472 39.32 0.12 22.38
C GLY A 472 38.42 -0.83 21.61
N LEU A 473 37.16 -0.96 22.00
CA LEU A 473 36.21 -1.78 21.26
C LEU A 473 35.75 -1.02 20.01
N PRO A 474 35.27 -1.75 19.00
CA PRO A 474 34.77 -1.07 17.79
C PRO A 474 33.55 -0.21 18.11
N LEU A 475 33.46 0.92 17.41
CA LEU A 475 32.29 1.79 17.56
C LEU A 475 31.09 1.16 16.88
N ILE A 476 29.95 1.15 17.58
CA ILE A 476 28.77 0.46 17.09
C ILE A 476 28.19 1.18 15.88
N GLY A 477 28.24 2.51 15.87
CA GLY A 477 27.61 3.26 14.80
C GLY A 477 26.11 3.32 14.94
N ARG A 478 25.39 3.17 13.83
CA ARG A 478 23.93 3.18 13.89
C ARG A 478 23.39 1.91 14.54
N ALA A 479 23.98 0.77 14.22
CA ALA A 479 23.60 -0.52 14.80
C ALA A 479 24.66 -1.55 14.43
N ASP A 480 24.41 -2.80 14.80
CA ASP A 480 25.26 -3.94 14.47
C ASP A 480 24.38 -4.98 13.76
N TRP A 481 24.85 -6.22 13.68
CA TRP A 481 24.03 -7.28 13.09
C TRP A 481 22.60 -7.25 13.64
N ASN A 482 22.45 -6.98 14.93
CA ASN A 482 21.14 -6.74 15.52
C ASN A 482 20.65 -5.37 15.07
N ASP A 483 19.70 -5.35 14.13
CA ASP A 483 19.23 -4.11 13.54
C ASP A 483 18.37 -3.28 14.48
N CYS A 484 17.94 -3.84 15.61
CA CYS A 484 17.08 -3.12 16.53
C CYS A 484 17.81 -2.62 17.77
N LEU A 485 19.14 -2.77 17.81
CA LEU A 485 19.95 -2.21 18.90
C LEU A 485 20.59 -0.93 18.37
N ASN A 486 19.91 0.19 18.57
CA ASN A 486 20.34 1.50 18.09
C ASN A 486 20.67 2.36 19.31
N LEU A 487 21.96 2.51 19.60
CA LEU A 487 22.42 3.24 20.77
C LEU A 487 22.69 4.71 20.49
N ASN A 488 22.45 5.17 19.26
CA ASN A 488 22.62 6.57 18.91
C ASN A 488 21.33 7.23 18.46
N CYS A 489 20.20 6.52 18.49
CA CYS A 489 18.97 7.04 17.89
C CYS A 489 18.25 8.00 18.82
N PHE A 490 17.79 7.50 19.97
CA PHE A 490 17.04 8.28 20.94
C PHE A 490 15.84 8.97 20.28
N SER A 491 14.92 8.15 19.78
CA SER A 491 13.77 8.62 19.03
C SER A 491 12.54 8.71 19.93
N THR A 492 11.81 9.80 19.81
CA THR A 492 10.55 10.00 20.52
C THR A 492 9.38 10.24 19.58
N VAL A 493 9.59 10.22 18.27
CA VAL A 493 8.56 10.53 17.30
C VAL A 493 8.11 9.23 16.63
N PRO A 494 6.81 8.92 16.63
CA PRO A 494 6.37 7.61 16.13
C PRO A 494 6.69 7.33 14.67
N ASP A 495 6.84 8.36 13.84
CA ASP A 495 6.89 8.17 12.40
C ASP A 495 8.30 8.18 11.81
N GLU A 496 9.32 8.12 12.65
CA GLU A 496 10.70 8.09 12.18
C GLU A 496 11.34 6.74 12.49
N SER A 497 12.10 6.22 11.53
CA SER A 497 12.71 4.91 11.68
C SER A 497 13.87 4.95 12.67
N PHE A 498 13.94 3.94 13.53
CA PHE A 498 15.05 3.83 14.47
C PHE A 498 16.38 3.64 13.77
N GLN A 499 16.36 3.01 12.58
CA GLN A 499 17.61 2.61 11.94
C GLN A 499 18.35 3.80 11.36
N THR A 500 17.64 4.73 10.71
CA THR A 500 18.27 5.84 10.01
C THR A 500 18.25 7.14 10.79
N THR A 501 17.52 7.22 11.90
CA THR A 501 17.47 8.43 12.72
C THR A 501 18.58 8.35 13.76
N THR A 502 19.52 9.29 13.70
CA THR A 502 20.62 9.37 14.65
C THR A 502 20.64 10.76 15.26
N SER A 503 20.58 10.81 16.60
CA SER A 503 20.60 12.07 17.32
C SER A 503 21.88 12.29 18.11
N LYS A 504 22.67 11.25 18.36
CA LYS A 504 23.90 11.35 19.12
C LYS A 504 25.11 11.39 18.19
N ASP A 505 26.25 11.78 18.75
CA ASP A 505 27.46 11.93 17.95
C ASP A 505 28.00 10.57 17.51
N GLY A 506 27.77 9.53 18.29
CA GLY A 506 28.27 8.20 17.94
C GLY A 506 29.74 7.99 18.17
N LYS A 507 30.37 8.79 19.04
CA LYS A 507 31.78 8.66 19.33
C LYS A 507 32.04 8.02 20.69
N VAL A 508 31.02 7.46 21.33
CA VAL A 508 31.18 6.89 22.67
C VAL A 508 30.72 5.44 22.67
N ALA A 509 29.56 5.17 22.08
CA ALA A 509 28.97 3.85 22.17
C ALA A 509 29.77 2.84 21.35
N GLU A 510 30.09 1.71 21.98
CA GLU A 510 30.85 0.63 21.35
C GLU A 510 30.03 -0.66 21.44
N SER A 511 30.47 -1.65 20.68
CA SER A 511 29.82 -2.95 20.66
C SER A 511 30.84 -4.06 20.86
N VAL A 512 30.52 -5.01 21.74
CA VAL A 512 31.38 -6.16 21.96
C VAL A 512 31.13 -7.25 20.92
N MET A 513 29.95 -7.25 20.29
CA MET A 513 29.66 -8.25 19.26
C MET A 513 30.56 -8.09 18.06
N ILE A 514 30.83 -6.83 17.65
CA ILE A 514 31.75 -6.59 16.56
C ILE A 514 33.18 -6.94 16.97
N ALA A 515 33.49 -6.75 18.26
CA ALA A 515 34.82 -7.12 18.77
C ALA A 515 35.06 -8.62 18.61
N GLY A 516 34.09 -9.45 18.99
CA GLY A 516 34.19 -10.87 18.73
C GLY A 516 34.21 -11.17 17.25
N MET A 517 33.45 -10.39 16.47
CA MET A 517 33.53 -10.49 15.02
C MET A 517 34.92 -10.11 14.52
N PHE A 518 35.50 -9.04 15.07
CA PHE A 518 36.78 -8.54 14.58
C PHE A 518 37.89 -9.57 14.77
N VAL A 519 37.92 -10.22 15.94
CA VAL A 519 38.96 -11.23 16.19
C VAL A 519 38.71 -12.47 15.35
N PHE A 520 37.46 -12.93 15.28
CA PHE A 520 37.13 -14.12 14.51
C PHE A 520 37.35 -13.91 13.02
N ILE A 521 36.94 -12.77 12.49
CA ILE A 521 37.06 -12.50 11.07
C ILE A 521 38.48 -12.05 10.75
N GLY A 522 39.07 -11.25 11.64
CA GLY A 522 40.44 -10.80 11.46
C GLY A 522 41.45 -11.93 11.41
N LYS A 523 41.12 -13.08 12.02
CA LYS A 523 41.97 -14.25 11.90
C LYS A 523 42.10 -14.68 10.44
N ASP A 524 41.01 -14.57 9.68
CA ASP A 524 41.05 -14.88 8.25
C ASP A 524 41.76 -13.80 7.45
N TYR A 525 41.85 -12.58 8.00
CA TYR A 525 42.54 -11.50 7.28
C TYR A 525 44.05 -11.66 7.36
N VAL A 526 44.57 -12.11 8.51
CA VAL A 526 46.00 -12.33 8.64
C VAL A 526 46.47 -13.42 7.68
N LYS A 527 45.65 -14.44 7.47
CA LYS A 527 45.98 -15.47 6.50
C LYS A 527 46.02 -14.89 5.09
N LEU A 528 45.08 -14.00 4.76
CA LEU A 528 45.10 -13.36 3.45
C LEU A 528 46.31 -12.45 3.30
N CYS A 529 46.67 -11.73 4.37
CA CYS A 529 47.86 -10.88 4.32
C CYS A 529 49.12 -11.70 4.15
N GLU A 530 49.08 -13.00 4.47
CA GLU A 530 50.23 -13.86 4.26
C GLU A 530 50.26 -14.43 2.85
N TYR A 531 49.10 -14.54 2.19
CA TYR A 531 49.08 -15.09 0.85
C TYR A 531 49.66 -14.13 -0.18
N MET A 532 49.51 -12.82 0.05
CA MET A 532 50.02 -11.80 -0.85
C MET A 532 51.46 -11.40 -0.55
N GLY A 533 52.09 -12.06 0.41
CA GLY A 533 53.46 -11.74 0.77
C GLY A 533 53.63 -10.50 1.61
N LEU A 534 52.54 -9.88 2.07
CA LEU A 534 52.62 -8.68 2.90
C LEU A 534 52.86 -9.10 4.34
N GLU A 535 54.12 -9.46 4.62
CA GLU A 535 54.48 -9.91 5.97
C GLU A 535 54.34 -8.79 6.99
N GLU A 536 54.75 -7.58 6.63
CA GLU A 536 54.63 -6.45 7.56
C GLU A 536 53.17 -6.14 7.85
N GLU A 537 52.31 -6.18 6.83
CA GLU A 537 50.88 -5.94 7.06
C GLU A 537 50.28 -7.02 7.96
N ALA A 538 50.67 -8.28 7.74
CA ALA A 538 50.18 -9.37 8.59
C ALA A 538 50.60 -9.16 10.05
N ARG A 539 51.85 -8.73 10.26
CA ARG A 539 52.31 -8.48 11.62
C ARG A 539 51.52 -7.36 12.28
N LYS A 540 51.30 -6.26 11.57
CA LYS A 540 50.53 -5.15 12.11
C LYS A 540 49.08 -5.55 12.36
N ALA A 541 48.49 -6.29 11.43
CA ALA A 541 47.10 -6.71 11.59
C ALA A 541 46.93 -7.61 12.81
N GLN A 542 47.85 -8.55 13.01
CA GLN A 542 47.77 -9.43 14.17
C GLN A 542 47.95 -8.64 15.46
N GLN A 543 48.76 -7.59 15.44
CA GLN A 543 48.93 -6.75 16.61
C GLN A 543 47.63 -6.06 16.99
N HIS A 544 46.90 -5.55 16.01
CA HIS A 544 45.60 -4.94 16.28
C HIS A 544 44.61 -5.96 16.82
N ILE A 545 44.68 -7.20 16.31
CA ILE A 545 43.79 -8.25 16.78
C ILE A 545 44.11 -8.60 18.23
N ASP A 546 45.39 -8.77 18.55
CA ASP A 546 45.78 -9.09 19.91
C ASP A 546 45.39 -7.98 20.88
N ALA A 547 45.55 -6.72 20.48
CA ALA A 547 45.12 -5.61 21.31
C ALA A 547 43.61 -5.62 21.50
N MET A 548 42.86 -5.93 20.43
CA MET A 548 41.41 -6.03 20.55
C MET A 548 41.02 -7.22 21.43
N LYS A 549 41.72 -8.34 21.30
CA LYS A 549 41.43 -9.51 22.10
C LYS A 549 41.63 -9.23 23.59
N GLU A 550 42.71 -8.54 23.94
CA GLU A 550 42.94 -8.19 25.34
C GLU A 550 41.95 -7.14 25.82
N ALA A 551 41.43 -6.32 24.91
CA ALA A 551 40.37 -5.38 25.28
C ALA A 551 39.07 -6.13 25.58
N ILE A 552 38.83 -7.24 24.87
CA ILE A 552 37.66 -8.07 25.15
C ILE A 552 37.78 -8.69 26.53
N LEU A 553 38.96 -9.22 26.87
CA LEU A 553 39.17 -9.76 28.20
C LEU A 553 39.05 -8.67 29.26
N LYS A 554 39.62 -7.49 29.00
CA LYS A 554 39.67 -6.44 30.01
C LYS A 554 38.30 -5.76 30.20
N TYR A 555 37.57 -5.53 29.12
CA TYR A 555 36.35 -4.74 29.18
C TYR A 555 35.12 -5.45 28.64
N GLY A 556 35.25 -6.59 27.98
CA GLY A 556 34.11 -7.27 27.42
C GLY A 556 33.58 -8.45 28.19
N TYR A 557 34.11 -8.73 29.37
CA TYR A 557 33.70 -9.87 30.18
C TYR A 557 33.01 -9.39 31.45
N ASP A 558 31.91 -10.05 31.81
CA ASP A 558 31.11 -9.67 32.96
C ASP A 558 31.44 -10.45 34.22
N GLY A 559 32.14 -11.58 34.10
CA GLY A 559 32.42 -12.42 35.24
C GLY A 559 31.92 -13.83 35.02
N GLU A 560 30.77 -13.97 34.37
CA GLU A 560 30.23 -15.26 33.98
C GLU A 560 29.92 -15.35 32.50
N TRP A 561 29.64 -14.23 31.83
CA TRP A 561 29.42 -14.22 30.39
C TRP A 561 30.07 -12.96 29.83
N PHE A 562 29.81 -12.68 28.56
CA PHE A 562 30.40 -11.55 27.85
C PHE A 562 29.43 -10.38 27.78
N LEU A 563 29.98 -9.17 27.85
CA LEU A 563 29.18 -7.97 27.68
C LEU A 563 28.64 -7.90 26.25
N ARG A 564 27.52 -7.20 26.10
CA ARG A 564 26.90 -7.04 24.78
C ARG A 564 27.43 -5.81 24.06
N ALA A 565 27.45 -4.67 24.72
CA ALA A 565 27.89 -3.41 24.11
C ALA A 565 28.01 -2.36 25.20
N TYR A 566 28.33 -1.14 24.78
CA TYR A 566 28.32 0.04 25.63
C TYR A 566 27.47 1.10 24.96
N ASP A 567 26.58 1.72 25.72
CA ASP A 567 25.69 2.73 25.15
C ASP A 567 26.38 4.10 25.16
N ASP A 568 25.61 5.13 24.80
CA ASP A 568 26.16 6.48 24.67
C ASP A 568 26.62 7.04 26.00
N PHE A 569 26.13 6.52 27.11
CA PHE A 569 26.49 7.01 28.44
C PHE A 569 27.65 6.24 29.05
N GLY A 570 28.31 5.36 28.29
CA GLY A 570 29.40 4.58 28.83
C GLY A 570 28.98 3.60 29.89
N ARG A 571 27.87 2.89 29.68
CA ARG A 571 27.37 1.91 30.62
C ARG A 571 27.39 0.53 29.99
N LYS A 572 27.60 -0.48 30.83
CA LYS A 572 27.64 -1.86 30.35
C LYS A 572 26.24 -2.29 29.91
N VAL A 573 26.16 -2.86 28.72
CA VAL A 573 24.92 -3.41 28.18
C VAL A 573 25.08 -4.92 28.09
N GLY A 574 24.14 -5.66 28.65
CA GLY A 574 24.23 -7.10 28.70
C GLY A 574 25.05 -7.58 29.87
N SER A 575 24.77 -7.03 31.05
CA SER A 575 25.52 -7.31 32.26
C SER A 575 24.57 -7.56 33.42
N LYS A 576 25.06 -8.29 34.42
CA LYS A 576 24.25 -8.63 35.59
C LYS A 576 23.88 -7.41 36.42
N GLU A 577 24.53 -6.27 36.21
CA GLU A 577 24.13 -5.06 36.93
C GLU A 577 22.81 -4.51 36.40
N ASN A 578 22.50 -4.78 35.14
CA ASN A 578 21.24 -4.32 34.55
C ASN A 578 20.05 -5.03 35.21
N GLU A 579 18.91 -4.33 35.22
CA GLU A 579 17.69 -4.94 35.73
C GLU A 579 17.12 -5.95 34.73
N GLU A 580 17.18 -5.63 33.44
CA GLU A 580 16.69 -6.52 32.40
C GLU A 580 17.73 -6.58 31.28
N GLY A 581 17.68 -7.66 30.51
CA GLY A 581 18.70 -7.91 29.52
C GLY A 581 20.05 -8.18 30.15
N LYS A 582 20.05 -9.00 31.20
CA LYS A 582 21.28 -9.30 31.92
C LYS A 582 22.30 -10.02 31.05
N ILE A 583 21.83 -10.82 30.09
CA ILE A 583 22.72 -11.58 29.22
C ILE A 583 22.08 -11.67 27.84
N PHE A 584 22.90 -11.51 26.81
CA PHE A 584 22.45 -11.60 25.44
C PHE A 584 22.93 -12.91 24.83
N ILE A 585 22.67 -13.10 23.54
CA ILE A 585 23.07 -14.32 22.85
C ILE A 585 24.14 -14.08 21.79
N GLU A 586 24.39 -12.83 21.41
CA GLU A 586 25.30 -12.55 20.29
C GLU A 586 26.75 -12.43 20.73
N SER A 587 26.99 -11.97 21.96
CA SER A 587 28.36 -11.86 22.45
C SER A 587 28.93 -13.22 22.82
N GLN A 588 28.07 -14.15 23.25
CA GLN A 588 28.54 -15.48 23.59
C GLN A 588 28.80 -16.30 22.33
N GLY A 589 28.03 -16.05 21.27
CA GLY A 589 28.19 -16.83 20.06
C GLY A 589 29.53 -16.59 19.38
N PHE A 590 29.94 -15.32 19.29
CA PHE A 590 31.10 -14.99 18.46
C PHE A 590 32.40 -14.94 19.26
N CYS A 591 32.34 -14.50 20.51
CA CYS A 591 33.55 -14.49 21.34
C CYS A 591 34.06 -15.89 21.62
N VAL A 592 33.16 -16.84 21.89
CA VAL A 592 33.59 -18.23 22.04
C VAL A 592 34.04 -18.79 20.69
N MET A 593 33.36 -18.40 19.61
CA MET A 593 33.81 -18.79 18.27
C MET A 593 35.19 -18.23 17.96
N ALA A 594 35.57 -17.13 18.62
CA ALA A 594 36.87 -16.52 18.44
C ALA A 594 37.93 -17.10 19.37
N GLU A 595 37.62 -18.22 20.05
CA GLU A 595 38.57 -18.90 20.93
C GLU A 595 39.05 -18.00 22.06
N ILE A 596 38.15 -17.19 22.61
CA ILE A 596 38.47 -16.26 23.68
C ILE A 596 37.99 -16.87 25.00
N GLY A 597 38.89 -16.94 25.98
CA GLY A 597 38.55 -17.51 27.27
C GLY A 597 38.52 -19.02 27.31
N LEU A 598 39.15 -19.69 26.35
CA LEU A 598 39.13 -21.15 26.34
C LEU A 598 39.95 -21.73 27.48
N GLU A 599 41.18 -21.24 27.65
CA GLU A 599 42.07 -21.80 28.66
C GLU A 599 41.70 -21.36 30.07
N ASP A 600 41.08 -20.19 30.21
CA ASP A 600 40.73 -19.65 31.52
C ASP A 600 39.39 -20.17 32.03
N GLY A 601 38.68 -20.96 31.24
CA GLY A 601 37.34 -21.37 31.60
C GLY A 601 36.27 -20.31 31.39
N LYS A 602 36.62 -19.19 30.74
CA LYS A 602 35.64 -18.14 30.52
C LYS A 602 34.61 -18.52 29.47
N ALA A 603 35.05 -19.22 28.41
CA ALA A 603 34.11 -19.65 27.38
C ALA A 603 33.11 -20.65 27.92
N LEU A 604 33.56 -21.58 28.77
CA LEU A 604 32.66 -22.55 29.37
C LEU A 604 31.65 -21.88 30.28
N LYS A 605 32.09 -20.87 31.03
CA LYS A 605 31.18 -20.17 31.93
C LYS A 605 30.06 -19.48 31.16
N ALA A 606 30.40 -18.86 30.02
CA ALA A 606 29.38 -18.18 29.22
C ALA A 606 28.35 -19.15 28.68
N LEU A 607 28.80 -20.31 28.20
CA LEU A 607 27.87 -21.28 27.63
C LEU A 607 26.98 -21.92 28.70
N ASP A 608 27.51 -22.09 29.91
CA ASP A 608 26.68 -22.60 31.00
C ASP A 608 25.63 -21.58 31.41
N SER A 609 25.92 -20.29 31.23
CA SER A 609 24.95 -19.25 31.52
C SER A 609 23.88 -19.18 30.44
N VAL A 610 24.26 -19.47 29.20
CA VAL A 610 23.29 -19.48 28.10
C VAL A 610 22.24 -20.56 28.34
N LYS A 611 22.69 -21.76 28.74
CA LYS A 611 21.77 -22.84 29.05
C LYS A 611 20.91 -22.50 30.27
N LYS A 612 21.51 -21.90 31.29
CA LYS A 612 20.78 -21.62 32.53
C LYS A 612 19.68 -20.59 32.33
N TYR A 613 19.95 -19.57 31.51
CA TYR A 613 19.06 -18.41 31.44
C TYR A 613 18.29 -18.28 30.15
N LEU A 614 18.87 -18.62 29.00
CA LEU A 614 18.25 -18.33 27.72
C LEU A 614 17.61 -19.55 27.06
N ASP A 615 17.59 -20.71 27.74
CA ASP A 615 17.13 -21.94 27.11
C ASP A 615 15.64 -22.14 27.30
N THR A 616 14.96 -22.50 26.22
CA THR A 616 13.54 -22.82 26.18
C THR A 616 13.37 -24.13 25.42
N PRO A 617 12.23 -24.82 25.61
CA PRO A 617 11.99 -26.06 24.85
C PRO A 617 11.93 -25.85 23.34
N TYR A 618 11.71 -24.63 22.86
CA TYR A 618 11.57 -24.36 21.44
C TYR A 618 12.77 -23.63 20.86
N GLY A 619 13.74 -23.24 21.67
CA GLY A 619 14.92 -22.54 21.20
C GLY A 619 15.53 -21.72 22.32
N LEU A 620 16.41 -20.80 21.92
CA LEU A 620 17.08 -19.91 22.84
C LEU A 620 16.64 -18.47 22.57
N VAL A 621 16.20 -17.79 23.64
CA VAL A 621 15.74 -16.41 23.51
C VAL A 621 16.93 -15.48 23.31
N LEU A 622 16.66 -14.31 22.74
CA LEU A 622 17.73 -13.35 22.46
C LEU A 622 18.41 -12.87 23.74
N GLN A 623 17.62 -12.53 24.75
CA GLN A 623 18.18 -12.01 25.99
C GLN A 623 17.19 -12.28 27.11
N ASN A 624 17.71 -12.27 28.34
CA ASN A 624 16.91 -12.52 29.53
C ASN A 624 17.40 -11.63 30.65
N PRO A 625 16.49 -10.98 31.40
CA PRO A 625 15.03 -10.97 31.23
C PRO A 625 14.59 -10.07 30.07
N ALA A 626 13.35 -10.22 29.61
CA ALA A 626 12.84 -9.38 28.55
C ALA A 626 12.58 -7.96 29.06
N PHE A 627 12.60 -7.01 28.13
CA PHE A 627 12.30 -5.63 28.45
C PHE A 627 10.79 -5.45 28.59
N THR A 628 10.35 -5.07 29.77
CA THR A 628 8.93 -4.90 30.06
C THR A 628 8.45 -3.47 29.87
N ARG A 629 9.33 -2.56 29.44
CA ARG A 629 8.97 -1.18 29.16
C ARG A 629 9.81 -0.70 27.99
N TYR A 630 9.76 0.60 27.73
CA TYR A 630 10.47 1.21 26.61
C TYR A 630 11.75 1.86 27.11
N TYR A 631 12.87 1.51 26.48
CA TYR A 631 14.17 2.09 26.78
C TYR A 631 14.60 2.92 25.56
N ILE A 632 14.63 4.24 25.73
CA ILE A 632 15.02 5.11 24.62
C ILE A 632 16.49 4.92 24.27
N GLU A 633 17.31 4.51 25.23
CA GLU A 633 18.75 4.40 25.00
C GLU A 633 19.12 3.20 24.13
N TYR A 634 18.22 2.25 23.93
CA TYR A 634 18.54 1.04 23.20
C TYR A 634 17.94 0.99 21.80
N GLY A 635 16.82 1.66 21.56
CA GLY A 635 16.26 1.72 20.23
C GLY A 635 15.03 0.86 20.02
N GLU A 636 14.97 0.17 18.87
CA GLU A 636 13.79 -0.58 18.49
C GLU A 636 13.63 -1.88 19.29
N ILE A 637 14.66 -2.31 20.01
CA ILE A 637 14.62 -3.62 20.66
C ILE A 637 13.54 -3.68 21.73
N SER A 638 13.35 -2.58 22.48
CA SER A 638 12.39 -2.57 23.56
C SER A 638 10.97 -2.23 23.11
N THR A 639 10.77 -1.97 21.82
CA THR A 639 9.44 -1.59 21.34
C THR A 639 8.49 -2.78 21.27
N TYR A 640 9.03 -3.98 21.05
CA TYR A 640 8.18 -5.16 20.91
C TYR A 640 7.65 -5.62 22.27
N PRO A 641 6.48 -6.27 22.29
CA PRO A 641 6.04 -6.92 23.51
C PRO A 641 6.96 -8.07 23.87
N PRO A 642 7.06 -8.42 25.15
CA PRO A 642 8.02 -9.43 25.57
C PRO A 642 7.79 -10.77 24.88
N GLY A 643 8.88 -11.42 24.49
CA GLY A 643 8.82 -12.71 23.84
C GLY A 643 8.67 -12.67 22.33
N TYR A 644 8.55 -11.48 21.73
CA TYR A 644 8.32 -11.34 20.31
C TYR A 644 9.45 -10.59 19.65
N LYS A 645 9.92 -11.10 18.52
CA LYS A 645 10.98 -10.49 17.70
C LYS A 645 12.22 -10.31 18.57
N GLU A 646 12.76 -9.10 18.69
CA GLU A 646 14.01 -8.91 19.42
C GLU A 646 13.82 -8.81 20.92
N ASN A 647 12.58 -8.65 21.40
CA ASN A 647 12.32 -8.58 22.83
C ASN A 647 12.22 -9.99 23.40
N ALA A 648 13.39 -10.63 23.53
CA ALA A 648 13.52 -11.98 24.06
C ALA A 648 12.75 -13.01 23.24
N GLY A 649 12.71 -12.80 21.93
CA GLY A 649 12.20 -13.82 21.03
C GLY A 649 13.26 -14.84 20.67
N ILE A 650 12.83 -15.94 20.06
CA ILE A 650 13.75 -17.00 19.64
C ILE A 650 14.15 -16.70 18.21
N PHE A 651 15.31 -16.09 18.03
CA PHE A 651 15.88 -15.85 16.71
C PHE A 651 16.79 -17.03 16.37
N CYS A 652 16.31 -17.89 15.46
CA CYS A 652 17.09 -19.06 15.09
C CYS A 652 18.34 -18.71 14.29
N HIS A 653 18.47 -17.46 13.85
CA HIS A 653 19.70 -17.02 13.18
C HIS A 653 20.89 -17.10 14.11
N ASN A 654 20.75 -16.57 15.34
CA ASN A 654 21.85 -16.55 16.29
C ASN A 654 21.88 -17.78 17.19
N ASN A 655 20.90 -18.68 17.07
CA ASN A 655 20.99 -19.95 17.76
C ASN A 655 22.09 -20.84 17.16
N ALA A 656 22.38 -20.65 15.87
CA ALA A 656 23.44 -21.41 15.23
C ALA A 656 24.81 -21.04 15.78
N TRP A 657 25.00 -19.76 16.14
CA TRP A 657 26.28 -19.34 16.70
C TRP A 657 26.52 -19.98 18.06
N ILE A 658 25.45 -20.20 18.84
CA ILE A 658 25.57 -20.96 20.08
C ILE A 658 25.87 -22.41 19.78
N ILE A 659 25.28 -22.95 18.72
CA ILE A 659 25.57 -24.32 18.32
C ILE A 659 27.05 -24.46 17.94
N CYS A 660 27.56 -23.48 17.19
CA CYS A 660 28.97 -23.51 16.81
C CYS A 660 29.88 -23.32 18.03
N ALA A 661 29.43 -22.50 18.99
CA ALA A 661 30.25 -22.24 20.17
C ALA A 661 30.37 -23.49 21.05
N GLU A 662 29.32 -24.31 21.10
CA GLU A 662 29.39 -25.55 21.88
C GLU A 662 30.36 -26.53 21.28
N THR A 663 30.63 -26.43 19.98
CA THR A 663 31.64 -27.27 19.35
C THR A 663 33.04 -26.89 19.82
N VAL A 664 33.29 -25.58 20.00
CA VAL A 664 34.63 -25.13 20.37
C VAL A 664 35.03 -25.69 21.74
N VAL A 665 34.10 -25.70 22.69
CA VAL A 665 34.40 -26.24 24.01
C VAL A 665 34.39 -27.76 24.01
N GLY A 666 33.78 -28.38 22.99
CA GLY A 666 33.80 -29.82 22.89
C GLY A 666 32.64 -30.51 23.56
N ARG A 667 31.41 -30.02 23.33
CA ARG A 667 30.20 -30.60 23.88
C ARG A 667 29.23 -30.87 22.72
N GLY A 668 29.36 -32.05 22.12
CA GLY A 668 28.48 -32.41 21.01
C GLY A 668 27.07 -32.74 21.44
N ASP A 669 26.90 -33.18 22.68
CA ASP A 669 25.55 -33.45 23.19
C ASP A 669 24.73 -32.16 23.25
N MET A 670 25.33 -31.09 23.76
CA MET A 670 24.61 -29.82 23.85
C MET A 670 24.37 -29.22 22.48
N ALA A 671 25.34 -29.34 21.58
CA ALA A 671 25.23 -28.71 20.27
C ALA A 671 24.09 -29.31 19.45
N PHE A 672 23.96 -30.64 19.48
CA PHE A 672 22.89 -31.29 18.70
C PHE A 672 21.53 -31.10 19.35
N ASP A 673 21.48 -31.02 20.68
CA ASP A 673 20.22 -30.74 21.36
C ASP A 673 19.70 -29.36 20.99
N TYR A 674 20.59 -28.37 20.90
CA TYR A 674 20.20 -27.04 20.46
C TYR A 674 19.71 -27.07 19.01
N TYR A 675 20.39 -27.84 18.16
CA TYR A 675 20.00 -27.92 16.76
C TYR A 675 18.61 -28.53 16.60
N ARG A 676 18.31 -29.58 17.40
CA ARG A 676 17.04 -30.28 17.26
C ARG A 676 15.85 -29.41 17.67
N LYS A 677 16.08 -28.43 18.54
CA LYS A 677 14.98 -27.64 19.07
C LYS A 677 14.32 -26.77 18.00
N ILE A 678 15.08 -26.38 16.99
CA ILE A 678 14.60 -25.46 15.96
C ILE A 678 14.56 -26.07 14.57
N ALA A 679 15.01 -27.32 14.41
CA ALA A 679 14.98 -27.95 13.11
C ALA A 679 13.54 -28.25 12.70
N PRO A 680 13.15 -27.90 11.47
CA PRO A 680 11.75 -28.12 11.06
C PRO A 680 11.29 -29.57 11.17
N ALA A 681 12.14 -30.53 10.84
CA ALA A 681 11.72 -31.93 10.84
C ALA A 681 11.42 -32.44 12.24
N TYR A 682 12.11 -31.93 13.27
CA TYR A 682 11.90 -32.40 14.62
C TYR A 682 10.71 -31.73 15.31
N ILE A 683 10.18 -30.65 14.75
CA ILE A 683 9.03 -29.96 15.30
C ILE A 683 7.79 -30.15 14.44
N GLU A 684 7.81 -31.10 13.49
CA GLU A 684 6.67 -31.33 12.64
C GLU A 684 5.50 -31.93 13.43
N ASP A 685 5.80 -32.66 14.50
CA ASP A 685 4.76 -33.26 15.32
C ASP A 685 4.00 -32.25 16.17
N VAL A 686 4.50 -31.01 16.25
CA VAL A 686 3.83 -29.94 16.98
C VAL A 686 3.44 -28.84 16.00
N SER A 687 3.08 -29.23 14.78
CA SER A 687 2.74 -28.25 13.74
C SER A 687 1.59 -27.35 14.16
N ASP A 688 0.70 -27.85 15.04
CA ASP A 688 -0.36 -27.00 15.55
C ASP A 688 0.18 -25.91 16.46
N ILE A 689 1.36 -26.12 17.02
CA ILE A 689 1.99 -25.10 17.86
C ILE A 689 2.89 -24.19 17.01
N HIS A 690 3.69 -24.79 16.14
CA HIS A 690 4.56 -24.02 15.26
C HIS A 690 3.75 -23.14 14.32
N LYS A 691 2.63 -23.65 13.80
CA LYS A 691 1.63 -22.91 13.06
C LYS A 691 2.11 -22.51 11.66
N LEU A 692 3.39 -22.73 11.37
CA LEU A 692 3.95 -22.38 10.07
C LEU A 692 4.45 -23.64 9.38
N GLU A 693 5.12 -23.44 8.25
CA GLU A 693 5.55 -24.56 7.43
C GLU A 693 6.49 -25.47 8.21
N PRO A 694 6.23 -26.78 8.27
CA PRO A 694 7.11 -27.67 9.04
C PRO A 694 8.28 -28.21 8.22
N TYR A 695 8.54 -27.60 7.06
CA TYR A 695 9.63 -28.05 6.21
C TYR A 695 10.68 -26.99 5.93
N VAL A 696 10.47 -25.75 6.38
CA VAL A 696 11.43 -24.68 6.21
C VAL A 696 11.59 -23.93 7.52
N TYR A 697 12.71 -23.22 7.65
CA TYR A 697 12.98 -22.42 8.84
C TYR A 697 12.15 -21.14 8.82
N ALA A 698 11.92 -20.60 10.02
CA ALA A 698 11.27 -19.31 10.20
C ALA A 698 12.24 -18.36 10.89
N GLN A 699 12.05 -17.07 10.62
CA GLN A 699 12.96 -16.06 11.18
C GLN A 699 12.87 -16.02 12.71
N MET A 700 11.66 -16.07 13.24
CA MET A 700 11.46 -15.86 14.67
C MET A 700 10.39 -16.82 15.20
N VAL A 701 10.68 -17.42 16.36
CA VAL A 701 9.74 -18.24 17.10
C VAL A 701 9.47 -17.55 18.42
N ALA A 702 8.20 -17.53 18.83
CA ALA A 702 7.83 -16.84 20.06
C ALA A 702 8.54 -17.47 21.26
N GLY A 703 9.03 -16.61 22.16
CA GLY A 703 9.82 -17.06 23.28
C GLY A 703 8.98 -17.40 24.50
N LYS A 704 9.69 -17.70 25.59
CA LYS A 704 9.04 -18.13 26.83
C LYS A 704 8.19 -17.04 27.47
N ASP A 705 8.46 -15.77 27.16
CA ASP A 705 7.73 -14.66 27.75
C ASP A 705 6.44 -14.32 27.01
N ALA A 706 6.15 -15.03 25.93
CA ALA A 706 4.94 -14.78 25.16
C ALA A 706 3.82 -15.73 25.57
N LYS A 707 2.59 -15.36 25.21
CA LYS A 707 1.45 -16.24 25.40
C LYS A 707 1.33 -17.28 24.30
N ARG A 708 2.06 -17.11 23.20
CA ARG A 708 2.06 -18.04 22.07
C ARG A 708 3.41 -18.71 21.91
N HIS A 709 4.03 -19.10 23.04
CA HIS A 709 5.36 -19.68 23.03
C HIS A 709 5.43 -20.89 22.12
N GLY A 710 6.36 -20.84 21.17
CA GLY A 710 6.52 -21.88 20.17
C GLY A 710 5.97 -21.54 18.80
N GLU A 711 5.22 -20.44 18.68
CA GLU A 711 4.66 -20.05 17.40
C GLU A 711 5.66 -19.25 16.58
N ALA A 712 5.75 -19.58 15.29
CA ALA A 712 6.72 -18.96 14.40
C ALA A 712 6.10 -17.79 13.65
N LYS A 713 6.98 -16.94 13.11
CA LYS A 713 6.59 -15.82 12.27
C LYS A 713 7.68 -15.57 11.25
N ASN A 714 7.30 -14.98 10.12
CA ASN A 714 8.22 -14.57 9.05
C ASN A 714 9.05 -15.77 8.56
N SER A 715 8.35 -16.74 8.00
CA SER A 715 9.01 -17.94 7.51
C SER A 715 9.48 -17.74 6.06
N TRP A 716 10.25 -18.72 5.59
CA TRP A 716 10.64 -18.96 4.20
C TRP A 716 11.69 -18.00 3.68
N LEU A 717 12.04 -16.93 4.40
CA LEU A 717 12.96 -15.92 3.86
C LEU A 717 13.76 -15.34 5.04
N THR A 718 14.94 -15.92 5.27
CA THR A 718 15.79 -15.50 6.38
C THR A 718 17.18 -16.09 6.17
N GLY A 719 18.13 -15.56 6.93
CA GLY A 719 19.47 -16.12 6.98
C GLY A 719 19.62 -17.28 7.93
N THR A 720 18.52 -17.70 8.55
CA THR A 720 18.54 -18.83 9.46
C THR A 720 18.95 -20.12 8.75
N ALA A 721 18.46 -20.31 7.52
CA ALA A 721 18.78 -21.54 6.79
C ALA A 721 20.27 -21.67 6.53
N ALA A 722 20.93 -20.56 6.19
CA ALA A 722 22.35 -20.63 5.85
C ALA A 722 23.20 -20.95 7.07
N TRP A 723 22.95 -20.29 8.19
CA TRP A 723 23.79 -20.47 9.36
C TRP A 723 23.52 -21.82 10.04
N ASN A 724 22.26 -22.25 10.08
CA ASN A 724 21.95 -23.54 10.70
C ASN A 724 22.51 -24.70 9.88
N PHE A 725 22.62 -24.51 8.57
CA PHE A 725 23.28 -25.53 7.75
C PHE A 725 24.78 -25.56 8.04
N VAL A 726 25.41 -24.39 8.19
CA VAL A 726 26.83 -24.35 8.49
C VAL A 726 27.10 -24.95 9.86
N ALA A 727 26.21 -24.71 10.82
CA ALA A 727 26.40 -25.23 12.17
C ALA A 727 26.40 -26.76 12.18
N ILE A 728 25.49 -27.38 11.43
CA ILE A 728 25.37 -28.84 11.47
C ILE A 728 26.33 -29.49 10.50
N SER A 729 26.48 -28.92 9.30
CA SER A 729 27.30 -29.57 8.28
C SER A 729 28.79 -29.41 8.55
N GLN A 730 29.19 -28.27 9.11
CA GLN A 730 30.61 -27.98 9.30
C GLN A 730 31.07 -28.13 10.74
N TRP A 731 30.33 -27.57 11.71
CA TRP A 731 30.80 -27.57 13.08
C TRP A 731 30.40 -28.83 13.86
N ILE A 732 29.23 -29.40 13.56
CA ILE A 732 28.82 -30.63 14.22
C ILE A 732 29.33 -31.87 13.48
N LEU A 733 29.06 -31.95 12.18
CA LEU A 733 29.52 -33.10 11.41
C LEU A 733 31.01 -33.04 11.12
N GLY A 734 31.63 -31.87 11.26
CA GLY A 734 33.08 -31.74 11.20
C GLY A 734 33.67 -31.59 9.82
N VAL A 735 32.85 -31.42 8.78
CA VAL A 735 33.35 -31.26 7.42
C VAL A 735 33.51 -29.76 7.17
N LYS A 736 34.69 -29.23 7.50
CA LYS A 736 34.96 -27.80 7.41
C LYS A 736 35.90 -27.50 6.26
N PRO A 737 35.48 -26.66 5.30
CA PRO A 737 36.44 -26.18 4.31
C PRO A 737 37.53 -25.36 4.96
N ASP A 738 38.75 -25.51 4.46
CA ASP A 738 39.91 -24.79 4.96
C ASP A 738 40.70 -24.26 3.76
N TYR A 739 41.66 -23.38 4.05
CA TYR A 739 42.44 -22.77 2.98
C TYR A 739 43.25 -23.81 2.22
N ASP A 740 43.86 -24.75 2.94
CA ASP A 740 44.73 -25.75 2.33
C ASP A 740 44.00 -27.03 1.93
N GLY A 741 42.73 -27.18 2.28
CA GLY A 741 42.00 -28.37 1.93
C GLY A 741 40.75 -28.52 2.80
N LEU A 742 40.28 -29.77 2.89
CA LEU A 742 39.10 -30.12 3.65
C LEU A 742 39.51 -30.57 5.05
N LYS A 743 38.98 -29.91 6.08
CA LYS A 743 39.33 -30.22 7.45
C LYS A 743 38.25 -31.09 8.09
N ILE A 744 38.68 -32.08 8.86
CA ILE A 744 37.77 -32.99 9.56
C ILE A 744 37.93 -32.75 11.06
N ASP A 745 36.84 -32.37 11.72
CA ASP A 745 36.85 -32.14 13.16
C ASP A 745 35.43 -32.22 13.72
N PRO A 746 34.85 -33.41 13.80
CA PRO A 746 33.46 -33.52 14.28
C PRO A 746 33.34 -33.27 15.77
N CYS A 747 32.14 -32.84 16.17
CA CYS A 747 31.75 -32.73 17.57
C CYS A 747 30.32 -33.24 17.65
N ILE A 748 30.17 -34.54 17.87
CA ILE A 748 28.89 -35.22 17.76
C ILE A 748 28.45 -35.70 19.14
N PRO A 749 27.17 -36.04 19.34
CA PRO A 749 26.78 -36.69 20.61
C PRO A 749 27.53 -37.99 20.81
N LYS A 750 27.84 -38.27 22.09
CA LYS A 750 28.65 -39.45 22.41
C LYS A 750 27.94 -40.74 22.01
N ALA A 751 26.63 -40.82 22.23
CA ALA A 751 25.88 -42.05 21.98
C ALA A 751 25.85 -42.45 20.51
N TRP A 752 26.21 -41.54 19.60
CA TRP A 752 26.22 -41.88 18.18
C TRP A 752 27.29 -42.94 17.89
N ASP A 753 26.89 -43.99 17.18
CA ASP A 753 27.86 -44.98 16.74
C ASP A 753 28.69 -44.48 15.57
N GLY A 754 28.11 -43.64 14.73
CA GLY A 754 28.83 -43.12 13.59
C GLY A 754 27.87 -42.60 12.54
N TYR A 755 28.45 -42.14 11.43
CA TYR A 755 27.69 -41.60 10.31
C TYR A 755 28.59 -41.58 9.09
N LYS A 756 27.98 -41.30 7.94
CA LYS A 756 28.70 -41.16 6.68
C LYS A 756 28.25 -39.88 5.98
N VAL A 757 29.22 -39.11 5.49
CA VAL A 757 28.94 -37.87 4.78
C VAL A 757 29.70 -37.90 3.46
N THR A 758 28.98 -37.67 2.36
CA THR A 758 29.59 -37.56 1.04
C THR A 758 29.68 -36.08 0.68
N ARG A 759 30.89 -35.62 0.35
CA ARG A 759 31.15 -34.20 0.17
C ARG A 759 31.82 -33.95 -1.17
N TYR A 760 31.32 -32.97 -1.91
CA TYR A 760 31.95 -32.48 -3.12
C TYR A 760 32.78 -31.25 -2.77
N PHE A 761 34.06 -31.26 -3.16
CA PHE A 761 34.97 -30.22 -2.71
C PHE A 761 36.09 -30.05 -3.73
N ARG A 762 36.10 -28.90 -4.39
CA ARG A 762 37.18 -28.52 -5.32
C ARG A 762 37.36 -29.57 -6.42
N GLY A 763 36.25 -30.02 -6.99
CA GLY A 763 36.29 -30.94 -8.11
C GLY A 763 36.44 -32.40 -7.76
N SER A 764 36.40 -32.75 -6.48
CA SER A 764 36.51 -34.14 -6.06
C SER A 764 35.42 -34.44 -5.03
N THR A 765 35.07 -35.73 -4.94
CA THR A 765 34.05 -36.20 -4.02
C THR A 765 34.72 -36.99 -2.90
N TYR A 766 34.56 -36.51 -1.67
CA TYR A 766 35.10 -37.17 -0.49
C TYR A 766 33.97 -37.94 0.21
N GLU A 767 34.08 -39.26 0.24
CA GLU A 767 33.13 -40.11 0.94
C GLU A 767 33.70 -40.41 2.31
N ILE A 768 33.30 -39.61 3.30
CA ILE A 768 33.90 -39.64 4.64
C ILE A 768 33.01 -40.48 5.54
N THR A 769 33.60 -41.51 6.14
CA THR A 769 32.92 -42.35 7.12
C THR A 769 33.51 -42.08 8.49
N VAL A 770 32.68 -41.63 9.42
CA VAL A 770 33.09 -41.33 10.78
C VAL A 770 32.50 -42.38 11.70
N LYS A 771 33.35 -43.10 12.42
CA LYS A 771 32.92 -44.11 13.37
C LYS A 771 33.41 -43.76 14.77
N ASN A 772 32.62 -44.15 15.76
CA ASN A 772 32.85 -43.77 17.16
C ASN A 772 32.88 -45.02 18.03
N PRO A 773 33.98 -45.77 17.98
CA PRO A 773 34.05 -46.99 18.82
C PRO A 773 34.04 -46.67 20.30
N ASN A 774 34.92 -45.79 20.76
CA ASN A 774 34.84 -45.23 22.10
C ASN A 774 33.98 -43.98 22.03
N HIS A 775 32.87 -43.98 22.76
CA HIS A 775 31.83 -42.95 22.61
C HIS A 775 32.33 -41.64 23.18
N VAL A 776 32.90 -40.81 22.30
CA VAL A 776 33.43 -39.50 22.67
C VAL A 776 32.79 -38.46 21.75
N SER A 777 32.78 -37.21 22.22
CA SER A 777 32.17 -36.14 21.45
C SER A 777 33.15 -35.54 20.44
N LYS A 778 34.35 -35.19 20.90
CA LYS A 778 35.33 -34.51 20.07
C LYS A 778 36.68 -35.19 20.20
N GLY A 779 37.50 -35.04 19.17
CA GLY A 779 38.84 -35.61 19.16
C GLY A 779 39.03 -36.66 18.10
N VAL A 780 39.94 -36.43 17.17
CA VAL A 780 40.23 -37.36 16.09
C VAL A 780 41.54 -38.08 16.41
N ALA A 781 41.50 -39.41 16.40
CA ALA A 781 42.68 -40.22 16.67
C ALA A 781 43.38 -40.71 15.40
N LYS A 782 42.63 -40.91 14.32
CA LYS A 782 43.21 -41.43 13.08
C LYS A 782 42.32 -41.02 11.91
N ILE A 783 42.95 -40.69 10.79
CA ILE A 783 42.27 -40.41 9.53
C ILE A 783 42.97 -41.19 8.44
N THR A 784 42.21 -41.96 7.66
CA THR A 784 42.74 -42.75 6.56
C THR A 784 42.08 -42.29 5.27
N VAL A 785 42.90 -41.99 4.27
CA VAL A 785 42.43 -41.54 2.96
C VAL A 785 42.93 -42.55 1.92
N ASP A 786 41.98 -43.19 1.23
CA ASP A 786 42.28 -44.16 0.18
C ASP A 786 43.17 -45.29 0.69
N GLY A 787 42.93 -45.71 1.93
CA GLY A 787 43.65 -46.82 2.53
C GLY A 787 45.01 -46.49 3.10
N ASN A 788 45.44 -45.23 3.04
CA ASN A 788 46.74 -44.82 3.56
C ASN A 788 46.54 -43.76 4.64
N GLU A 789 47.27 -43.92 5.74
CA GLU A 789 47.18 -42.98 6.85
C GLU A 789 47.76 -41.62 6.45
N ILE A 790 47.19 -40.56 7.04
CA ILE A 790 47.63 -39.20 6.78
C ILE A 790 47.92 -38.52 8.11
N SER A 791 48.68 -37.44 8.05
CA SER A 791 49.05 -36.66 9.22
C SER A 791 48.17 -35.42 9.32
N GLY A 792 47.75 -35.09 10.54
CA GLY A 792 46.88 -33.95 10.74
C GLY A 792 45.43 -34.29 10.42
N ASN A 793 44.62 -33.24 10.33
CA ASN A 793 43.19 -33.38 10.06
C ASN A 793 42.78 -32.53 8.86
N ILE A 794 43.67 -32.43 7.86
CA ILE A 794 43.39 -31.73 6.62
C ILE A 794 43.52 -32.71 5.48
N LEU A 795 42.42 -32.97 4.77
CA LEU A 795 42.45 -33.91 3.67
C LEU A 795 43.11 -33.28 2.45
N PRO A 796 43.93 -34.04 1.72
CA PRO A 796 44.57 -33.49 0.52
C PRO A 796 43.56 -33.15 -0.55
N VAL A 797 43.90 -32.15 -1.36
CA VAL A 797 43.05 -31.71 -2.47
C VAL A 797 43.51 -32.43 -3.73
N PHE A 798 42.61 -33.20 -4.33
CA PHE A 798 42.92 -34.00 -5.51
C PHE A 798 42.51 -33.32 -6.80
N ASN A 799 41.26 -32.84 -6.87
CA ASN A 799 40.73 -32.15 -8.06
C ASN A 799 40.87 -33.03 -9.31
N ASP A 800 40.41 -34.27 -9.20
CA ASP A 800 40.50 -35.22 -10.32
C ASP A 800 39.15 -35.80 -10.70
N GLY A 801 38.06 -35.36 -10.10
CA GLY A 801 36.74 -35.88 -10.44
C GLY A 801 36.54 -37.34 -10.09
N LYS A 802 37.01 -37.77 -8.92
CA LYS A 802 36.89 -39.14 -8.47
C LYS A 802 36.32 -39.16 -7.06
N THR A 803 36.16 -40.36 -6.50
CA THR A 803 35.65 -40.56 -5.16
C THR A 803 36.74 -41.16 -4.29
N HIS A 804 36.96 -40.57 -3.13
CA HIS A 804 37.99 -41.01 -2.19
C HIS A 804 37.32 -41.42 -0.89
N LYS A 805 37.59 -42.64 -0.44
CA LYS A 805 37.03 -43.13 0.81
C LYS A 805 37.86 -42.61 1.97
N VAL A 806 37.22 -41.84 2.84
CA VAL A 806 37.89 -41.22 3.99
C VAL A 806 37.37 -41.90 5.25
N GLU A 807 38.26 -42.57 5.97
CA GLU A 807 37.92 -43.26 7.20
C GLU A 807 38.43 -42.46 8.39
N VAL A 808 37.52 -42.11 9.30
CA VAL A 808 37.84 -41.27 10.44
C VAL A 808 37.50 -42.04 11.72
N ILE A 809 38.46 -42.13 12.63
CA ILE A 809 38.27 -42.78 13.92
C ILE A 809 38.43 -41.73 15.01
N LEU A 810 37.46 -41.66 15.90
CA LEU A 810 37.52 -40.72 17.02
C LEU A 810 38.23 -41.32 18.21
N MET B 1 -33.50 3.91 -14.69
CA MET B 1 -33.91 3.14 -13.52
C MET B 1 -33.24 3.70 -12.27
N GLU B 2 -34.01 3.85 -11.19
CA GLU B 2 -33.54 4.49 -9.98
C GLU B 2 -33.60 3.49 -8.82
N PHE B 3 -32.79 3.77 -7.80
CA PHE B 3 -32.67 2.92 -6.63
C PHE B 3 -33.09 3.63 -5.35
N GLY B 4 -33.78 4.75 -5.47
CA GLY B 4 -34.20 5.49 -4.29
C GLY B 4 -34.88 6.78 -4.70
N PHE B 5 -35.10 7.64 -3.71
CA PHE B 5 -35.77 8.91 -3.96
C PHE B 5 -35.18 9.98 -3.04
N PHE B 6 -35.37 11.23 -3.44
CA PHE B 6 -34.93 12.38 -2.66
C PHE B 6 -36.00 12.71 -1.62
N ASP B 7 -35.60 12.83 -0.37
CA ASP B 7 -36.48 13.27 0.71
C ASP B 7 -36.08 14.70 1.05
N ASP B 8 -36.66 15.66 0.31
CA ASP B 8 -36.26 17.06 0.46
C ASP B 8 -36.68 17.63 1.81
N ALA B 9 -37.78 17.13 2.38
CA ALA B 9 -38.20 17.61 3.69
C ALA B 9 -37.18 17.25 4.76
N ASN B 10 -36.63 16.05 4.71
CA ASN B 10 -35.62 15.60 5.65
C ASN B 10 -34.20 15.81 5.16
N LYS B 11 -34.02 16.37 3.96
CA LYS B 11 -32.72 16.61 3.36
C LYS B 11 -31.90 15.32 3.30
N GLU B 12 -32.56 14.25 2.86
CA GLU B 12 -31.95 12.93 2.78
C GLU B 12 -32.16 12.34 1.40
N TYR B 13 -31.27 11.43 1.03
CA TYR B 13 -31.52 10.50 -0.06
C TYR B 13 -31.81 9.13 0.54
N VAL B 14 -32.97 8.57 0.19
CA VAL B 14 -33.42 7.31 0.74
C VAL B 14 -33.08 6.21 -0.27
N ILE B 15 -32.33 5.21 0.18
CA ILE B 15 -31.96 4.07 -0.66
C ILE B 15 -32.86 2.90 -0.27
N THR B 16 -33.55 2.34 -1.27
CA THR B 16 -34.55 1.31 -1.01
C THR B 16 -34.07 -0.09 -1.33
N VAL B 17 -32.98 -0.25 -2.06
CA VAL B 17 -32.43 -1.58 -2.34
C VAL B 17 -30.97 -1.61 -1.92
N PRO B 18 -30.51 -2.68 -1.28
CA PRO B 18 -29.10 -2.75 -0.86
C PRO B 18 -28.15 -2.98 -2.02
N ARG B 19 -28.62 -3.67 -3.06
CA ARG B 19 -27.79 -3.98 -4.22
C ARG B 19 -27.80 -2.78 -5.16
N THR B 20 -27.07 -1.77 -4.75
CA THR B 20 -26.83 -0.51 -5.45
C THR B 20 -25.74 -0.72 -6.50
N PRO B 21 -25.78 0.02 -7.62
CA PRO B 21 -24.75 -0.17 -8.65
C PRO B 21 -23.32 -0.01 -8.15
N TYR B 22 -23.11 0.80 -7.12
CA TYR B 22 -21.83 0.91 -6.44
C TYR B 22 -22.11 1.35 -5.02
N PRO B 23 -21.23 1.02 -4.08
CA PRO B 23 -21.42 1.52 -2.70
C PRO B 23 -21.48 3.04 -2.68
N TRP B 24 -22.65 3.56 -2.29
CA TRP B 24 -22.89 4.98 -2.18
C TRP B 24 -22.59 5.42 -0.75
N ILE B 25 -21.62 6.32 -0.60
CA ILE B 25 -21.05 6.62 0.70
C ILE B 25 -21.50 8.00 1.17
N ASN B 26 -21.33 8.24 2.47
CA ASN B 26 -21.58 9.52 3.09
C ASN B 26 -20.35 9.90 3.90
N TYR B 27 -20.36 11.12 4.44
CA TYR B 27 -19.25 11.62 5.24
C TYR B 27 -19.76 12.12 6.58
N LEU B 28 -19.11 11.71 7.65
CA LEU B 28 -19.40 12.19 8.99
C LEU B 28 -18.17 12.87 9.57
N GLY B 29 -18.40 13.87 10.42
CA GLY B 29 -17.30 14.60 11.02
C GLY B 29 -17.12 15.99 10.45
N THR B 30 -16.70 16.93 11.29
CA THR B 30 -16.57 18.32 10.87
C THR B 30 -15.20 18.93 11.14
N GLU B 31 -14.55 18.59 12.25
CA GLU B 31 -13.33 19.28 12.64
C GLU B 31 -12.10 18.38 12.61
N ASN B 32 -12.07 17.30 13.36
CA ASN B 32 -10.86 16.48 13.42
C ASN B 32 -11.13 15.00 13.18
N PHE B 33 -12.23 14.46 13.71
CA PHE B 33 -12.60 13.07 13.50
C PHE B 33 -13.47 12.97 12.25
N PHE B 34 -13.06 12.12 11.32
CA PHE B 34 -13.79 11.91 10.08
C PHE B 34 -13.94 10.43 9.82
N SER B 35 -15.06 10.05 9.22
CA SER B 35 -15.33 8.64 8.93
C SER B 35 -16.11 8.53 7.63
N LEU B 36 -15.85 7.44 6.91
CA LEU B 36 -16.56 7.11 5.70
C LEU B 36 -17.55 5.99 5.98
N ILE B 37 -18.74 6.08 5.40
CA ILE B 37 -19.77 5.07 5.62
C ILE B 37 -20.61 4.94 4.36
N SER B 38 -20.87 3.70 3.95
CA SER B 38 -21.70 3.41 2.79
C SER B 38 -23.09 2.94 3.23
N ASN B 39 -23.93 2.62 2.25
CA ASN B 39 -25.29 2.19 2.55
C ASN B 39 -25.36 0.82 3.20
N THR B 40 -24.28 0.03 3.14
CA THR B 40 -24.20 -1.26 3.81
C THR B 40 -23.36 -1.19 5.08
N ALA B 41 -23.10 0.02 5.59
CA ALA B 41 -22.35 0.24 6.83
C ALA B 41 -20.88 -0.13 6.69
N GLY B 42 -20.32 0.11 5.50
CA GLY B 42 -18.90 -0.06 5.28
C GLY B 42 -18.13 1.20 5.65
N GLY B 43 -16.86 1.20 5.27
CA GLY B 43 -16.01 2.37 5.48
C GLY B 43 -15.14 2.25 6.72
N TYR B 44 -14.43 3.34 7.00
CA TYR B 44 -13.49 3.39 8.11
C TYR B 44 -13.50 4.78 8.72
N CYS B 45 -12.71 4.95 9.78
CA CYS B 45 -12.58 6.21 10.49
C CYS B 45 -11.10 6.55 10.65
N PHE B 46 -10.84 7.85 10.86
CA PHE B 46 -9.48 8.32 11.10
C PHE B 46 -9.56 9.66 11.83
N TYR B 47 -8.42 10.08 12.35
CA TYR B 47 -8.29 11.33 13.09
C TYR B 47 -7.33 12.25 12.34
N ARG B 48 -7.89 13.21 11.59
CA ARG B 48 -7.14 14.29 10.97
C ARG B 48 -6.21 13.81 9.86
N ASP B 49 -6.09 12.50 9.66
CA ASP B 49 -5.09 11.98 8.74
C ASP B 49 -5.49 10.56 8.35
N ALA B 50 -5.83 10.37 7.08
CA ALA B 50 -6.13 9.03 6.57
C ALA B 50 -4.87 8.22 6.30
N ARG B 51 -3.70 8.82 6.47
CA ARG B 51 -2.42 8.16 6.21
C ARG B 51 -1.65 7.82 7.48
N LEU B 52 -1.65 8.70 8.47
CA LEU B 52 -0.83 8.53 9.66
C LEU B 52 -1.64 8.34 10.94
N ARG B 53 -2.96 8.44 10.88
CA ARG B 53 -3.79 8.24 12.06
C ARG B 53 -5.08 7.50 11.71
N ARG B 54 -4.99 6.47 10.88
CA ARG B 54 -6.16 5.69 10.54
C ARG B 54 -6.52 4.74 11.69
N ILE B 55 -7.80 4.69 12.04
CA ILE B 55 -8.27 3.95 13.20
C ILE B 55 -8.85 2.60 12.82
N THR B 56 -9.65 2.54 11.76
CA THR B 56 -10.33 1.32 11.35
C THR B 56 -9.77 0.85 10.01
N ARG B 57 -9.53 -0.45 9.91
CA ARG B 57 -8.99 -1.03 8.69
C ARG B 57 -10.07 -1.13 7.62
N TYR B 58 -9.72 -0.76 6.40
CA TYR B 58 -10.61 -0.90 5.25
C TYR B 58 -9.79 -1.33 4.05
N ARG B 59 -10.36 -2.22 3.24
CA ARG B 59 -9.67 -2.77 2.07
C ARG B 59 -10.32 -2.20 0.82
N TYR B 60 -9.56 -1.42 0.06
CA TYR B 60 -10.02 -0.89 -1.21
C TYR B 60 -9.94 -1.98 -2.28
N ASN B 61 -10.84 -1.90 -3.25
CA ASN B 61 -10.88 -2.82 -4.40
C ASN B 61 -10.96 -4.27 -3.92
N ASN B 62 -11.89 -4.54 -3.02
CA ASN B 62 -12.03 -5.84 -2.40
C ASN B 62 -13.04 -6.71 -3.13
N VAL B 63 -12.90 -8.02 -2.95
CA VAL B 63 -13.83 -9.00 -3.49
C VAL B 63 -14.38 -9.83 -2.34
N PRO B 64 -15.65 -9.64 -1.93
CA PRO B 64 -16.66 -8.71 -2.46
C PRO B 64 -16.35 -7.26 -2.13
N ILE B 65 -17.02 -6.33 -2.82
CA ILE B 65 -16.77 -4.91 -2.60
C ILE B 65 -17.27 -4.49 -1.23
N ASP B 66 -16.59 -3.51 -0.63
CA ASP B 66 -17.05 -2.86 0.60
C ASP B 66 -17.21 -3.84 1.75
N MET B 67 -16.28 -4.79 1.86
CA MET B 67 -16.23 -5.69 3.01
C MET B 67 -15.35 -5.06 4.07
N GLY B 68 -15.92 -4.86 5.27
CA GLY B 68 -15.21 -4.19 6.33
C GLY B 68 -15.91 -2.93 6.76
N GLY B 69 -16.35 -2.88 8.01
CA GLY B 69 -17.07 -1.72 8.51
C GLY B 69 -17.70 -2.04 9.86
N ARG B 70 -18.63 -1.17 10.24
CA ARG B 70 -19.35 -1.33 11.51
C ARG B 70 -20.44 -2.36 11.31
N TYR B 71 -20.09 -3.63 11.49
CA TYR B 71 -20.97 -4.75 11.19
C TYR B 71 -21.70 -5.20 12.45
N PHE B 72 -23.01 -5.36 12.33
CA PHE B 72 -23.85 -5.87 13.41
C PHE B 72 -24.50 -7.18 12.96
N TYR B 73 -24.51 -8.16 13.85
CA TYR B 73 -25.12 -9.45 13.60
C TYR B 73 -26.24 -9.70 14.59
N ILE B 74 -27.35 -10.24 14.10
CA ILE B 74 -28.48 -10.60 14.94
C ILE B 74 -28.68 -12.10 14.82
N TYR B 75 -28.53 -12.81 15.93
CA TYR B 75 -28.62 -14.27 15.98
C TYR B 75 -29.96 -14.66 16.59
N ASP B 76 -30.68 -15.56 15.93
CA ASP B 76 -32.02 -15.93 16.36
C ASP B 76 -32.23 -17.40 16.06
N ASN B 77 -32.01 -18.25 17.07
CA ASN B 77 -32.29 -19.69 16.98
C ASN B 77 -31.60 -20.33 15.78
N GLY B 78 -30.30 -20.10 15.65
CA GLY B 78 -29.52 -20.68 14.57
C GLY B 78 -29.51 -19.88 13.29
N ASP B 79 -30.24 -18.76 13.23
CA ASP B 79 -30.28 -17.91 12.06
C ASP B 79 -29.67 -16.56 12.41
N PHE B 80 -28.79 -16.06 11.54
CA PHE B 80 -28.14 -14.78 11.75
C PHE B 80 -28.20 -13.95 10.48
N TRP B 81 -28.29 -12.63 10.67
CA TRP B 81 -28.37 -11.69 9.57
C TRP B 81 -27.88 -10.33 10.06
N SER B 82 -27.64 -9.41 9.12
CA SER B 82 -27.14 -8.09 9.43
C SER B 82 -28.14 -7.03 8.96
N PRO B 83 -28.33 -5.95 9.73
CA PRO B 83 -29.32 -4.94 9.35
C PRO B 83 -29.04 -4.27 8.02
N GLY B 84 -27.78 -4.05 7.67
CA GLY B 84 -27.43 -3.46 6.40
C GLY B 84 -27.35 -4.43 5.25
N TRP B 85 -27.84 -5.66 5.46
CA TRP B 85 -27.82 -6.74 4.47
C TRP B 85 -26.40 -7.21 4.19
N SER B 86 -25.41 -6.53 4.76
CA SER B 86 -24.03 -6.92 4.60
C SER B 86 -23.37 -7.03 5.97
N PRO B 87 -22.43 -7.95 6.14
CA PRO B 87 -21.89 -8.90 5.15
C PRO B 87 -22.63 -10.22 5.07
N VAL B 88 -23.68 -10.44 5.87
CA VAL B 88 -24.36 -11.74 5.87
C VAL B 88 -25.04 -12.01 4.53
N LYS B 89 -25.71 -11.00 3.97
CA LYS B 89 -26.38 -11.10 2.67
C LYS B 89 -27.48 -12.16 2.69
N ARG B 90 -28.29 -12.15 3.74
CA ARG B 90 -29.51 -12.94 3.82
C ARG B 90 -30.70 -12.03 3.57
N GLU B 91 -31.64 -12.51 2.76
CA GLU B 91 -32.74 -11.68 2.29
C GLU B 91 -33.57 -11.16 3.46
N LEU B 92 -33.88 -9.87 3.43
CA LEU B 92 -34.64 -9.20 4.49
C LEU B 92 -36.06 -8.91 4.03
N GLU B 93 -36.98 -8.89 4.99
CA GLU B 93 -38.36 -8.52 4.70
C GLU B 93 -38.44 -7.06 4.27
N SER B 94 -37.67 -6.18 4.91
CA SER B 94 -37.65 -4.77 4.57
C SER B 94 -36.24 -4.22 4.81
N TYR B 95 -35.92 -3.15 4.08
CA TYR B 95 -34.60 -2.53 4.18
C TYR B 95 -34.73 -1.06 3.78
N GLU B 96 -33.88 -0.22 4.40
CA GLU B 96 -33.86 1.19 4.07
C GLU B 96 -32.55 1.80 4.54
N CYS B 97 -31.95 2.63 3.68
CA CYS B 97 -30.80 3.44 4.04
C CYS B 97 -31.11 4.90 3.73
N ARG B 98 -30.71 5.79 4.64
CA ARG B 98 -30.99 7.21 4.51
C ARG B 98 -29.70 7.99 4.76
N HIS B 99 -29.14 8.55 3.69
CA HIS B 99 -27.96 9.40 3.78
C HIS B 99 -28.39 10.83 4.02
N GLY B 100 -28.03 11.37 5.20
CA GLY B 100 -28.34 12.73 5.56
C GLY B 100 -27.13 13.63 5.51
N LEU B 101 -27.27 14.80 6.13
CA LEU B 101 -26.18 15.76 6.25
C LEU B 101 -25.42 15.46 7.53
N GLY B 102 -24.31 14.73 7.41
CA GLY B 102 -23.51 14.37 8.56
C GLY B 102 -24.00 13.18 9.33
N TYR B 103 -24.91 12.38 8.78
CA TYR B 103 -25.40 11.19 9.46
C TYR B 103 -25.91 10.20 8.43
N THR B 104 -26.08 8.96 8.88
CA THR B 104 -26.60 7.88 8.05
C THR B 104 -27.47 6.97 8.89
N LYS B 105 -28.64 6.61 8.37
CA LYS B 105 -29.57 5.71 9.03
C LYS B 105 -29.76 4.47 8.17
N ILE B 106 -29.67 3.30 8.79
CA ILE B 106 -29.88 2.02 8.12
C ILE B 106 -30.85 1.20 8.94
N ALA B 107 -31.89 0.68 8.30
CA ALA B 107 -32.90 -0.13 8.95
C ALA B 107 -33.05 -1.46 8.23
N GLY B 108 -33.23 -2.53 9.00
CA GLY B 108 -33.41 -3.86 8.43
C GLY B 108 -34.34 -4.72 9.27
N LYS B 109 -35.15 -5.54 8.60
CA LYS B 109 -36.10 -6.41 9.28
C LYS B 109 -36.04 -7.80 8.66
N ARG B 110 -35.99 -8.82 9.51
CA ARG B 110 -36.03 -10.21 9.06
C ARG B 110 -36.59 -11.08 10.18
N ASN B 111 -37.55 -11.92 9.84
CA ASN B 111 -38.13 -12.90 10.76
C ASN B 111 -38.74 -12.24 12.00
N GLY B 112 -39.35 -11.07 11.82
CA GLY B 112 -40.07 -10.41 12.89
C GLY B 112 -39.26 -9.45 13.73
N ILE B 113 -37.94 -9.43 13.60
CA ILE B 113 -37.07 -8.55 14.36
C ILE B 113 -36.56 -7.45 13.44
N LYS B 114 -36.69 -6.21 13.88
CA LYS B 114 -36.25 -5.05 13.11
C LYS B 114 -35.09 -4.37 13.83
N ALA B 115 -34.09 -3.96 13.07
CA ALA B 115 -32.91 -3.28 13.61
C ALA B 115 -32.69 -1.98 12.85
N GLU B 116 -32.55 -0.88 13.59
CA GLU B 116 -32.25 0.43 13.02
C GLU B 116 -31.01 0.99 13.71
N VAL B 117 -30.04 1.45 12.92
CA VAL B 117 -28.79 2.00 13.44
C VAL B 117 -28.60 3.39 12.84
N THR B 118 -28.23 4.35 13.70
CA THR B 118 -27.92 5.71 13.29
C THR B 118 -26.44 5.96 13.53
N PHE B 119 -25.74 6.41 12.49
CA PHE B 119 -24.31 6.70 12.56
C PHE B 119 -24.09 8.20 12.36
N PHE B 120 -23.32 8.82 13.24
CA PHE B 120 -22.92 10.21 13.05
C PHE B 120 -21.77 10.53 14.00
N VAL B 121 -20.92 11.46 13.57
CA VAL B 121 -19.84 12.00 14.39
C VAL B 121 -20.34 13.29 15.03
N PRO B 122 -20.47 13.36 16.35
CA PRO B 122 -20.97 14.58 16.98
C PRO B 122 -19.97 15.73 16.85
N LEU B 123 -20.49 16.94 17.00
CA LEU B 123 -19.65 18.13 16.96
C LEU B 123 -18.72 18.16 18.17
N ASN B 124 -17.46 18.54 17.93
CA ASN B 124 -16.45 18.68 18.98
C ASN B 124 -16.25 17.37 19.74
N TYR B 125 -16.30 16.26 19.01
CA TYR B 125 -16.18 14.94 19.63
C TYR B 125 -15.27 14.08 18.76
N ASN B 126 -14.33 13.39 19.41
CA ASN B 126 -13.38 12.54 18.70
C ASN B 126 -13.88 11.10 18.59
N GLY B 127 -15.10 10.92 18.11
CA GLY B 127 -15.67 9.60 18.03
C GLY B 127 -16.89 9.55 17.15
N GLU B 128 -17.23 8.33 16.73
CA GLU B 128 -18.42 8.05 15.94
C GLU B 128 -19.42 7.30 16.81
N VAL B 129 -20.65 7.78 16.85
CA VAL B 129 -21.71 7.22 17.69
C VAL B 129 -22.64 6.38 16.83
N GLN B 130 -22.94 5.17 17.29
CA GLN B 130 -23.83 4.25 16.57
C GLN B 130 -24.96 3.86 17.50
N LYS B 131 -26.12 4.50 17.34
CA LYS B 131 -27.30 4.22 18.15
C LYS B 131 -28.12 3.15 17.46
N LEU B 132 -28.31 2.02 18.13
CA LEU B 132 -28.98 0.86 17.56
C LEU B 132 -30.30 0.62 18.28
N ILE B 133 -31.35 0.33 17.51
CA ILE B 133 -32.68 0.05 18.03
C ILE B 133 -33.10 -1.33 17.54
N LEU B 134 -33.52 -2.19 18.46
CA LEU B 134 -34.01 -3.53 18.15
C LEU B 134 -35.46 -3.64 18.59
N LYS B 135 -36.32 -4.13 17.71
CA LYS B 135 -37.75 -4.20 17.96
C LYS B 135 -38.28 -5.57 17.57
N ASN B 136 -39.17 -6.12 18.39
CA ASN B 136 -39.84 -7.39 18.12
C ASN B 136 -41.23 -7.08 17.58
N GLU B 137 -41.42 -7.29 16.28
CA GLU B 137 -42.70 -7.05 15.63
C GLU B 137 -43.53 -8.32 15.43
N GLY B 138 -43.07 -9.45 15.96
CA GLY B 138 -43.78 -10.70 15.82
C GLY B 138 -44.89 -10.83 16.86
N GLN B 139 -45.31 -12.09 17.06
CA GLN B 139 -46.40 -12.39 18.00
C GLN B 139 -46.00 -13.51 18.96
N ASP B 140 -44.73 -13.56 19.36
CA ASP B 140 -44.28 -14.64 20.21
C ASP B 140 -43.06 -14.20 21.02
N LYS B 141 -42.77 -14.98 22.07
CA LYS B 141 -41.60 -14.75 22.89
C LYS B 141 -40.34 -15.16 22.13
N LYS B 142 -39.33 -14.30 22.13
CA LYS B 142 -38.12 -14.53 21.37
C LYS B 142 -36.88 -14.23 22.19
N LYS B 143 -35.81 -15.00 21.94
CA LYS B 143 -34.52 -14.78 22.56
C LYS B 143 -33.48 -14.68 21.44
N ILE B 144 -32.73 -13.57 21.41
CA ILE B 144 -31.79 -13.28 20.34
C ILE B 144 -30.45 -12.91 20.93
N THR B 145 -29.42 -12.95 20.09
CA THR B 145 -28.07 -12.52 20.45
C THR B 145 -27.58 -11.50 19.43
N LEU B 146 -27.12 -10.36 19.92
CA LEU B 146 -26.62 -9.28 19.07
C LEU B 146 -25.10 -9.26 19.09
N PHE B 147 -24.49 -9.21 17.92
CA PHE B 147 -23.05 -9.15 17.76
C PHE B 147 -22.65 -7.84 17.09
N SER B 148 -21.67 -7.15 17.68
CA SER B 148 -21.06 -5.98 17.07
C SER B 148 -19.65 -6.36 16.62
N PHE B 149 -19.11 -5.63 15.65
CA PHE B 149 -17.79 -5.97 15.11
C PHE B 149 -17.20 -4.79 14.37
N ILE B 150 -15.97 -4.42 14.74
CA ILE B 150 -15.13 -3.53 13.95
C ILE B 150 -13.73 -4.13 13.88
N GLU B 151 -12.99 -3.72 12.85
CA GLU B 151 -11.60 -4.16 12.67
C GLU B 151 -10.68 -2.97 12.81
N PHE B 152 -9.64 -3.12 13.63
CA PHE B 152 -8.73 -2.03 13.96
C PHE B 152 -7.63 -1.90 12.92
N CYS B 153 -7.14 -0.66 12.76
CA CYS B 153 -5.96 -0.37 11.97
C CYS B 153 -4.81 -0.01 12.91
N LEU B 154 -3.59 -0.25 12.46
CA LEU B 154 -2.41 -0.09 13.30
C LEU B 154 -1.81 1.30 13.23
N TRP B 155 -2.65 2.31 13.03
CA TRP B 155 -2.39 3.75 13.14
C TRP B 155 -1.59 4.29 11.97
N ASN B 156 -1.06 3.45 11.09
CA ASN B 156 -0.27 3.91 9.95
C ASN B 156 -0.73 3.10 8.75
N ALA B 157 -1.55 3.72 7.90
CA ALA B 157 -2.19 2.99 6.80
C ALA B 157 -1.15 2.29 5.93
N TYR B 158 -0.10 3.02 5.52
CA TYR B 158 0.91 2.41 4.66
C TYR B 158 1.65 1.28 5.39
N ASP B 159 1.91 1.47 6.68
CA ASP B 159 2.63 0.44 7.45
C ASP B 159 1.72 -0.73 7.81
N ASP B 160 0.45 -0.45 8.11
CA ASP B 160 -0.50 -1.50 8.45
C ASP B 160 -0.70 -2.52 7.34
N MET B 161 -0.34 -2.15 6.11
CA MET B 161 -0.70 -2.90 4.92
C MET B 161 0.46 -3.05 3.95
N THR B 162 1.70 -2.83 4.41
CA THR B 162 2.91 -3.26 3.69
C THR B 162 3.96 -3.93 4.56
N ASN B 163 3.92 -3.77 5.88
CA ASN B 163 5.06 -4.09 6.75
C ASN B 163 4.76 -5.21 7.73
N PHE B 164 4.18 -6.31 7.25
CA PHE B 164 3.72 -7.38 8.13
C PHE B 164 4.87 -8.05 8.88
N GLN B 165 6.11 -7.92 8.39
CA GLN B 165 7.24 -8.54 9.07
C GLN B 165 7.47 -7.98 10.46
N ARG B 166 6.96 -6.78 10.75
CA ARG B 166 7.09 -6.16 12.05
C ARG B 166 5.77 -6.05 12.80
N ASN B 167 4.72 -5.57 12.13
CA ASN B 167 3.48 -5.24 12.81
C ASN B 167 2.62 -6.46 13.15
N PHE B 168 2.97 -7.64 12.64
CA PHE B 168 2.24 -8.84 13.04
C PHE B 168 2.51 -9.22 14.49
N SER B 169 3.57 -8.67 15.10
CA SER B 169 3.93 -8.96 16.48
C SER B 169 3.77 -7.74 17.39
N THR B 170 3.09 -6.70 16.92
CA THR B 170 2.93 -5.48 17.70
C THR B 170 1.51 -5.21 18.16
N GLY B 171 0.53 -5.94 17.65
CA GLY B 171 -0.86 -5.74 18.02
C GLY B 171 -1.12 -5.97 19.50
N GLU B 172 -1.79 -5.01 20.14
CA GLU B 172 -2.07 -5.08 21.57
C GLU B 172 -3.47 -4.56 21.84
N VAL B 173 -4.18 -5.21 22.76
CA VAL B 173 -5.52 -4.81 23.14
C VAL B 173 -5.66 -4.87 24.66
N GLU B 174 -6.67 -4.18 25.16
CA GLU B 174 -7.11 -4.28 26.54
C GLU B 174 -8.62 -4.43 26.56
N ILE B 175 -9.11 -5.34 27.40
CA ILE B 175 -10.54 -5.55 27.57
C ILE B 175 -10.87 -5.25 29.03
N GLU B 176 -11.72 -4.25 29.25
CA GLU B 176 -12.13 -3.85 30.58
C GLU B 176 -13.61 -3.47 30.52
N GLY B 177 -14.44 -4.24 31.21
CA GLY B 177 -15.88 -4.01 31.12
C GLY B 177 -16.38 -4.29 29.73
N SER B 178 -17.15 -3.34 29.18
CA SER B 178 -17.73 -3.48 27.85
C SER B 178 -16.93 -2.75 26.78
N VAL B 179 -15.71 -2.31 27.10
CA VAL B 179 -14.88 -1.54 26.19
C VAL B 179 -13.67 -2.37 25.79
N ILE B 180 -13.32 -2.31 24.52
CA ILE B 180 -12.11 -2.94 24.00
C ILE B 180 -11.19 -1.83 23.50
N TYR B 181 -9.99 -1.77 24.07
CA TYR B 181 -9.04 -0.70 23.78
C TYR B 181 -7.95 -1.23 22.86
N HIS B 182 -7.63 -0.45 21.83
CA HIS B 182 -6.55 -0.77 20.92
C HIS B 182 -5.34 0.08 21.27
N LYS B 183 -4.22 -0.57 21.58
CA LYS B 183 -3.05 0.12 22.12
C LYS B 183 -1.78 -0.36 21.44
N THR B 184 -1.83 -0.58 20.13
CA THR B 184 -0.64 -0.98 19.40
C THR B 184 0.42 0.11 19.47
N GLU B 185 1.63 -0.27 19.88
CA GLU B 185 2.78 0.62 20.03
C GLU B 185 2.55 1.73 21.06
N TYR B 186 1.64 1.51 22.01
CA TYR B 186 1.48 2.45 23.11
C TYR B 186 2.58 2.32 24.16
N ARG B 187 3.29 1.19 24.17
CA ARG B 187 4.46 1.00 25.03
C ARG B 187 5.69 1.63 24.44
N GLU B 188 5.50 2.61 23.57
CA GLU B 188 6.49 3.11 22.64
C GLU B 188 6.25 4.61 22.47
N ARG B 189 6.75 5.17 21.38
CA ARG B 189 6.66 6.60 21.14
C ARG B 189 5.23 7.10 20.96
N ARG B 190 4.27 6.22 20.67
CA ARG B 190 2.89 6.64 20.48
C ARG B 190 2.22 6.99 21.81
N ASN B 191 1.35 7.99 21.79
CA ASN B 191 0.64 8.44 22.98
C ASN B 191 -0.87 8.49 22.77
N HIS B 192 -1.39 7.75 21.80
CA HIS B 192 -2.80 7.77 21.45
C HIS B 192 -3.33 6.35 21.32
N TYR B 193 -4.61 6.18 21.62
CA TYR B 193 -5.27 4.88 21.49
C TYR B 193 -6.72 5.09 21.06
N ALA B 194 -7.39 3.98 20.74
CA ALA B 194 -8.77 3.97 20.31
C ALA B 194 -9.54 2.91 21.09
N PHE B 195 -10.85 3.12 21.23
CA PHE B 195 -11.68 2.20 21.99
C PHE B 195 -13.02 1.99 21.30
N TYR B 196 -13.64 0.85 21.60
CA TYR B 196 -14.97 0.50 21.13
C TYR B 196 -15.78 0.04 22.33
N SER B 197 -16.94 0.64 22.54
CA SER B 197 -17.69 0.40 23.77
C SER B 197 -19.18 0.24 23.47
N VAL B 198 -19.90 -0.27 24.47
CA VAL B 198 -21.35 -0.29 24.51
C VAL B 198 -21.80 0.14 25.88
N ASN B 199 -22.99 0.75 25.95
CA ASN B 199 -23.56 1.19 27.22
C ASN B 199 -24.48 0.14 27.82
N ALA B 200 -23.98 -1.09 27.93
CA ALA B 200 -24.75 -2.18 28.49
C ALA B 200 -23.80 -3.31 28.87
N LYS B 201 -24.28 -4.20 29.75
CA LYS B 201 -23.52 -5.37 30.13
C LYS B 201 -23.47 -6.36 28.96
N ILE B 202 -22.28 -6.84 28.65
CA ILE B 202 -22.10 -7.79 27.56
C ILE B 202 -22.01 -9.19 28.13
N SER B 203 -22.35 -10.17 27.29
CA SER B 203 -22.23 -11.58 27.65
C SER B 203 -20.98 -12.23 27.10
N GLY B 204 -20.32 -11.59 26.14
CA GLY B 204 -19.09 -12.11 25.56
C GLY B 204 -18.40 -11.02 24.78
N PHE B 205 -17.20 -11.34 24.30
CA PHE B 205 -16.42 -10.39 23.54
C PHE B 205 -15.39 -11.16 22.71
N ASP B 206 -14.68 -10.43 21.87
CA ASP B 206 -13.57 -10.98 21.11
C ASP B 206 -12.66 -9.85 20.66
N SER B 207 -11.35 -10.07 20.75
CA SER B 207 -10.37 -9.11 20.29
C SER B 207 -9.41 -9.68 19.27
N ASP B 208 -9.44 -10.99 19.03
CA ASP B 208 -8.61 -11.63 18.03
C ASP B 208 -9.47 -11.95 16.81
N ARG B 209 -9.00 -11.56 15.63
CA ARG B 209 -9.77 -11.76 14.41
C ARG B 209 -9.97 -13.24 14.13
N ASP B 210 -8.94 -14.05 14.38
CA ASP B 210 -9.04 -15.49 14.09
C ASP B 210 -10.05 -16.18 15.00
N SER B 211 -10.13 -15.77 16.26
CA SER B 211 -11.04 -16.42 17.20
C SER B 211 -12.49 -16.11 16.86
N PHE B 212 -12.80 -14.84 16.59
CA PHE B 212 -14.19 -14.46 16.34
C PHE B 212 -14.65 -14.92 14.95
N ILE B 213 -13.81 -14.76 13.93
CA ILE B 213 -14.18 -15.05 12.56
C ILE B 213 -13.77 -16.45 12.15
N GLY B 214 -12.50 -16.77 12.30
CA GLY B 214 -11.96 -18.03 11.79
C GLY B 214 -11.02 -17.73 10.64
N LEU B 215 -9.96 -18.53 10.54
CA LEU B 215 -8.95 -18.30 9.51
C LEU B 215 -9.54 -18.46 8.11
N TYR B 216 -10.43 -19.42 7.92
CA TYR B 216 -10.99 -19.74 6.62
C TYR B 216 -12.45 -19.31 6.49
N ASN B 217 -12.89 -18.37 7.33
CA ASN B 217 -14.23 -17.82 7.26
C ASN B 217 -14.17 -16.34 6.93
N GLY B 218 -15.22 -15.84 6.27
CA GLY B 218 -15.33 -14.45 5.92
C GLY B 218 -16.20 -13.69 6.90
N PHE B 219 -16.43 -12.41 6.57
CA PHE B 219 -17.31 -11.58 7.38
C PHE B 219 -18.75 -12.07 7.34
N ASP B 220 -19.14 -12.79 6.29
CA ASP B 220 -20.53 -13.21 6.14
C ASP B 220 -20.96 -14.16 7.24
N ALA B 221 -20.10 -15.13 7.58
CA ALA B 221 -20.43 -16.15 8.57
C ALA B 221 -19.27 -16.34 9.54
N PRO B 222 -19.11 -15.42 10.48
CA PRO B 222 -18.10 -15.62 11.53
C PRO B 222 -18.42 -16.86 12.36
N GLN B 223 -17.37 -17.58 12.77
CA GLN B 223 -17.57 -18.83 13.48
C GLN B 223 -18.23 -18.59 14.84
N ALA B 224 -17.99 -17.43 15.44
CA ALA B 224 -18.61 -17.14 16.74
C ALA B 224 -20.09 -16.82 16.58
N VAL B 225 -20.44 -16.05 15.55
CA VAL B 225 -21.84 -15.73 15.31
C VAL B 225 -22.60 -16.97 14.85
N VAL B 226 -21.94 -17.83 14.05
CA VAL B 226 -22.58 -19.06 13.60
C VAL B 226 -22.95 -19.94 14.79
N ASN B 227 -22.02 -20.09 15.73
CA ASN B 227 -22.29 -20.89 16.93
C ASN B 227 -23.15 -20.16 17.94
N GLY B 228 -23.27 -18.85 17.83
CA GLY B 228 -24.10 -18.07 18.73
C GLY B 228 -23.45 -17.68 20.04
N LYS B 229 -22.15 -17.91 20.20
CA LYS B 229 -21.45 -17.56 21.43
C LYS B 229 -20.14 -16.88 21.08
N SER B 230 -19.66 -16.04 22.00
CA SER B 230 -18.37 -15.38 21.86
C SER B 230 -17.27 -16.22 22.51
N ASN B 231 -16.06 -16.10 21.96
CA ASN B 231 -14.93 -16.90 22.41
C ASN B 231 -14.13 -16.25 23.53
N ASN B 232 -14.40 -14.98 23.84
CA ASN B 232 -13.73 -14.26 24.93
C ASN B 232 -12.20 -14.28 24.76
N SER B 233 -11.75 -14.01 23.55
CA SER B 233 -10.32 -14.07 23.24
C SER B 233 -9.64 -12.72 23.45
N VAL B 234 -8.33 -12.78 23.69
CA VAL B 234 -7.50 -11.60 23.84
C VAL B 234 -6.43 -11.63 22.76
N ALA B 235 -6.28 -10.52 22.05
CA ALA B 235 -5.39 -10.46 20.90
C ALA B 235 -3.93 -10.36 21.35
N ASP B 236 -3.08 -11.19 20.76
CA ASP B 236 -1.63 -11.12 20.94
C ASP B 236 -1.02 -11.03 19.53
N GLY B 237 -0.87 -9.82 19.02
CA GLY B 237 -0.38 -9.63 17.68
C GLY B 237 -1.44 -9.94 16.64
N TRP B 238 -0.96 -10.21 15.42
CA TRP B 238 -1.81 -10.56 14.28
C TRP B 238 -2.78 -9.39 14.04
N ALA B 239 -4.09 -9.63 13.94
CA ALA B 239 -5.03 -8.57 13.64
C ALA B 239 -5.97 -8.33 14.81
N PRO B 240 -5.80 -7.26 15.58
CA PRO B 240 -6.76 -6.95 16.63
C PRO B 240 -8.11 -6.54 16.07
N ILE B 241 -9.17 -6.89 16.80
CA ILE B 241 -10.54 -6.50 16.47
C ILE B 241 -11.25 -6.12 17.76
N ALA B 242 -12.47 -5.62 17.62
CA ALA B 242 -13.35 -5.32 18.74
C ALA B 242 -14.72 -5.88 18.43
N SER B 243 -15.31 -6.57 19.41
CA SER B 243 -16.60 -7.23 19.21
C SER B 243 -17.29 -7.43 20.54
N HIS B 244 -18.56 -7.08 20.61
CA HIS B 244 -19.41 -7.31 21.76
C HIS B 244 -20.49 -8.33 21.42
N SER B 245 -20.96 -9.04 22.45
CA SER B 245 -22.07 -9.97 22.31
C SER B 245 -23.03 -9.77 23.47
N ILE B 246 -24.32 -9.66 23.15
CA ILE B 246 -25.35 -9.39 24.14
C ILE B 246 -26.50 -10.37 23.92
N GLU B 247 -26.96 -11.00 25.01
CA GLU B 247 -28.19 -11.79 24.98
C GLU B 247 -29.38 -10.88 25.25
N ILE B 248 -30.37 -10.93 24.37
CA ILE B 248 -31.55 -10.07 24.47
C ILE B 248 -32.80 -10.94 24.40
N GLU B 249 -33.71 -10.71 25.33
CA GLU B 249 -35.05 -11.28 25.31
C GLU B 249 -36.05 -10.19 24.91
N LEU B 250 -36.85 -10.46 23.89
CA LEU B 250 -37.78 -9.47 23.34
C LEU B 250 -39.19 -10.04 23.34
N ASN B 251 -40.01 -9.56 24.26
CA ASN B 251 -41.43 -9.85 24.27
C ASN B 251 -42.10 -9.17 23.08
N PRO B 252 -43.26 -9.65 22.64
CA PRO B 252 -43.94 -9.01 21.51
C PRO B 252 -44.25 -7.55 21.80
N GLY B 253 -43.99 -6.69 20.81
CA GLY B 253 -44.21 -5.27 20.94
C GLY B 253 -43.21 -4.54 21.80
N GLU B 254 -42.12 -5.18 22.19
CA GLU B 254 -41.12 -4.59 23.08
C GLU B 254 -39.84 -4.32 22.31
N GLN B 255 -39.22 -3.17 22.58
CA GLN B 255 -38.00 -2.76 21.90
C GLN B 255 -36.93 -2.43 22.91
N LYS B 256 -35.68 -2.54 22.47
CA LYS B 256 -34.51 -2.25 23.29
C LYS B 256 -33.52 -1.40 22.50
N GLU B 257 -32.78 -0.56 23.20
CA GLU B 257 -31.87 0.40 22.58
C GLU B 257 -30.46 0.22 23.13
N TYR B 258 -29.47 0.52 22.29
CA TYR B 258 -28.07 0.37 22.64
C TYR B 258 -27.26 1.45 21.94
N VAL B 259 -26.15 1.84 22.56
CA VAL B 259 -25.29 2.90 22.04
C VAL B 259 -23.86 2.37 21.91
N PHE B 260 -23.27 2.55 20.74
CA PHE B 260 -21.91 2.13 20.43
C PHE B 260 -21.07 3.34 20.05
N ILE B 261 -19.83 3.37 20.53
CA ILE B 261 -18.93 4.51 20.31
C ILE B 261 -17.57 3.99 19.87
N ILE B 262 -17.02 4.59 18.81
CA ILE B 262 -15.65 4.36 18.38
C ILE B 262 -14.87 5.64 18.64
N GLY B 263 -14.17 5.70 19.77
CA GLY B 263 -13.51 6.91 20.21
C GLY B 263 -12.03 6.91 19.93
N TYR B 264 -11.44 8.11 20.00
CA TYR B 264 -10.00 8.31 19.84
C TYR B 264 -9.52 9.22 20.96
N VAL B 265 -8.45 8.80 21.63
CA VAL B 265 -7.93 9.51 22.80
C VAL B 265 -6.46 9.79 22.59
N GLU B 266 -6.04 11.03 22.90
CA GLU B 266 -4.65 11.42 22.93
C GLU B 266 -4.25 11.76 24.36
N ASN B 267 -3.05 11.35 24.74
CA ASN B 267 -2.55 11.54 26.10
C ASN B 267 -1.22 12.26 26.09
N LYS B 268 -0.97 13.04 27.13
CA LYS B 268 0.35 13.61 27.33
C LYS B 268 1.32 12.52 27.74
N ASP B 269 2.57 12.64 27.27
CA ASP B 269 3.55 11.58 27.48
C ASP B 269 3.87 11.36 28.96
N GLU B 270 3.66 12.36 29.81
CA GLU B 270 3.91 12.21 31.24
C GLU B 270 2.75 11.56 31.98
N GLU B 271 1.60 11.39 31.33
CA GLU B 271 0.44 10.76 31.94
C GLU B 271 -0.12 9.68 31.03
N LYS B 272 0.76 8.92 30.38
CA LYS B 272 0.34 7.88 29.46
C LYS B 272 -0.12 6.61 30.16
N TRP B 273 0.28 6.38 31.41
CA TRP B 273 0.02 5.14 32.10
C TRP B 273 -0.69 5.40 33.41
N GLU B 274 -1.78 4.67 33.66
CA GLU B 274 -2.38 4.65 34.99
C GLU B 274 -1.57 3.76 35.93
N SER B 275 -0.99 2.69 35.41
CA SER B 275 -0.12 1.80 36.17
C SER B 275 0.83 1.13 35.18
N LYS B 276 1.75 0.34 35.72
CA LYS B 276 2.75 -0.34 34.89
C LYS B 276 2.07 -1.27 33.89
N GLY B 277 2.15 -0.92 32.60
CA GLY B 277 1.54 -1.72 31.56
C GLY B 277 0.05 -1.50 31.38
N VAL B 278 -0.57 -0.64 32.17
CA VAL B 278 -2.01 -0.39 32.12
C VAL B 278 -2.23 1.01 31.55
N ILE B 279 -3.08 1.08 30.51
CA ILE B 279 -3.27 2.33 29.78
C ILE B 279 -4.10 3.30 30.63
N ASN B 280 -3.71 4.56 30.61
CA ASN B 280 -4.52 5.61 31.23
C ASN B 280 -5.80 5.80 30.43
N LYS B 281 -6.94 5.57 31.08
CA LYS B 281 -8.23 5.60 30.40
C LYS B 281 -9.14 6.69 30.94
N LYS B 282 -8.57 7.77 31.49
CA LYS B 282 -9.40 8.75 32.17
C LYS B 282 -10.28 9.53 31.20
N LYS B 283 -9.81 9.75 29.98
CA LYS B 283 -10.61 10.51 29.01
C LYS B 283 -11.51 9.60 28.20
N ALA B 284 -11.13 8.33 28.04
CA ALA B 284 -12.03 7.37 27.42
C ALA B 284 -13.29 7.17 28.25
N TYR B 285 -13.16 7.18 29.58
CA TYR B 285 -14.32 7.09 30.45
C TYR B 285 -15.25 8.29 30.26
N GLU B 286 -14.68 9.49 30.13
CA GLU B 286 -15.49 10.69 29.95
C GLU B 286 -16.15 10.70 28.58
N MET B 287 -15.45 10.23 27.55
CA MET B 287 -16.05 10.15 26.22
C MET B 287 -17.23 9.20 26.20
N ILE B 288 -17.11 8.05 26.87
CA ILE B 288 -18.19 7.07 26.91
C ILE B 288 -19.36 7.61 27.73
N GLU B 289 -19.07 8.24 28.87
CA GLU B 289 -20.13 8.72 29.76
C GLU B 289 -20.91 9.87 29.12
N GLN B 290 -20.34 10.56 28.14
CA GLN B 290 -21.02 11.69 27.53
C GLN B 290 -22.18 11.26 26.64
N PHE B 291 -22.19 10.03 26.16
CA PHE B 291 -23.24 9.52 25.28
C PHE B 291 -23.68 8.13 25.74
N ASN B 292 -23.91 7.97 27.04
CA ASN B 292 -24.33 6.70 27.61
C ASN B 292 -25.84 6.58 27.72
N THR B 293 -26.59 7.59 27.29
CA THR B 293 -28.04 7.53 27.20
C THR B 293 -28.48 7.96 25.81
N VAL B 294 -29.64 7.44 25.38
CA VAL B 294 -30.14 7.77 24.06
C VAL B 294 -30.57 9.24 24.00
N GLU B 295 -31.10 9.78 25.09
CA GLU B 295 -31.45 11.20 25.11
C GLU B 295 -30.23 12.08 24.89
N LYS B 296 -29.06 11.62 25.36
CA LYS B 296 -27.82 12.33 25.05
C LYS B 296 -27.50 12.25 23.57
N VAL B 297 -27.69 11.07 22.96
CA VAL B 297 -27.46 10.91 21.53
C VAL B 297 -28.49 11.70 20.73
N ASP B 298 -29.73 11.73 21.22
CA ASP B 298 -30.77 12.51 20.54
C ASP B 298 -30.45 14.00 20.56
N LYS B 299 -29.97 14.51 21.69
CA LYS B 299 -29.64 15.93 21.80
C LYS B 299 -28.49 16.29 20.87
N ALA B 300 -27.48 15.43 20.78
CA ALA B 300 -26.33 15.72 19.92
C ALA B 300 -26.73 15.60 18.45
N PHE B 301 -27.71 14.76 18.14
CA PHE B 301 -28.18 14.64 16.76
C PHE B 301 -28.85 15.93 16.30
N GLU B 302 -29.60 16.58 17.18
CA GLU B 302 -30.23 17.85 16.82
C GLU B 302 -29.21 18.99 16.77
N GLU B 303 -28.17 18.90 17.59
CA GLU B 303 -27.11 19.91 17.54
C GLU B 303 -26.37 19.88 16.22
N LEU B 304 -26.13 18.68 15.68
CA LEU B 304 -25.50 18.58 14.37
C LEU B 304 -26.47 18.98 13.27
N LYS B 305 -27.77 18.75 13.48
CA LYS B 305 -28.76 19.15 12.49
C LYS B 305 -28.80 20.66 12.30
N SER B 306 -28.74 21.42 13.40
CA SER B 306 -28.76 22.87 13.30
C SER B 306 -27.47 23.39 12.68
N TYR B 307 -26.37 22.66 12.88
CA TYR B 307 -25.08 23.07 12.32
C TYR B 307 -25.13 23.09 10.79
N TRP B 308 -25.74 22.07 10.19
CA TRP B 308 -25.81 22.00 8.74
C TRP B 308 -26.91 22.88 8.18
N ASN B 309 -27.96 23.13 8.96
CA ASN B 309 -29.00 24.05 8.51
C ASN B 309 -28.45 25.47 8.36
N ALA B 310 -27.62 25.91 9.30
CA ALA B 310 -27.04 27.25 9.23
C ALA B 310 -26.06 27.36 8.07
N LEU B 311 -25.36 26.29 7.74
CA LEU B 311 -24.35 26.35 6.68
C LEU B 311 -24.96 26.46 5.28
N LEU B 312 -26.27 26.27 5.14
CA LEU B 312 -26.93 26.35 3.85
C LEU B 312 -27.95 27.48 3.75
N SER B 313 -28.07 28.31 4.79
CA SER B 313 -29.10 29.34 4.82
C SER B 313 -28.65 30.66 4.19
N LYS B 314 -27.42 30.74 3.68
CA LYS B 314 -26.95 31.96 3.05
C LYS B 314 -27.39 32.10 1.60
N TYR B 315 -27.89 31.02 0.99
CA TYR B 315 -28.37 31.06 -0.39
C TYR B 315 -29.59 30.15 -0.49
N PHE B 316 -30.76 30.74 -0.61
CA PHE B 316 -32.01 29.99 -0.69
C PHE B 316 -32.74 30.35 -1.97
N LEU B 317 -33.19 29.33 -2.71
CA LEU B 317 -33.84 29.50 -4.00
C LEU B 317 -35.24 28.92 -3.97
N GLU B 318 -36.20 29.67 -4.49
CA GLU B 318 -37.58 29.23 -4.65
C GLU B 318 -37.94 29.36 -6.12
N SER B 319 -38.00 28.23 -6.83
CA SER B 319 -38.30 28.22 -8.26
C SER B 319 -39.32 27.12 -8.54
N HIS B 320 -39.75 27.05 -9.80
CA HIS B 320 -40.71 26.05 -10.22
C HIS B 320 -40.10 24.66 -10.36
N ASP B 321 -38.79 24.55 -10.53
CA ASP B 321 -38.13 23.27 -10.75
C ASP B 321 -37.76 22.64 -9.42
N GLU B 322 -38.27 21.44 -9.16
CA GLU B 322 -37.98 20.76 -7.91
C GLU B 322 -36.56 20.20 -7.89
N LYS B 323 -36.06 19.76 -9.05
CA LYS B 323 -34.69 19.24 -9.11
C LYS B 323 -33.67 20.36 -8.94
N LEU B 324 -33.95 21.53 -9.51
CA LEU B 324 -33.04 22.66 -9.34
C LEU B 324 -33.03 23.16 -7.90
N ASN B 325 -34.19 23.17 -7.25
CA ASN B 325 -34.28 23.68 -5.89
C ASN B 325 -33.45 22.84 -4.94
N ARG B 326 -33.50 21.51 -5.09
CA ARG B 326 -32.78 20.64 -4.16
C ARG B 326 -31.27 20.71 -4.37
N MET B 327 -30.82 20.90 -5.61
CA MET B 327 -29.39 21.01 -5.86
C MET B 327 -28.82 22.29 -5.25
N VAL B 328 -29.44 23.43 -5.55
CA VAL B 328 -28.90 24.70 -5.09
C VAL B 328 -29.00 24.83 -3.58
N ASN B 329 -30.12 24.40 -3.01
CA ASN B 329 -30.38 24.64 -1.59
C ASN B 329 -29.73 23.63 -0.67
N ILE B 330 -29.54 22.39 -1.12
CA ILE B 330 -29.10 21.34 -0.19
C ILE B 330 -27.77 20.71 -0.64
N TRP B 331 -27.78 20.08 -1.81
CA TRP B 331 -26.73 19.12 -2.13
C TRP B 331 -25.49 19.73 -2.76
N ASN B 332 -25.63 20.81 -3.53
CA ASN B 332 -24.45 21.47 -4.07
C ASN B 332 -23.62 22.10 -2.95
N GLN B 333 -24.30 22.77 -2.01
CA GLN B 333 -23.58 23.43 -0.93
C GLN B 333 -23.10 22.44 0.13
N TYR B 334 -23.72 21.26 0.21
CA TYR B 334 -23.27 20.26 1.16
C TYR B 334 -21.96 19.62 0.71
N GLN B 335 -21.83 19.36 -0.59
CA GLN B 335 -20.58 18.80 -1.11
C GLN B 335 -19.45 19.83 -1.05
N CYS B 336 -19.78 21.12 -1.23
CA CYS B 336 -18.76 22.16 -1.12
C CYS B 336 -18.19 22.23 0.29
N MET B 337 -19.06 22.15 1.30
CA MET B 337 -18.60 22.19 2.69
C MET B 337 -17.81 20.94 3.05
N VAL B 338 -18.25 19.78 2.56
CA VAL B 338 -17.54 18.53 2.84
C VAL B 338 -16.16 18.56 2.21
N THR B 339 -16.06 19.05 0.97
CA THR B 339 -14.79 19.03 0.26
C THR B 339 -13.75 19.93 0.92
N PHE B 340 -14.19 20.92 1.70
CA PHE B 340 -13.23 21.73 2.46
C PHE B 340 -12.71 20.98 3.68
N ASN B 341 -13.59 20.25 4.36
CA ASN B 341 -13.17 19.46 5.51
C ASN B 341 -12.36 18.24 5.09
N MET B 342 -12.65 17.69 3.92
CA MET B 342 -12.03 16.46 3.46
C MET B 342 -10.85 16.69 2.52
N SER B 343 -10.72 17.90 1.97
CA SER B 343 -9.70 18.20 0.96
C SER B 343 -9.75 17.20 -0.17
N ARG B 344 -8.70 16.40 -0.33
CA ARG B 344 -8.67 15.30 -1.29
C ARG B 344 -8.08 14.07 -0.63
N SER B 345 -8.35 13.89 0.67
CA SER B 345 -7.67 12.87 1.44
C SER B 345 -8.29 11.49 1.26
N ALA B 346 -9.55 11.33 1.69
CA ALA B 346 -10.16 10.01 1.80
C ALA B 346 -11.48 9.97 1.05
N SER B 347 -11.63 8.95 0.20
CA SER B 347 -12.89 8.66 -0.48
C SER B 347 -12.89 7.18 -0.81
N TYR B 348 -13.87 6.73 -1.58
CA TYR B 348 -13.84 5.36 -2.09
C TYR B 348 -13.02 5.24 -3.35
N PHE B 349 -12.45 6.34 -3.84
CA PHE B 349 -11.49 6.33 -4.93
C PHE B 349 -10.13 6.89 -4.55
N GLU B 350 -10.05 7.65 -3.46
CA GLU B 350 -8.78 8.10 -2.90
C GLU B 350 -8.48 7.24 -1.68
N SER B 351 -7.35 6.53 -1.72
CA SER B 351 -7.03 5.55 -0.69
C SER B 351 -6.62 6.18 0.63
N GLY B 352 -6.42 7.49 0.68
CA GLY B 352 -5.95 8.13 1.90
C GLY B 352 -4.46 8.07 2.12
N ILE B 353 -3.69 7.69 1.10
CA ILE B 353 -2.24 7.58 1.24
C ILE B 353 -1.53 8.88 0.84
N GLY B 354 -2.16 9.71 0.01
CA GLY B 354 -1.53 10.94 -0.43
C GLY B 354 -1.25 11.90 0.70
N ARG B 355 -0.40 12.89 0.40
CA ARG B 355 0.12 13.79 1.41
C ARG B 355 -0.61 15.13 1.48
N GLY B 356 -1.32 15.51 0.42
CA GLY B 356 -2.01 16.79 0.45
C GLY B 356 -2.80 17.00 -0.82
N MET B 357 -3.30 18.21 -0.97
CA MET B 357 -4.10 18.63 -2.12
C MET B 357 -3.34 19.65 -2.95
N GLY B 358 -3.81 19.87 -4.16
CA GLY B 358 -3.19 20.83 -5.05
C GLY B 358 -3.33 22.25 -4.55
N PHE B 359 -2.38 23.09 -4.93
CA PHE B 359 -2.41 24.50 -4.53
C PHE B 359 -3.61 25.21 -5.14
N ARG B 360 -3.91 24.92 -6.41
CA ARG B 360 -5.04 25.56 -7.05
C ARG B 360 -6.37 25.03 -6.52
N ASP B 361 -6.40 23.77 -6.08
CA ASP B 361 -7.65 23.18 -5.58
C ASP B 361 -8.13 23.92 -4.34
N SER B 362 -7.21 24.28 -3.44
CA SER B 362 -7.59 25.06 -2.28
C SER B 362 -8.09 26.45 -2.68
N ASN B 363 -7.46 27.05 -3.70
CA ASN B 363 -7.92 28.34 -4.18
C ASN B 363 -9.22 28.22 -4.96
N GLN B 364 -9.31 27.23 -5.86
CA GLN B 364 -10.51 27.08 -6.67
C GLN B 364 -11.72 26.72 -5.81
N ASP B 365 -11.54 25.82 -4.84
CA ASP B 365 -12.65 25.43 -3.99
C ASP B 365 -13.11 26.58 -3.11
N LEU B 366 -12.24 27.56 -2.85
CA LEU B 366 -12.59 28.65 -1.96
C LEU B 366 -13.77 29.46 -2.50
N LEU B 367 -13.92 29.52 -3.83
CA LEU B 367 -15.05 30.24 -4.41
C LEU B 367 -16.38 29.64 -3.98
N GLY B 368 -16.44 28.31 -3.90
CA GLY B 368 -17.68 27.65 -3.56
C GLY B 368 -18.16 27.92 -2.14
N PHE B 369 -17.24 27.85 -1.17
CA PHE B 369 -17.61 27.96 0.24
C PHE B 369 -17.26 29.30 0.87
N VAL B 370 -16.91 30.31 0.07
CA VAL B 370 -16.57 31.61 0.65
C VAL B 370 -17.79 32.24 1.30
N HIS B 371 -18.98 32.03 0.74
CA HIS B 371 -20.21 32.57 1.33
C HIS B 371 -20.68 31.78 2.54
N GLN B 372 -20.24 30.53 2.69
CA GLN B 372 -20.63 29.70 3.82
C GLN B 372 -19.77 29.95 5.05
N ILE B 373 -18.46 30.03 4.87
CA ILE B 373 -17.53 30.24 5.99
C ILE B 373 -16.56 31.37 5.64
N PRO B 374 -17.01 32.63 5.65
CA PRO B 374 -16.11 33.72 5.28
C PRO B 374 -14.89 33.85 6.18
N GLU B 375 -15.03 33.53 7.48
CA GLU B 375 -13.93 33.71 8.41
C GLU B 375 -12.84 32.66 8.17
N ARG B 376 -13.23 31.41 7.97
CA ARG B 376 -12.23 30.36 7.75
C ARG B 376 -11.70 30.37 6.32
N ALA B 377 -12.31 31.16 5.44
CA ALA B 377 -11.78 31.32 4.09
C ALA B 377 -10.58 32.26 4.09
N ARG B 378 -10.59 33.28 4.94
CA ARG B 378 -9.46 34.21 5.00
C ARG B 378 -8.24 33.55 5.61
N GLU B 379 -8.43 32.68 6.60
CA GLU B 379 -7.30 31.96 7.18
C GLU B 379 -6.62 31.06 6.15
N ARG B 380 -7.42 30.37 5.35
CA ARG B 380 -6.86 29.50 4.32
C ARG B 380 -6.07 30.30 3.29
N LEU B 381 -6.58 31.48 2.92
CA LEU B 381 -5.91 32.30 1.92
C LEU B 381 -4.53 32.73 2.39
N LEU B 382 -4.43 33.17 3.65
CA LEU B 382 -3.14 33.63 4.17
C LEU B 382 -2.15 32.48 4.30
N ASP B 383 -2.64 31.29 4.65
CA ASP B 383 -1.76 30.13 4.73
C ASP B 383 -1.30 29.68 3.35
N LEU B 384 -2.09 29.97 2.32
CA LEU B 384 -1.67 29.64 0.96
C LEU B 384 -0.60 30.61 0.47
N ALA B 385 -0.74 31.90 0.80
CA ALA B 385 0.25 32.89 0.38
C ALA B 385 1.56 32.73 1.15
N ALA B 386 1.51 32.22 2.38
CA ALA B 386 2.72 31.94 3.12
C ALA B 386 3.57 30.87 2.43
N THR B 387 2.91 29.89 1.80
CA THR B 387 3.61 28.87 1.04
C THR B 387 4.33 29.46 -0.18
N GLN B 388 3.84 30.58 -0.70
CA GLN B 388 4.36 31.15 -1.93
C GLN B 388 5.83 31.50 -1.81
N LEU B 389 6.56 31.31 -2.91
CA LEU B 389 7.98 31.62 -2.97
C LEU B 389 8.19 33.12 -3.21
N GLU B 390 9.46 33.52 -3.14
CA GLU B 390 9.81 34.94 -3.24
C GLU B 390 9.70 35.48 -4.66
N ASP B 391 9.91 34.64 -5.67
CA ASP B 391 9.88 35.09 -7.05
C ASP B 391 8.47 35.16 -7.64
N GLY B 392 7.46 34.74 -6.88
CA GLY B 392 6.09 34.74 -7.37
C GLY B 392 5.56 33.36 -7.71
N SER B 393 6.29 32.29 -7.38
CA SER B 393 5.84 30.93 -7.64
C SER B 393 5.34 30.29 -6.35
N ALA B 394 4.57 29.22 -6.50
CA ALA B 394 4.02 28.51 -5.36
C ALA B 394 4.22 27.00 -5.56
N TYR B 395 4.29 26.30 -4.44
CA TYR B 395 4.44 24.85 -4.49
C TYR B 395 3.17 24.21 -5.03
N HIS B 396 3.33 23.19 -5.87
CA HIS B 396 2.20 22.59 -6.56
C HIS B 396 1.22 21.95 -5.57
N GLN B 397 1.72 21.24 -4.57
CA GLN B 397 0.89 20.54 -3.61
C GLN B 397 0.88 21.28 -2.28
N TYR B 398 -0.31 21.55 -1.76
CA TYR B 398 -0.48 22.15 -0.44
C TYR B 398 -0.84 21.08 0.57
N GLN B 399 -0.28 21.21 1.77
CA GLN B 399 -0.56 20.28 2.86
C GLN B 399 -1.27 21.02 3.98
N PRO B 400 -2.60 20.93 4.06
CA PRO B 400 -3.32 21.68 5.11
C PRO B 400 -2.98 21.24 6.52
N LEU B 401 -2.49 20.01 6.73
CA LEU B 401 -2.16 19.57 8.08
C LEU B 401 -0.92 20.28 8.59
N THR B 402 0.14 20.35 7.78
CA THR B 402 1.35 21.04 8.16
C THR B 402 1.36 22.51 7.77
N LYS B 403 0.33 22.96 7.02
CA LYS B 403 0.21 24.35 6.58
C LYS B 403 1.45 24.80 5.82
N LYS B 404 1.96 23.94 4.94
CA LYS B 404 3.12 24.27 4.14
C LYS B 404 3.09 23.45 2.86
N GLY B 405 3.92 23.87 1.90
CA GLY B 405 3.99 23.21 0.61
C GLY B 405 4.78 21.92 0.67
N ASN B 406 4.91 21.30 -0.50
CA ASN B 406 5.63 20.03 -0.65
C ASN B 406 6.89 20.30 -1.47
N ASN B 407 8.05 20.26 -0.82
CA ASN B 407 9.30 20.54 -1.51
C ASN B 407 9.66 19.43 -2.50
N GLU B 408 9.25 18.19 -2.22
CA GLU B 408 9.56 17.09 -3.12
C GLU B 408 8.89 17.25 -4.48
N ILE B 409 7.62 17.66 -4.48
CA ILE B 409 6.92 17.88 -5.75
C ILE B 409 7.47 19.12 -6.46
N GLY B 410 7.68 20.21 -5.72
CA GLY B 410 8.39 21.36 -6.24
C GLY B 410 7.44 22.47 -6.69
N SER B 411 7.72 23.04 -7.86
CA SER B 411 7.10 24.26 -8.33
C SER B 411 7.04 24.21 -9.85
N ASN B 412 6.92 25.39 -10.48
CA ASN B 412 6.93 25.55 -11.94
C ASN B 412 5.63 25.06 -12.58
N PHE B 413 4.52 25.30 -11.89
CA PHE B 413 3.19 25.19 -12.48
C PHE B 413 2.65 26.62 -12.58
N ASN B 414 2.87 27.24 -13.74
CA ASN B 414 2.74 28.69 -13.86
C ASN B 414 1.31 29.18 -13.72
N ASP B 415 0.32 28.31 -13.86
CA ASP B 415 -1.06 28.72 -13.63
C ASP B 415 -1.37 28.91 -12.16
N ASP B 416 -0.60 28.27 -11.28
CA ASP B 416 -0.90 28.32 -9.85
C ASP B 416 -0.88 29.72 -9.25
N PRO B 417 0.10 30.59 -9.52
CA PRO B 417 0.09 31.92 -8.88
C PRO B 417 -1.15 32.75 -9.18
N LEU B 418 -1.74 32.60 -10.36
CA LEU B 418 -2.91 33.41 -10.69
C LEU B 418 -4.13 33.04 -9.84
N TRP B 419 -4.24 31.78 -9.44
CA TRP B 419 -5.39 31.34 -8.68
C TRP B 419 -5.47 32.04 -7.32
N LEU B 420 -4.34 32.56 -6.82
CA LEU B 420 -4.35 33.23 -5.54
C LEU B 420 -5.09 34.56 -5.62
N ILE B 421 -4.86 35.32 -6.69
CA ILE B 421 -5.54 36.60 -6.85
C ILE B 421 -7.02 36.40 -7.10
N LEU B 422 -7.37 35.40 -7.91
CA LEU B 422 -8.79 35.12 -8.17
C LEU B 422 -9.51 34.74 -6.89
N ALA B 423 -8.88 33.91 -6.06
CA ALA B 423 -9.48 33.54 -4.78
C ALA B 423 -9.52 34.74 -3.83
N THR B 424 -8.48 35.57 -3.85
CA THR B 424 -8.46 36.75 -2.98
C THR B 424 -9.56 37.74 -3.36
N ALA B 425 -9.76 37.94 -4.66
CA ALA B 425 -10.83 38.82 -5.12
C ALA B 425 -12.19 38.28 -4.72
N ALA B 426 -12.38 36.96 -4.85
CA ALA B 426 -13.64 36.35 -4.46
C ALA B 426 -13.92 36.53 -2.97
N TYR B 427 -12.88 36.39 -2.14
CA TYR B 427 -13.04 36.65 -0.72
C TYR B 427 -13.39 38.11 -0.46
N ILE B 428 -12.72 39.04 -1.16
CA ILE B 428 -12.97 40.45 -0.94
C ILE B 428 -14.34 40.85 -1.46
N LYS B 429 -14.73 40.32 -2.62
CA LYS B 429 -16.05 40.63 -3.16
C LYS B 429 -17.15 40.16 -2.21
N GLU B 430 -16.99 38.97 -1.64
CA GLU B 430 -18.02 38.42 -0.75
C GLU B 430 -18.06 39.19 0.56
N THR B 431 -16.89 39.44 1.17
CA THR B 431 -16.84 40.04 2.50
C THR B 431 -16.81 41.56 2.47
N GLY B 432 -16.18 42.15 1.47
CA GLY B 432 -16.07 43.59 1.40
C GLY B 432 -14.96 44.20 2.23
N ASP B 433 -14.18 43.39 2.95
CA ASP B 433 -13.08 43.89 3.74
C ASP B 433 -11.78 43.82 2.94
N TYR B 434 -10.95 44.85 3.10
CA TYR B 434 -9.69 44.94 2.38
C TYR B 434 -8.48 44.82 3.29
N SER B 435 -8.69 44.53 4.58
CA SER B 435 -7.57 44.41 5.51
C SER B 435 -6.64 43.25 5.15
N ILE B 436 -7.09 42.32 4.30
CA ILE B 436 -6.26 41.18 3.94
C ILE B 436 -5.02 41.63 3.18
N LEU B 437 -5.14 42.67 2.36
CA LEU B 437 -4.04 43.12 1.51
C LEU B 437 -2.92 43.78 2.30
N LYS B 438 -3.16 44.17 3.55
CA LYS B 438 -2.15 44.85 4.35
C LYS B 438 -1.45 43.95 5.36
N GLU B 439 -1.94 42.73 5.58
CA GLU B 439 -1.31 41.84 6.53
C GLU B 439 0.06 41.40 6.02
N GLN B 440 0.97 41.16 6.96
CA GLN B 440 2.32 40.71 6.65
C GLN B 440 2.29 39.21 6.38
N VAL B 441 2.78 38.80 5.22
CA VAL B 441 2.74 37.42 4.76
C VAL B 441 4.16 36.94 4.52
N PRO B 442 4.60 35.88 5.17
CA PRO B 442 5.94 35.35 4.90
C PRO B 442 6.07 34.78 3.49
N PHE B 443 7.29 34.79 2.99
CA PHE B 443 7.64 34.18 1.71
C PHE B 443 8.36 32.87 1.97
N ASN B 444 7.85 31.79 1.39
CA ASN B 444 8.39 30.44 1.58
C ASN B 444 8.41 30.09 3.07
N ASN B 445 7.37 30.50 3.81
CA ASN B 445 7.24 30.25 5.24
C ASN B 445 8.46 30.76 6.01
N ASP B 446 8.96 31.92 5.60
CA ASP B 446 10.10 32.57 6.26
C ASP B 446 9.66 33.91 6.82
N PRO B 447 9.44 34.02 8.13
CA PRO B 447 8.94 35.28 8.69
C PRO B 447 9.85 36.47 8.44
N SER B 448 11.17 36.27 8.35
CA SER B 448 12.08 37.39 8.13
C SER B 448 11.83 38.06 6.79
N LYS B 449 11.62 37.27 5.74
CA LYS B 449 11.43 37.79 4.39
C LYS B 449 9.94 37.92 4.07
N ALA B 450 9.24 38.59 4.98
CA ALA B 450 7.80 38.79 4.87
C ALA B 450 7.49 40.16 4.28
N ASP B 451 6.33 40.25 3.65
CA ASP B 451 5.84 41.51 3.09
C ASP B 451 4.31 41.48 3.13
N THR B 452 3.68 42.43 2.45
CA THR B 452 2.23 42.53 2.41
C THR B 452 1.63 41.46 1.50
N MET B 453 0.36 41.14 1.76
CA MET B 453 -0.36 40.19 0.92
C MET B 453 -0.59 40.76 -0.48
N PHE B 454 -0.77 42.07 -0.57
CA PHE B 454 -0.87 42.72 -1.87
C PHE B 454 0.42 42.57 -2.67
N GLU B 455 1.57 42.61 -1.99
CA GLU B 455 2.84 42.34 -2.67
C GLU B 455 2.89 40.91 -3.19
N HIS B 456 2.32 39.96 -2.43
CA HIS B 456 2.23 38.59 -2.92
C HIS B 456 1.42 38.52 -4.20
N LEU B 457 0.32 39.27 -4.27
CA LEU B 457 -0.47 39.32 -5.50
C LEU B 457 0.30 40.00 -6.62
N THR B 458 1.15 40.97 -6.27
CA THR B 458 1.96 41.65 -7.29
C THR B 458 2.95 40.69 -7.93
N ARG B 459 3.62 39.86 -7.14
CA ARG B 459 4.59 38.91 -7.69
C ARG B 459 3.90 37.84 -8.53
N SER B 460 2.72 37.40 -8.11
CA SER B 460 1.95 36.45 -8.92
C SER B 460 1.57 37.07 -10.24
N PHE B 461 1.22 38.35 -10.23
CA PHE B 461 0.91 39.06 -11.47
C PHE B 461 2.15 39.18 -12.35
N TYR B 462 3.29 39.53 -11.76
CA TYR B 462 4.50 39.75 -12.55
C TYR B 462 5.27 38.47 -12.83
N HIS B 463 4.92 37.37 -12.18
CA HIS B 463 5.47 36.07 -12.60
C HIS B 463 4.98 35.71 -13.98
N VAL B 464 3.75 36.10 -14.32
CA VAL B 464 3.22 35.84 -15.65
C VAL B 464 3.92 36.72 -16.68
N VAL B 465 4.07 38.01 -16.37
CA VAL B 465 4.66 38.94 -17.34
C VAL B 465 6.17 38.83 -17.41
N ASN B 466 6.81 38.24 -16.39
CA ASN B 466 8.25 38.01 -16.44
C ASN B 466 8.60 36.69 -17.12
N ASN B 467 7.61 35.90 -17.52
CA ASN B 467 7.84 34.63 -18.19
C ASN B 467 6.98 34.54 -19.44
N LEU B 468 6.99 35.59 -20.27
CA LEU B 468 6.23 35.54 -21.51
C LEU B 468 6.93 34.65 -22.53
N GLY B 469 6.14 34.12 -23.46
CA GLY B 469 6.66 33.25 -24.48
C GLY B 469 7.03 33.98 -25.75
N PRO B 470 7.34 33.22 -26.81
CA PRO B 470 7.68 33.86 -28.09
C PRO B 470 6.58 34.76 -28.65
N HIS B 471 5.32 34.40 -28.44
CA HIS B 471 4.20 35.20 -28.91
C HIS B 471 3.70 36.20 -27.87
N GLY B 472 4.38 36.29 -26.71
CA GLY B 472 3.91 37.11 -25.63
C GLY B 472 2.92 36.44 -24.71
N LEU B 473 2.53 35.21 -24.99
CA LEU B 473 1.68 34.45 -24.11
C LEU B 473 2.47 33.98 -22.90
N PRO B 474 1.80 33.70 -21.78
CA PRO B 474 2.52 33.19 -20.61
C PRO B 474 3.19 31.85 -20.92
N LEU B 475 4.41 31.68 -20.42
CA LEU B 475 5.11 30.41 -20.59
C LEU B 475 4.46 29.35 -19.71
N ILE B 476 4.18 28.20 -20.30
CA ILE B 476 3.69 27.07 -19.52
C ILE B 476 4.88 26.46 -18.78
N GLY B 477 4.64 26.02 -17.56
CA GLY B 477 5.69 25.38 -16.79
C GLY B 477 5.67 23.88 -16.96
N ARG B 478 5.57 23.15 -15.85
CA ARG B 478 5.35 21.72 -15.95
C ARG B 478 3.99 21.42 -16.56
N ALA B 479 2.98 22.19 -16.21
CA ALA B 479 1.64 22.08 -16.78
C ALA B 479 0.85 23.32 -16.36
N ASP B 480 -0.43 23.33 -16.70
CA ASP B 480 -1.40 24.35 -16.33
C ASP B 480 -2.47 23.67 -15.48
N TRP B 481 -3.60 24.36 -15.28
CA TRP B 481 -4.74 23.79 -14.56
C TRP B 481 -4.99 22.34 -14.96
N ASN B 482 -4.87 22.04 -16.25
CA ASN B 482 -4.89 20.66 -16.71
C ASN B 482 -3.56 20.00 -16.36
N ASP B 483 -3.59 19.12 -15.35
CA ASP B 483 -2.37 18.52 -14.83
C ASP B 483 -1.76 17.49 -15.76
N CYS B 484 -2.48 17.06 -16.80
CA CYS B 484 -1.99 16.05 -17.72
C CYS B 484 -1.51 16.62 -19.05
N LEU B 485 -1.43 17.94 -19.16
CA LEU B 485 -0.87 18.58 -20.36
C LEU B 485 0.52 19.08 -20.01
N ASN B 486 1.51 18.21 -20.17
CA ASN B 486 2.90 18.51 -19.86
C ASN B 486 3.66 18.64 -21.18
N LEU B 487 3.97 19.87 -21.56
CA LEU B 487 4.54 20.15 -22.86
C LEU B 487 6.07 20.17 -22.88
N ASN B 488 6.72 19.91 -21.75
CA ASN B 488 8.17 19.84 -21.72
C ASN B 488 8.66 18.65 -20.89
N CYS B 489 7.86 17.59 -20.82
CA CYS B 489 8.24 16.41 -20.04
C CYS B 489 8.95 15.37 -20.89
N PHE B 490 8.28 14.88 -21.94
CA PHE B 490 8.85 13.90 -22.87
C PHE B 490 9.37 12.66 -22.14
N SER B 491 8.45 11.96 -21.48
CA SER B 491 8.78 10.76 -20.72
C SER B 491 8.68 9.53 -21.60
N THR B 492 9.67 8.66 -21.50
CA THR B 492 9.73 7.45 -22.29
C THR B 492 9.70 6.16 -21.48
N VAL B 493 9.79 6.24 -20.15
CA VAL B 493 9.86 5.04 -19.32
C VAL B 493 8.78 5.10 -18.24
N PRO B 494 8.22 3.96 -17.83
CA PRO B 494 7.17 3.97 -16.80
C PRO B 494 7.72 4.31 -15.42
N ASP B 495 6.83 4.32 -14.42
CA ASP B 495 7.16 4.62 -13.02
C ASP B 495 7.77 6.00 -12.86
N GLU B 496 7.61 6.87 -13.85
CA GLU B 496 8.16 8.23 -13.83
C GLU B 496 7.01 9.22 -13.91
N SER B 497 6.95 10.13 -12.95
CA SER B 497 5.84 11.08 -12.88
C SER B 497 5.90 12.07 -14.03
N PHE B 498 4.78 12.18 -14.76
CA PHE B 498 4.70 13.16 -15.85
C PHE B 498 4.79 14.59 -15.31
N GLN B 499 4.27 14.82 -14.11
CA GLN B 499 4.16 16.20 -13.60
C GLN B 499 5.51 16.75 -13.17
N THR B 500 6.32 15.95 -12.48
CA THR B 500 7.56 16.43 -11.89
C THR B 500 8.80 16.12 -12.72
N THR B 501 8.65 15.49 -13.88
CA THR B 501 9.77 15.18 -14.75
C THR B 501 9.76 16.14 -15.92
N THR B 502 10.83 16.93 -16.06
CA THR B 502 10.97 17.91 -17.12
C THR B 502 12.29 17.66 -17.83
N SER B 503 12.21 17.40 -19.14
CA SER B 503 13.41 17.16 -19.94
C SER B 503 13.78 18.33 -20.83
N LYS B 504 12.82 19.19 -21.18
CA LYS B 504 13.08 20.33 -22.03
C LYS B 504 13.37 21.57 -21.19
N ASP B 505 13.87 22.61 -21.86
CA ASP B 505 14.24 23.84 -21.17
C ASP B 505 13.00 24.59 -20.66
N GLY B 506 11.89 24.49 -21.36
CA GLY B 506 10.68 25.18 -20.95
C GLY B 506 10.64 26.65 -21.26
N LYS B 507 11.46 27.12 -22.20
CA LYS B 507 11.51 28.52 -22.58
C LYS B 507 10.82 28.79 -23.90
N VAL B 508 10.08 27.81 -24.44
CA VAL B 508 9.41 27.94 -25.72
C VAL B 508 7.90 27.70 -25.60
N ALA B 509 7.51 26.65 -24.90
CA ALA B 509 6.11 26.26 -24.85
C ALA B 509 5.30 27.24 -24.00
N GLU B 510 4.19 27.72 -24.55
CA GLU B 510 3.32 28.67 -23.89
C GLU B 510 1.90 28.11 -23.84
N SER B 511 1.05 28.77 -23.07
CA SER B 511 -0.34 28.36 -22.92
C SER B 511 -1.27 29.54 -23.17
N VAL B 512 -2.42 29.24 -23.77
CA VAL B 512 -3.43 30.26 -24.05
C VAL B 512 -4.45 30.25 -22.91
N MET B 513 -4.56 29.13 -22.20
CA MET B 513 -5.48 29.04 -21.08
C MET B 513 -5.07 30.00 -19.96
N ILE B 514 -3.77 30.09 -19.68
CA ILE B 514 -3.28 31.06 -18.70
C ILE B 514 -3.45 32.48 -19.22
N ALA B 515 -3.33 32.67 -20.53
CA ALA B 515 -3.54 33.99 -21.11
C ALA B 515 -4.97 34.47 -20.87
N GLY B 516 -5.96 33.62 -21.12
CA GLY B 516 -7.32 33.96 -20.76
C GLY B 516 -7.50 34.11 -19.26
N MET B 517 -6.78 33.30 -18.48
CA MET B 517 -6.73 33.50 -17.04
C MET B 517 -6.12 34.84 -16.69
N PHE B 518 -5.04 35.22 -17.36
CA PHE B 518 -4.32 36.44 -17.03
C PHE B 518 -5.19 37.67 -17.24
N VAL B 519 -5.93 37.72 -18.36
CA VAL B 519 -6.77 38.86 -18.64
C VAL B 519 -7.97 38.89 -17.69
N PHE B 520 -8.61 37.73 -17.48
CA PHE B 520 -9.76 37.66 -16.59
C PHE B 520 -9.39 37.97 -15.15
N ILE B 521 -8.27 37.45 -14.67
CA ILE B 521 -7.86 37.63 -13.28
C ILE B 521 -7.16 38.97 -13.14
N GLY B 522 -6.31 39.32 -14.12
CA GLY B 522 -5.62 40.60 -14.06
C GLY B 522 -6.56 41.80 -14.09
N LYS B 523 -7.75 41.62 -14.68
CA LYS B 523 -8.77 42.67 -14.62
C LYS B 523 -9.12 42.99 -13.18
N ASP B 524 -9.11 41.98 -12.30
CA ASP B 524 -9.37 42.21 -10.89
C ASP B 524 -8.14 42.72 -10.15
N TYR B 525 -6.95 42.59 -10.77
CA TYR B 525 -5.75 43.12 -10.14
C TYR B 525 -5.67 44.63 -10.30
N VAL B 526 -6.16 45.15 -11.44
CA VAL B 526 -6.15 46.59 -11.65
C VAL B 526 -7.08 47.29 -10.66
N LYS B 527 -8.19 46.64 -10.32
CA LYS B 527 -9.09 47.20 -9.31
C LYS B 527 -8.41 47.27 -7.96
N LEU B 528 -7.65 46.24 -7.59
CA LEU B 528 -6.93 46.25 -6.33
C LEU B 528 -5.87 47.36 -6.30
N CYS B 529 -5.13 47.53 -7.41
CA CYS B 529 -4.12 48.57 -7.47
C CYS B 529 -4.75 49.96 -7.39
N GLU B 530 -6.02 50.07 -7.79
CA GLU B 530 -6.72 51.35 -7.64
C GLU B 530 -7.12 51.59 -6.19
N TYR B 531 -7.39 50.51 -5.44
CA TYR B 531 -7.81 50.67 -4.05
C TYR B 531 -6.64 51.10 -3.17
N MET B 532 -5.43 50.67 -3.51
CA MET B 532 -4.24 51.01 -2.73
C MET B 532 -3.67 52.37 -3.08
N GLY B 533 -4.28 53.08 -4.03
CA GLY B 533 -3.77 54.38 -4.42
C GLY B 533 -2.57 54.33 -5.33
N LEU B 534 -2.23 53.16 -5.86
CA LEU B 534 -1.07 53.00 -6.75
C LEU B 534 -1.56 53.16 -8.18
N GLU B 535 -1.69 54.42 -8.62
CA GLU B 535 -2.19 54.73 -9.95
C GLU B 535 -1.20 54.34 -11.04
N GLU B 536 0.10 54.55 -10.82
CA GLU B 536 1.10 54.23 -11.83
C GLU B 536 1.16 52.73 -12.09
N GLU B 537 1.21 51.93 -11.02
CA GLU B 537 1.25 50.48 -11.18
C GLU B 537 -0.04 49.97 -11.83
N ALA B 538 -1.18 50.53 -11.45
CA ALA B 538 -2.45 50.17 -12.08
C ALA B 538 -2.43 50.48 -13.56
N ARG B 539 -1.89 51.65 -13.94
CA ARG B 539 -1.79 52.01 -15.35
C ARG B 539 -0.88 51.05 -16.10
N LYS B 540 0.27 50.71 -15.50
CA LYS B 540 1.20 49.78 -16.14
C LYS B 540 0.62 48.38 -16.20
N ALA B 541 -0.09 47.95 -15.15
CA ALA B 541 -0.68 46.62 -15.14
C ALA B 541 -1.72 46.47 -16.24
N GLN B 542 -2.55 47.50 -16.44
CA GLN B 542 -3.54 47.46 -17.52
C GLN B 542 -2.86 47.41 -18.87
N GLN B 543 -1.70 48.06 -19.00
CA GLN B 543 -0.95 48.01 -20.25
C GLN B 543 -0.49 46.60 -20.57
N HIS B 544 0.01 45.87 -19.56
CA HIS B 544 0.40 44.48 -19.78
C HIS B 544 -0.81 43.63 -20.14
N ILE B 545 -1.97 43.92 -19.55
CA ILE B 545 -3.19 43.18 -19.87
C ILE B 545 -3.61 43.42 -21.31
N ASP B 546 -3.58 44.69 -21.74
CA ASP B 546 -3.96 45.01 -23.11
C ASP B 546 -3.03 44.36 -24.11
N ALA B 547 -1.73 44.32 -23.80
CA ALA B 547 -0.78 43.63 -24.67
C ALA B 547 -1.09 42.15 -24.75
N MET B 548 -1.46 41.53 -23.62
CA MET B 548 -1.85 40.13 -23.64
C MET B 548 -3.14 39.92 -24.41
N LYS B 549 -4.09 40.86 -24.29
CA LYS B 549 -5.34 40.76 -25.03
C LYS B 549 -5.09 40.76 -26.53
N GLU B 550 -4.21 41.64 -27.01
CA GLU B 550 -3.89 41.65 -28.43
C GLU B 550 -3.05 40.45 -28.83
N ALA B 551 -2.26 39.92 -27.91
CA ALA B 551 -1.52 38.69 -28.18
C ALA B 551 -2.47 37.50 -28.28
N ILE B 552 -3.52 37.49 -27.46
CA ILE B 552 -4.55 36.45 -27.57
C ILE B 552 -5.26 36.55 -28.91
N LEU B 553 -5.61 37.76 -29.33
CA LEU B 553 -6.25 37.93 -30.64
C LEU B 553 -5.31 37.54 -31.78
N LYS B 554 -4.03 37.92 -31.67
CA LYS B 554 -3.09 37.67 -32.77
C LYS B 554 -2.65 36.21 -32.82
N TYR B 555 -2.36 35.59 -31.68
CA TYR B 555 -1.76 34.26 -31.65
C TYR B 555 -2.56 33.30 -30.77
N GLY B 556 -3.86 33.52 -30.62
CA GLY B 556 -4.66 32.64 -29.80
C GLY B 556 -5.96 32.19 -30.44
N TYR B 557 -6.30 32.77 -31.58
CA TYR B 557 -7.54 32.43 -32.28
C TYR B 557 -7.23 31.57 -33.50
N ASP B 558 -7.95 30.46 -33.63
CA ASP B 558 -7.80 29.54 -34.75
C ASP B 558 -8.65 29.92 -35.95
N GLY B 559 -9.60 30.84 -35.79
CA GLY B 559 -10.53 31.22 -36.84
C GLY B 559 -11.97 30.92 -36.50
N GLU B 560 -12.22 29.88 -35.71
CA GLU B 560 -13.57 29.55 -35.28
C GLU B 560 -13.61 29.38 -33.76
N TRP B 561 -12.47 29.02 -33.17
CA TRP B 561 -12.36 28.90 -31.72
C TRP B 561 -10.98 29.37 -31.30
N PHE B 562 -10.66 29.20 -30.03
CA PHE B 562 -9.40 29.66 -29.45
C PHE B 562 -8.38 28.53 -29.40
N LEU B 563 -7.11 28.90 -29.56
CA LEU B 563 -6.01 27.96 -29.41
C LEU B 563 -5.89 27.50 -27.97
N ARG B 564 -5.35 26.29 -27.79
CA ARG B 564 -5.16 25.75 -26.45
C ARG B 564 -3.82 26.15 -25.87
N ALA B 565 -2.73 25.93 -26.61
CA ALA B 565 -1.39 26.22 -26.13
C ALA B 565 -0.42 26.09 -27.31
N TYR B 566 0.86 26.23 -27.00
CA TYR B 566 1.94 25.97 -27.95
C TYR B 566 2.92 25.01 -27.30
N ASP B 567 3.31 23.96 -28.01
CA ASP B 567 4.23 22.98 -27.45
C ASP B 567 5.67 23.47 -27.61
N ASP B 568 6.62 22.59 -27.27
CA ASP B 568 8.03 22.97 -27.28
C ASP B 568 8.57 23.20 -28.68
N PHE B 569 7.85 22.78 -29.71
CA PHE B 569 8.31 22.94 -31.10
C PHE B 569 7.68 24.15 -31.78
N GLY B 570 6.99 25.01 -31.04
CA GLY B 570 6.35 26.15 -31.64
C GLY B 570 5.21 25.80 -32.57
N ARG B 571 4.39 24.83 -32.19
CA ARG B 571 3.24 24.41 -32.98
C ARG B 571 1.96 24.74 -32.23
N LYS B 572 0.91 25.05 -32.99
CA LYS B 572 -0.37 25.36 -32.37
C LYS B 572 -1.02 24.09 -31.85
N VAL B 573 -1.43 24.11 -30.58
CA VAL B 573 -2.11 23.00 -29.94
C VAL B 573 -3.56 23.39 -29.75
N GLY B 574 -4.47 22.54 -30.21
CA GLY B 574 -5.88 22.85 -30.16
C GLY B 574 -6.33 23.64 -31.36
N SER B 575 -5.98 23.17 -32.56
CA SER B 575 -6.25 23.88 -33.79
C SER B 575 -6.76 22.90 -34.83
N LYS B 576 -7.49 23.45 -35.81
CA LYS B 576 -8.09 22.62 -36.85
C LYS B 576 -7.05 21.95 -37.74
N GLU B 577 -5.80 22.42 -37.74
CA GLU B 577 -4.77 21.79 -38.56
C GLU B 577 -4.27 20.50 -37.94
N ASN B 578 -4.53 20.27 -36.64
CA ASN B 578 -4.16 19.02 -36.02
C ASN B 578 -5.06 17.89 -36.51
N GLU B 579 -4.62 16.65 -36.27
CA GLU B 579 -5.42 15.48 -36.60
C GLU B 579 -6.37 15.11 -35.46
N GLU B 580 -5.94 15.25 -34.22
CA GLU B 580 -6.76 14.97 -33.05
C GLU B 580 -6.60 16.10 -32.06
N GLY B 581 -7.61 16.29 -31.22
CA GLY B 581 -7.63 17.43 -30.31
C GLY B 581 -7.73 18.74 -31.08
N LYS B 582 -8.63 18.78 -32.06
CA LYS B 582 -8.79 19.96 -32.88
C LYS B 582 -9.26 21.15 -32.05
N ILE B 583 -10.15 20.92 -31.09
CA ILE B 583 -10.69 21.97 -30.25
C ILE B 583 -10.72 21.46 -28.81
N PHE B 584 -10.27 22.29 -27.88
CA PHE B 584 -10.30 21.99 -26.47
C PHE B 584 -11.49 22.72 -25.82
N ILE B 585 -11.57 22.64 -24.50
CA ILE B 585 -12.66 23.29 -23.77
C ILE B 585 -12.16 24.32 -22.77
N GLU B 586 -10.86 24.38 -22.48
CA GLU B 586 -10.36 25.27 -21.44
C GLU B 586 -10.15 26.68 -21.96
N SER B 587 -9.72 26.82 -23.23
CA SER B 587 -9.49 28.14 -23.78
C SER B 587 -10.81 28.84 -24.10
N GLN B 588 -11.83 28.09 -24.50
CA GLN B 588 -13.13 28.69 -24.79
C GLN B 588 -13.80 29.19 -23.52
N GLY B 589 -13.60 28.48 -22.41
CA GLY B 589 -14.26 28.88 -21.17
C GLY B 589 -13.75 30.20 -20.64
N PHE B 590 -12.42 30.40 -20.65
CA PHE B 590 -11.85 31.54 -19.96
C PHE B 590 -11.66 32.75 -20.87
N CYS B 591 -11.35 32.54 -22.15
CA CYS B 591 -11.21 33.66 -23.06
C CYS B 591 -12.54 34.38 -23.28
N VAL B 592 -13.63 33.62 -23.40
CA VAL B 592 -14.96 34.23 -23.46
C VAL B 592 -15.31 34.87 -22.13
N MET B 593 -14.93 34.23 -21.02
CA MET B 593 -15.10 34.85 -19.71
C MET B 593 -14.29 36.14 -19.60
N ALA B 594 -13.19 36.23 -20.33
CA ALA B 594 -12.38 37.45 -20.37
C ALA B 594 -12.92 38.47 -21.37
N GLU B 595 -14.00 38.14 -22.08
CA GLU B 595 -14.66 39.04 -23.04
C GLU B 595 -13.65 39.56 -24.08
N ILE B 596 -13.05 38.63 -24.80
CA ILE B 596 -12.04 38.98 -25.78
C ILE B 596 -12.64 39.17 -27.17
N GLY B 597 -13.57 38.31 -27.57
CA GLY B 597 -14.15 38.40 -28.89
C GLY B 597 -15.63 38.70 -28.89
N LEU B 598 -16.08 39.56 -27.97
CA LEU B 598 -17.50 39.89 -27.89
C LEU B 598 -17.94 40.73 -29.08
N GLU B 599 -17.18 41.78 -29.40
CA GLU B 599 -17.60 42.72 -30.42
C GLU B 599 -17.42 42.17 -31.84
N ASP B 600 -16.39 41.35 -32.06
CA ASP B 600 -16.09 40.83 -33.38
C ASP B 600 -16.87 39.56 -33.71
N GLY B 601 -17.69 39.07 -32.79
CA GLY B 601 -18.35 37.79 -32.97
C GLY B 601 -17.45 36.59 -32.78
N LYS B 602 -16.24 36.80 -32.25
CA LYS B 602 -15.32 35.68 -32.07
C LYS B 602 -15.76 34.79 -30.91
N ALA B 603 -16.28 35.38 -29.84
CA ALA B 603 -16.75 34.58 -28.71
C ALA B 603 -17.93 33.70 -29.10
N LEU B 604 -18.85 34.25 -29.90
CA LEU B 604 -19.99 33.46 -30.37
C LEU B 604 -19.55 32.29 -31.23
N LYS B 605 -18.55 32.50 -32.08
CA LYS B 605 -18.07 31.42 -32.94
C LYS B 605 -17.49 30.27 -32.13
N ALA B 606 -16.74 30.60 -31.06
CA ALA B 606 -16.15 29.57 -30.23
C ALA B 606 -17.21 28.73 -29.52
N LEU B 607 -18.26 29.39 -29.02
CA LEU B 607 -19.30 28.66 -28.29
C LEU B 607 -20.15 27.81 -29.22
N ASP B 608 -20.34 28.25 -30.46
CA ASP B 608 -21.05 27.43 -31.42
C ASP B 608 -20.23 26.21 -31.82
N SER B 609 -18.91 26.32 -31.74
CA SER B 609 -18.05 25.17 -32.02
C SER B 609 -18.04 24.19 -30.86
N VAL B 610 -18.18 24.69 -29.63
CA VAL B 610 -18.26 23.82 -28.46
C VAL B 610 -19.48 22.93 -28.55
N LYS B 611 -20.62 23.52 -28.90
CA LYS B 611 -21.86 22.75 -29.06
C LYS B 611 -21.74 21.76 -30.21
N LYS B 612 -21.13 22.18 -31.31
CA LYS B 612 -21.07 21.33 -32.50
C LYS B 612 -20.20 20.10 -32.28
N TYR B 613 -19.09 20.26 -31.54
CA TYR B 613 -18.07 19.23 -31.47
C TYR B 613 -17.96 18.55 -30.12
N LEU B 614 -18.08 19.28 -29.01
CA LEU B 614 -17.80 18.72 -27.70
C LEU B 614 -19.06 18.31 -26.93
N ASP B 615 -20.24 18.46 -27.51
CA ASP B 615 -21.48 18.23 -26.78
C ASP B 615 -21.89 16.76 -26.83
N THR B 616 -22.27 16.24 -25.66
CA THR B 616 -22.79 14.89 -25.48
C THR B 616 -24.04 14.98 -24.62
N PRO B 617 -24.89 13.94 -24.65
CA PRO B 617 -26.08 13.95 -23.78
C PRO B 617 -25.75 13.97 -22.30
N TYR B 618 -24.55 13.58 -21.90
CA TYR B 618 -24.16 13.54 -20.50
C TYR B 618 -23.21 14.65 -20.09
N GLY B 619 -22.78 15.49 -21.01
CA GLY B 619 -21.87 16.57 -20.69
C GLY B 619 -21.07 16.97 -21.91
N LEU B 620 -20.00 17.72 -21.64
CA LEU B 620 -19.08 18.18 -22.68
C LEU B 620 -17.72 17.53 -22.49
N VAL B 621 -17.21 16.91 -23.56
CA VAL B 621 -15.90 16.26 -23.48
C VAL B 621 -14.79 17.31 -23.46
N LEU B 622 -13.62 16.89 -22.98
CA LEU B 622 -12.49 17.81 -22.85
C LEU B 622 -12.04 18.33 -24.21
N GLN B 623 -11.93 17.44 -25.20
CA GLN B 623 -11.44 17.82 -26.52
C GLN B 623 -11.95 16.81 -27.53
N ASN B 624 -11.97 17.22 -28.80
CA ASN B 624 -12.43 16.38 -29.88
C ASN B 624 -11.57 16.62 -31.11
N PRO B 625 -11.14 15.55 -31.80
CA PRO B 625 -11.34 14.13 -31.48
C PRO B 625 -10.42 13.65 -30.37
N ALA B 626 -10.73 12.50 -29.77
CA ALA B 626 -9.88 11.94 -28.72
C ALA B 626 -8.58 11.41 -29.32
N PHE B 627 -7.53 11.42 -28.50
CA PHE B 627 -6.25 10.88 -28.92
C PHE B 627 -6.31 9.36 -28.93
N THR B 628 -6.08 8.76 -30.10
CA THR B 628 -6.13 7.31 -30.26
C THR B 628 -4.78 6.65 -30.13
N ARG B 629 -3.73 7.43 -29.84
CA ARG B 629 -2.39 6.89 -29.64
C ARG B 629 -1.71 7.71 -28.56
N TYR B 630 -0.42 7.47 -28.36
CA TYR B 630 0.37 8.16 -27.35
C TYR B 630 1.20 9.26 -28.00
N TYR B 631 1.04 10.49 -27.50
CA TYR B 631 1.80 11.64 -27.96
C TYR B 631 2.79 12.03 -26.86
N ILE B 632 4.08 11.84 -27.13
CA ILE B 632 5.10 12.17 -26.14
C ILE B 632 5.17 13.68 -25.91
N GLU B 633 4.79 14.48 -26.92
CA GLU B 633 4.91 15.93 -26.81
C GLU B 633 3.87 16.55 -25.89
N TYR B 634 2.81 15.81 -25.54
CA TYR B 634 1.73 16.37 -24.74
C TYR B 634 1.72 15.90 -23.29
N GLY B 635 2.24 14.70 -23.02
CA GLY B 635 2.32 14.23 -21.64
C GLY B 635 1.31 13.17 -21.27
N GLU B 636 0.72 13.32 -20.08
CA GLU B 636 -0.17 12.29 -19.54
C GLU B 636 -1.54 12.27 -20.22
N ILE B 637 -1.87 13.31 -21.00
CA ILE B 637 -3.22 13.42 -21.53
C ILE B 637 -3.52 12.28 -22.50
N SER B 638 -2.54 11.88 -23.30
CA SER B 638 -2.77 10.84 -24.30
C SER B 638 -2.60 9.43 -23.74
N THR B 639 -2.25 9.30 -22.46
CA THR B 639 -2.03 7.97 -21.89
C THR B 639 -3.33 7.23 -21.64
N TYR B 640 -4.42 7.95 -21.41
CA TYR B 640 -5.70 7.30 -21.11
C TYR B 640 -6.34 6.74 -22.37
N PRO B 641 -7.16 5.69 -22.23
CA PRO B 641 -7.98 5.26 -23.37
C PRO B 641 -9.00 6.31 -23.72
N PRO B 642 -9.44 6.37 -24.97
CA PRO B 642 -10.33 7.45 -25.40
C PRO B 642 -11.63 7.47 -24.58
N GLY B 643 -12.08 8.68 -24.25
CA GLY B 643 -13.29 8.86 -23.49
C GLY B 643 -13.14 8.83 -21.99
N TYR B 644 -11.93 8.60 -21.47
CA TYR B 644 -11.71 8.45 -20.04
C TYR B 644 -10.73 9.50 -19.54
N LYS B 645 -11.07 10.12 -18.41
CA LYS B 645 -10.24 11.12 -17.73
C LYS B 645 -9.95 12.24 -18.71
N GLU B 646 -8.68 12.56 -19.01
CA GLU B 646 -8.38 13.72 -19.85
C GLU B 646 -8.44 13.40 -21.34
N ASN B 647 -8.55 12.12 -21.71
CA ASN B 647 -8.64 11.74 -23.13
C ASN B 647 -10.10 11.84 -23.57
N ALA B 648 -10.56 13.08 -23.72
CA ALA B 648 -11.92 13.39 -24.15
C ALA B 648 -12.97 12.83 -23.18
N GLY B 649 -12.64 12.86 -21.89
CA GLY B 649 -13.64 12.56 -20.88
C GLY B 649 -14.46 13.78 -20.54
N ILE B 650 -15.59 13.56 -19.86
CA ILE B 650 -16.46 14.65 -19.45
C ILE B 650 -15.99 15.12 -18.08
N PHE B 651 -15.18 16.16 -18.05
CA PHE B 651 -14.76 16.79 -16.81
C PHE B 651 -15.76 17.87 -16.45
N CYS B 652 -16.57 17.61 -15.44
CA CYS B 652 -17.59 18.57 -15.04
C CYS B 652 -17.00 19.81 -14.39
N HIS B 653 -15.70 19.80 -14.08
CA HIS B 653 -15.05 20.98 -13.53
C HIS B 653 -15.06 22.14 -14.53
N ASN B 654 -14.65 21.87 -15.77
CA ASN B 654 -14.56 22.91 -16.78
C ASN B 654 -15.83 23.04 -17.62
N ASN B 655 -16.83 22.20 -17.37
CA ASN B 655 -18.15 22.43 -17.98
C ASN B 655 -18.79 23.69 -17.42
N ALA B 656 -18.46 24.05 -16.18
CA ALA B 656 -19.00 25.25 -15.57
C ALA B 656 -18.48 26.51 -16.27
N TRP B 657 -17.22 26.48 -16.73
CA TRP B 657 -16.67 27.63 -17.43
C TRP B 657 -17.37 27.85 -18.76
N ILE B 658 -17.82 26.78 -19.41
CA ILE B 658 -18.66 26.92 -20.60
C ILE B 658 -20.02 27.48 -20.22
N ILE B 659 -20.55 27.04 -19.07
CA ILE B 659 -21.83 27.57 -18.58
C ILE B 659 -21.71 29.06 -18.33
N CYS B 660 -20.61 29.48 -17.71
CA CYS B 660 -20.40 30.91 -17.46
C CYS B 660 -20.17 31.67 -18.75
N ALA B 661 -19.52 31.04 -19.73
CA ALA B 661 -19.26 31.71 -21.00
C ALA B 661 -20.53 31.95 -21.79
N GLU B 662 -21.52 31.05 -21.66
CA GLU B 662 -22.78 31.25 -22.36
C GLU B 662 -23.56 32.43 -21.79
N THR B 663 -23.32 32.75 -20.52
CA THR B 663 -23.92 33.93 -19.92
C THR B 663 -23.37 35.21 -20.56
N VAL B 664 -22.07 35.24 -20.85
CA VAL B 664 -21.44 36.44 -21.38
C VAL B 664 -22.05 36.82 -22.72
N VAL B 665 -22.29 35.84 -23.59
CA VAL B 665 -22.89 36.12 -24.88
C VAL B 665 -24.39 36.34 -24.77
N GLY B 666 -25.01 35.92 -23.67
CA GLY B 666 -26.41 36.16 -23.45
C GLY B 666 -27.33 35.06 -23.96
N ARG B 667 -26.98 33.81 -23.66
CA ARG B 667 -27.79 32.65 -24.05
C ARG B 667 -28.09 31.84 -22.79
N GLY B 668 -29.19 32.21 -22.10
CA GLY B 668 -29.56 31.48 -20.91
C GLY B 668 -30.16 30.11 -21.21
N ASP B 669 -30.71 29.93 -22.41
CA ASP B 669 -31.23 28.62 -22.80
C ASP B 669 -30.10 27.59 -22.87
N MET B 670 -28.98 27.97 -23.48
CA MET B 670 -27.86 27.06 -23.60
C MET B 670 -27.17 26.82 -22.27
N ALA B 671 -27.07 27.87 -21.44
CA ALA B 671 -26.36 27.76 -20.17
C ALA B 671 -27.06 26.77 -19.23
N PHE B 672 -28.39 26.84 -19.15
CA PHE B 672 -29.10 25.95 -18.23
C PHE B 672 -29.17 24.53 -18.77
N ASP B 673 -29.21 24.36 -20.09
CA ASP B 673 -29.19 23.02 -20.68
C ASP B 673 -27.86 22.34 -20.36
N TYR B 674 -26.76 23.08 -20.44
CA TYR B 674 -25.46 22.52 -20.06
C TYR B 674 -25.44 22.15 -18.59
N TYR B 675 -26.02 23.00 -17.73
CA TYR B 675 -26.04 22.74 -16.30
C TYR B 675 -26.83 21.47 -15.98
N ARG B 676 -27.96 21.28 -16.66
CA ARG B 676 -28.83 20.14 -16.36
C ARG B 676 -28.19 18.80 -16.73
N LYS B 677 -27.29 18.80 -17.71
CA LYS B 677 -26.73 17.55 -18.20
C LYS B 677 -25.85 16.88 -17.14
N ILE B 678 -25.26 17.65 -16.23
CA ILE B 678 -24.35 17.10 -15.24
C ILE B 678 -24.84 17.26 -13.81
N ALA B 679 -25.98 17.90 -13.60
CA ALA B 679 -26.49 18.06 -12.24
C ALA B 679 -26.96 16.70 -11.69
N PRO B 680 -26.56 16.35 -10.46
CA PRO B 680 -26.96 15.04 -9.93
C PRO B 680 -28.46 14.80 -9.88
N ALA B 681 -29.25 15.82 -9.55
CA ALA B 681 -30.69 15.61 -9.40
C ALA B 681 -31.36 15.30 -10.73
N TYR B 682 -30.84 15.83 -11.84
CA TYR B 682 -31.45 15.61 -13.14
C TYR B 682 -31.05 14.28 -13.76
N ILE B 683 -30.01 13.63 -13.24
CA ILE B 683 -29.56 12.34 -13.75
C ILE B 683 -29.85 11.22 -12.77
N GLU B 684 -30.66 11.48 -11.74
CA GLU B 684 -30.97 10.45 -10.76
C GLU B 684 -31.80 9.32 -11.36
N ASP B 685 -32.61 9.65 -12.37
CA ASP B 685 -33.42 8.64 -13.05
C ASP B 685 -32.60 7.71 -13.93
N VAL B 686 -31.32 8.02 -14.14
CA VAL B 686 -30.42 7.18 -14.93
C VAL B 686 -29.32 6.65 -14.03
N SER B 687 -29.67 6.39 -12.76
CA SER B 687 -28.67 5.99 -11.78
C SER B 687 -27.99 4.69 -12.17
N ASP B 688 -28.68 3.82 -12.90
CA ASP B 688 -28.06 2.59 -13.37
C ASP B 688 -26.95 2.85 -14.38
N ILE B 689 -26.97 4.00 -15.04
CA ILE B 689 -25.91 4.35 -15.99
C ILE B 689 -24.85 5.21 -15.31
N HIS B 690 -25.25 6.18 -14.49
CA HIS B 690 -24.30 6.99 -13.75
C HIS B 690 -23.48 6.14 -12.79
N LYS B 691 -24.14 5.18 -12.11
CA LYS B 691 -23.51 4.14 -11.30
C LYS B 691 -22.95 4.68 -9.99
N LEU B 692 -22.89 6.00 -9.85
CA LEU B 692 -22.33 6.61 -8.66
C LEU B 692 -23.45 7.36 -7.91
N GLU B 693 -23.07 8.07 -6.86
CA GLU B 693 -24.04 8.70 -5.99
C GLU B 693 -24.86 9.72 -6.77
N PRO B 694 -26.19 9.62 -6.75
CA PRO B 694 -27.01 10.55 -7.53
C PRO B 694 -27.30 11.85 -6.79
N TYR B 695 -26.56 12.13 -5.71
CA TYR B 695 -26.78 13.32 -4.92
C TYR B 695 -25.54 14.21 -4.81
N VAL B 696 -24.39 13.78 -5.33
CA VAL B 696 -23.19 14.60 -5.32
C VAL B 696 -22.53 14.53 -6.69
N TYR B 697 -21.68 15.51 -6.97
CA TYR B 697 -20.95 15.57 -8.22
C TYR B 697 -19.80 14.57 -8.23
N ALA B 698 -19.44 14.15 -9.44
CA ALA B 698 -18.27 13.30 -9.66
C ALA B 698 -17.24 14.07 -10.49
N GLN B 699 -15.97 13.71 -10.30
CA GLN B 699 -14.90 14.41 -11.01
C GLN B 699 -15.00 14.21 -12.52
N MET B 700 -15.29 12.99 -12.96
CA MET B 700 -15.24 12.65 -14.36
C MET B 700 -16.38 11.71 -14.72
N VAL B 701 -17.02 11.98 -15.86
CA VAL B 701 -18.04 11.12 -16.44
C VAL B 701 -17.51 10.64 -17.78
N ALA B 702 -17.71 9.36 -18.08
CA ALA B 702 -17.19 8.80 -19.32
C ALA B 702 -17.81 9.51 -20.53
N GLY B 703 -16.97 9.80 -21.52
CA GLY B 703 -17.39 10.57 -22.67
C GLY B 703 -17.96 9.70 -23.79
N LYS B 704 -18.25 10.37 -24.91
CA LYS B 704 -18.88 9.71 -26.05
C LYS B 704 -17.97 8.66 -26.70
N ASP B 705 -16.67 8.75 -26.49
CA ASP B 705 -15.72 7.82 -27.11
C ASP B 705 -15.52 6.55 -26.30
N ALA B 706 -16.16 6.43 -25.14
CA ALA B 706 -16.03 5.26 -24.29
C ALA B 706 -17.17 4.28 -24.54
N LYS B 707 -16.95 3.04 -24.10
CA LYS B 707 -18.00 2.02 -24.13
C LYS B 707 -18.95 2.14 -22.95
N ARG B 708 -18.60 2.91 -21.93
CA ARG B 708 -19.43 3.14 -20.75
C ARG B 708 -19.86 4.60 -20.67
N HIS B 709 -20.24 5.17 -21.80
CA HIS B 709 -20.61 6.58 -21.88
C HIS B 709 -21.72 6.91 -20.88
N GLY B 710 -21.46 7.89 -20.02
CA GLY B 710 -22.37 8.28 -18.97
C GLY B 710 -21.99 7.79 -17.59
N GLU B 711 -21.01 6.89 -17.48
CA GLU B 711 -20.59 6.36 -16.20
C GLU B 711 -19.59 7.30 -15.53
N ALA B 712 -19.78 7.53 -14.24
CA ALA B 712 -18.95 8.45 -13.48
C ALA B 712 -17.82 7.72 -12.77
N LYS B 713 -16.82 8.50 -12.36
CA LYS B 713 -15.71 8.00 -11.56
C LYS B 713 -15.20 9.12 -10.67
N ASN B 714 -14.57 8.73 -9.56
CA ASN B 714 -13.95 9.66 -8.62
C ASN B 714 -14.96 10.69 -8.11
N SER B 715 -15.97 10.20 -7.41
CA SER B 715 -17.00 11.07 -6.89
C SER B 715 -16.62 11.60 -5.52
N TRP B 716 -17.43 12.55 -5.04
CA TRP B 716 -17.50 13.07 -3.68
C TRP B 716 -16.34 14.01 -3.32
N LEU B 717 -15.30 14.13 -4.15
CA LEU B 717 -14.12 14.93 -3.78
C LEU B 717 -13.55 15.54 -5.06
N THR B 718 -13.96 16.77 -5.34
CA THR B 718 -13.52 17.46 -6.55
C THR B 718 -13.88 18.93 -6.42
N GLY B 719 -13.28 19.74 -7.29
CA GLY B 719 -13.63 21.14 -7.43
C GLY B 719 -14.85 21.39 -8.28
N THR B 720 -15.48 20.32 -8.77
CA THR B 720 -16.68 20.46 -9.60
C THR B 720 -17.82 21.10 -8.82
N ALA B 721 -17.97 20.75 -7.54
CA ALA B 721 -19.06 21.28 -6.74
C ALA B 721 -18.96 22.80 -6.60
N ALA B 722 -17.75 23.30 -6.43
CA ALA B 722 -17.57 24.74 -6.21
C ALA B 722 -17.87 25.54 -7.46
N TRP B 723 -17.34 25.10 -8.61
CA TRP B 723 -17.50 25.87 -9.84
C TRP B 723 -18.92 25.76 -10.39
N ASN B 724 -19.53 24.58 -10.29
CA ASN B 724 -20.91 24.43 -10.78
C ASN B 724 -21.89 25.21 -9.93
N PHE B 725 -21.59 25.40 -8.65
CA PHE B 725 -22.43 26.26 -7.83
C PHE B 725 -22.26 27.72 -8.24
N VAL B 726 -21.04 28.15 -8.52
CA VAL B 726 -20.80 29.53 -8.95
C VAL B 726 -21.48 29.80 -10.29
N ALA B 727 -21.46 28.80 -11.19
CA ALA B 727 -22.07 28.97 -12.50
C ALA B 727 -23.57 29.19 -12.39
N ILE B 728 -24.25 28.44 -11.51
CA ILE B 728 -25.70 28.52 -11.44
C ILE B 728 -26.13 29.66 -10.51
N SER B 729 -25.44 29.82 -9.38
CA SER B 729 -25.86 30.81 -8.39
C SER B 729 -25.50 32.23 -8.79
N GLN B 730 -24.39 32.42 -9.49
CA GLN B 730 -23.90 33.76 -9.82
C GLN B 730 -24.11 34.14 -11.27
N TRP B 731 -23.76 33.27 -12.21
CA TRP B 731 -23.80 33.61 -13.63
C TRP B 731 -25.17 33.34 -14.26
N ILE B 732 -25.90 32.32 -13.80
CA ILE B 732 -27.22 32.04 -14.33
C ILE B 732 -28.30 32.77 -13.55
N LEU B 733 -28.31 32.62 -12.22
CA LEU B 733 -29.29 33.30 -11.41
C LEU B 733 -29.00 34.79 -11.25
N GLY B 734 -27.77 35.21 -11.55
CA GLY B 734 -27.44 36.61 -11.61
C GLY B 734 -27.05 37.28 -10.29
N VAL B 735 -27.01 36.53 -9.19
CA VAL B 735 -26.63 37.09 -7.91
C VAL B 735 -25.10 37.03 -7.82
N LYS B 736 -24.45 38.10 -8.26
CA LYS B 736 -23.00 38.15 -8.36
C LYS B 736 -22.41 39.02 -7.27
N PRO B 737 -21.58 38.48 -6.37
CA PRO B 737 -20.81 39.35 -5.48
C PRO B 737 -19.86 40.23 -6.28
N ASP B 738 -19.71 41.47 -5.83
CA ASP B 738 -18.87 42.43 -6.53
C ASP B 738 -18.45 43.50 -5.54
N TYR B 739 -17.43 44.26 -5.93
CA TYR B 739 -17.01 45.40 -5.11
C TYR B 739 -18.14 46.44 -5.07
N ASP B 740 -18.29 47.07 -3.91
CA ASP B 740 -19.27 48.10 -3.59
C ASP B 740 -20.68 47.54 -3.45
N GLY B 741 -20.89 46.24 -3.61
CA GLY B 741 -22.20 45.68 -3.37
C GLY B 741 -22.57 44.46 -4.19
N LEU B 742 -23.80 43.99 -4.04
CA LEU B 742 -24.31 42.83 -4.75
C LEU B 742 -24.78 43.24 -6.13
N LYS B 743 -24.32 42.51 -7.15
CA LYS B 743 -24.66 42.81 -8.54
C LYS B 743 -25.71 41.82 -9.04
N ILE B 744 -26.70 42.34 -9.75
CA ILE B 744 -27.79 41.55 -10.32
C ILE B 744 -27.65 41.56 -11.83
N ASP B 745 -27.51 40.37 -12.42
CA ASP B 745 -27.40 40.25 -13.87
C ASP B 745 -27.74 38.82 -14.29
N PRO B 746 -29.01 38.42 -14.25
CA PRO B 746 -29.35 37.04 -14.59
C PRO B 746 -29.26 36.77 -16.08
N CYS B 747 -29.04 35.49 -16.41
CA CYS B 747 -29.12 34.98 -17.78
C CYS B 747 -29.84 33.63 -17.69
N ILE B 748 -31.16 33.69 -17.79
CA ILE B 748 -32.01 32.53 -17.52
C ILE B 748 -32.68 32.07 -18.81
N PRO B 749 -33.23 30.86 -18.88
CA PRO B 749 -34.02 30.47 -20.05
C PRO B 749 -35.21 31.40 -20.24
N LYS B 750 -35.56 31.64 -21.50
CA LYS B 750 -36.63 32.59 -21.81
C LYS B 750 -37.96 32.14 -21.24
N ALA B 751 -38.25 30.84 -21.34
CA ALA B 751 -39.56 30.32 -20.93
C ALA B 751 -39.82 30.46 -19.44
N TRP B 752 -38.80 30.74 -18.63
CA TRP B 752 -39.00 30.92 -17.21
C TRP B 752 -39.85 32.15 -16.92
N ASP B 753 -40.89 31.97 -16.10
CA ASP B 753 -41.69 33.11 -15.68
C ASP B 753 -40.97 33.94 -14.62
N GLY B 754 -40.13 33.31 -13.82
CA GLY B 754 -39.41 34.02 -12.77
C GLY B 754 -38.97 33.05 -11.69
N TYR B 755 -38.35 33.64 -10.67
CA TYR B 755 -37.82 32.88 -9.54
C TYR B 755 -37.58 33.85 -8.39
N LYS B 756 -37.29 33.30 -7.22
CA LYS B 756 -36.96 34.09 -6.04
C LYS B 756 -35.71 33.51 -5.40
N VAL B 757 -34.76 34.36 -5.07
CA VAL B 757 -33.51 33.97 -4.43
C VAL B 757 -33.31 34.81 -3.18
N THR B 758 -33.10 34.16 -2.04
CA THR B 758 -32.78 34.83 -0.79
C THR B 758 -31.28 34.72 -0.56
N ARG B 759 -30.62 35.86 -0.37
CA ARG B 759 -29.17 35.91 -0.32
C ARG B 759 -28.70 36.64 0.93
N TYR B 760 -27.74 36.04 1.64
CA TYR B 760 -27.07 36.69 2.76
C TYR B 760 -25.76 37.30 2.24
N PHE B 761 -25.55 38.58 2.51
CA PHE B 761 -24.43 39.29 1.91
C PHE B 761 -24.01 40.44 2.81
N ARG B 762 -22.81 40.33 3.39
CA ARG B 762 -22.21 41.40 4.19
C ARG B 762 -23.11 41.85 5.33
N GLY B 763 -23.70 40.87 6.03
CA GLY B 763 -24.49 41.14 7.20
C GLY B 763 -25.94 41.45 6.96
N SER B 764 -26.41 41.38 5.72
CA SER B 764 -27.80 41.65 5.39
C SER B 764 -28.34 40.55 4.50
N THR B 765 -29.66 40.39 4.52
CA THR B 765 -30.35 39.39 3.73
C THR B 765 -31.12 40.09 2.62
N TYR B 766 -30.79 39.76 1.36
CA TYR B 766 -31.46 40.30 0.20
C TYR B 766 -32.43 39.26 -0.34
N GLU B 767 -33.73 39.58 -0.29
CA GLU B 767 -34.77 38.71 -0.82
C GLU B 767 -35.10 39.22 -2.22
N ILE B 768 -34.46 38.62 -3.23
CA ILE B 768 -34.52 39.11 -4.60
C ILE B 768 -35.56 38.30 -5.36
N THR B 769 -36.53 38.99 -5.95
CA THR B 769 -37.53 38.37 -6.81
C THR B 769 -37.28 38.83 -8.24
N VAL B 770 -37.10 37.88 -9.15
CA VAL B 770 -36.83 38.17 -10.55
C VAL B 770 -38.08 37.81 -11.35
N LYS B 771 -38.62 38.80 -12.06
CA LYS B 771 -39.81 38.61 -12.88
C LYS B 771 -39.45 38.75 -14.35
N ASN B 772 -40.10 37.93 -15.18
CA ASN B 772 -39.83 37.86 -16.61
C ASN B 772 -41.13 38.01 -17.38
N PRO B 773 -41.70 39.23 -17.43
CA PRO B 773 -42.95 39.43 -18.17
C PRO B 773 -42.77 39.18 -19.65
N ASN B 774 -41.81 39.86 -20.26
CA ASN B 774 -41.37 39.55 -21.62
C ASN B 774 -40.27 38.50 -21.53
N HIS B 775 -40.49 37.37 -22.19
CA HIS B 775 -39.63 36.19 -22.02
C HIS B 775 -38.31 36.43 -22.73
N VAL B 776 -37.36 37.01 -21.99
CA VAL B 776 -36.02 37.28 -22.48
C VAL B 776 -35.01 36.57 -21.58
N SER B 777 -33.82 36.35 -22.14
CA SER B 777 -32.76 35.65 -21.41
C SER B 777 -31.93 36.59 -20.55
N LYS B 778 -31.46 37.69 -21.13
CA LYS B 778 -30.56 38.61 -20.45
C LYS B 778 -31.05 40.04 -20.64
N GLY B 779 -30.67 40.89 -19.70
CA GLY B 779 -31.06 42.29 -19.74
C GLY B 779 -31.97 42.70 -18.61
N VAL B 780 -31.55 43.68 -17.82
CA VAL B 780 -32.34 44.17 -16.71
C VAL B 780 -32.88 45.56 -17.06
N ALA B 781 -34.19 45.72 -16.94
CA ALA B 781 -34.84 46.99 -17.24
C ALA B 781 -35.10 47.84 -16.00
N LYS B 782 -35.34 47.22 -14.85
CA LYS B 782 -35.63 47.98 -13.64
C LYS B 782 -35.27 47.13 -12.43
N ILE B 783 -34.73 47.78 -11.40
CA ILE B 783 -34.46 47.15 -10.11
C ILE B 783 -35.05 48.04 -9.02
N THR B 784 -35.84 47.43 -8.14
CA THR B 784 -36.46 48.14 -7.02
C THR B 784 -35.97 47.53 -5.72
N VAL B 785 -35.47 48.38 -4.83
CA VAL B 785 -34.98 47.96 -3.52
C VAL B 785 -35.80 48.66 -2.46
N ASP B 786 -36.51 47.88 -1.64
CA ASP B 786 -37.34 48.40 -0.56
C ASP B 786 -38.37 49.41 -1.08
N GLY B 787 -38.92 49.14 -2.25
CA GLY B 787 -39.96 49.99 -2.81
C GLY B 787 -39.47 51.23 -3.52
N ASN B 788 -38.17 51.46 -3.59
CA ASN B 788 -37.59 52.64 -4.22
C ASN B 788 -36.72 52.21 -5.38
N GLU B 789 -36.89 52.89 -6.53
CA GLU B 789 -36.10 52.58 -7.71
C GLU B 789 -34.64 52.96 -7.49
N ILE B 790 -33.74 52.18 -8.08
CA ILE B 790 -32.31 52.42 -7.97
C ILE B 790 -31.72 52.50 -9.38
N SER B 791 -30.53 53.07 -9.46
CA SER B 791 -29.81 53.22 -10.72
C SER B 791 -28.70 52.18 -10.81
N GLY B 792 -28.54 51.60 -12.00
CA GLY B 792 -27.55 50.56 -12.20
C GLY B 792 -28.05 49.21 -11.72
N ASN B 793 -27.11 48.26 -11.67
CA ASN B 793 -27.42 46.89 -11.26
C ASN B 793 -26.54 46.45 -10.10
N ILE B 794 -26.27 47.37 -9.17
CA ILE B 794 -25.49 47.08 -7.97
C ILE B 794 -26.33 47.48 -6.77
N LEU B 795 -26.70 46.49 -5.96
CA LEU B 795 -27.53 46.76 -4.79
C LEU B 795 -26.71 47.40 -3.68
N PRO B 796 -27.26 48.37 -2.98
CA PRO B 796 -26.52 49.02 -1.89
C PRO B 796 -26.24 48.05 -0.75
N VAL B 797 -25.13 48.28 -0.06
CA VAL B 797 -24.74 47.46 1.09
C VAL B 797 -25.29 48.13 2.34
N PHE B 798 -26.12 47.39 3.09
CA PHE B 798 -26.77 47.91 4.29
C PHE B 798 -26.05 47.49 5.57
N ASN B 799 -25.74 46.20 5.71
CA ASN B 799 -25.05 45.66 6.88
C ASN B 799 -25.78 46.03 8.17
N ASP B 800 -27.09 45.77 8.20
CA ASP B 800 -27.92 46.09 9.35
C ASP B 800 -28.66 44.87 9.91
N GLY B 801 -28.45 43.69 9.36
CA GLY B 801 -29.08 42.48 9.86
C GLY B 801 -30.59 42.43 9.70
N LYS B 802 -31.09 42.80 8.53
CA LYS B 802 -32.52 42.73 8.23
C LYS B 802 -32.69 42.21 6.81
N THR B 803 -33.94 42.18 6.35
CA THR B 803 -34.29 41.66 5.04
C THR B 803 -34.77 42.80 4.16
N HIS B 804 -34.29 42.85 2.92
CA HIS B 804 -34.65 43.87 1.96
C HIS B 804 -35.26 43.20 0.74
N LYS B 805 -36.46 43.63 0.37
CA LYS B 805 -37.16 43.06 -0.78
C LYS B 805 -36.63 43.70 -2.05
N VAL B 806 -36.00 42.88 -2.91
CA VAL B 806 -35.42 43.36 -4.16
C VAL B 806 -36.27 42.85 -5.31
N GLU B 807 -36.82 43.77 -6.09
CA GLU B 807 -37.69 43.45 -7.20
C GLU B 807 -36.94 43.74 -8.50
N VAL B 808 -36.82 42.73 -9.35
CA VAL B 808 -36.06 42.82 -10.59
C VAL B 808 -36.98 42.47 -11.76
N ILE B 809 -37.05 43.38 -12.74
CA ILE B 809 -37.80 43.16 -13.97
C ILE B 809 -36.83 43.12 -15.13
N LEU B 810 -36.93 42.08 -15.95
CA LEU B 810 -36.08 41.95 -17.12
C LEU B 810 -36.68 42.69 -18.31
P PO4 C . 17.29 -12.77 9.61
O1 PO4 C . 18.06 -12.00 10.65
O2 PO4 C . 18.16 -12.97 8.38
O3 PO4 C . 16.91 -14.12 10.17
O4 PO4 C . 16.05 -12.00 9.22
P PO4 D . -10.91 18.28 -10.10
O1 PO4 D . -10.13 18.86 -11.27
O2 PO4 D . -10.28 16.97 -9.68
O3 PO4 D . -12.34 18.05 -10.52
O4 PO4 D . -10.87 19.25 -8.94
#